data_4NKW
#
_entry.id   4NKW
#
_cell.length_a   86.066
_cell.length_b   152.627
_cell.length_c   173.761
_cell.angle_alpha   90.00
_cell.angle_beta   90.00
_cell.angle_gamma   90.00
#
_symmetry.space_group_name_H-M   'P 21 21 21'
#
loop_
_entity.id
_entity.type
_entity.pdbx_description
1 polymer 'Steroid 17-alpha-hydroxylase/17,20 lyase'
2 non-polymer 'PROTOPORPHYRIN IX CONTAINING FE'
3 non-polymer (3BETA)-3-HYDROXYPREGN-5-EN-20-ONE
4 water water
#
_entity_poly.entity_id   1
_entity_poly.type   'polypeptide(L)'
_entity_poly.pdbx_seq_one_letter_code
;MAKKTGAKYPKSLLSLPLVGSLPFLPRHGHMHNNFFKLQKKYGPIYSVRMGTKTTVIVGHHQLAKEVLIKKGKDFSGRPQ
MATLDILSNNRKGIAFADSGAHWQLHRRLAMATFALFKDGDQKLEKIICQEISTLCDMLATHNGQSIDISFPVFVAVTNV
ISLICFNTSYKNGDPELNVIQNYNEGIIDNLSKDSLVDLVPWLKIFPNKTLEKLKSHVKIRNDLLNKILENYKEKFRSDS
ITNMLDTLMQAKMNSDNGNAGPDQDSELLSDNHILTTIGDIFGAGVETTTSVVKWTLAFLLHNPQVKKKLYEEIDQNVGF
SRTPTISDRNRLLLLEATIREVLRLRPVAPMLIPHKANVDSSIGEFAVDKGTEVIINLWALHHNEKEWHQPDQFMPERFL
NPAGTQLISPSVSYLPFGAGPRSCIGEILARQELFLIMAWLLQRFDLEVPDDGQLPSLEGIPKVVFLIDSFKVKIKVRQA
WREAQAEGSTHHHH
;
_entity_poly.pdbx_strand_id   A,B,C,D
#
loop_
_chem_comp.id
_chem_comp.type
_chem_comp.name
_chem_comp.formula
HEM non-polymer 'PROTOPORPHYRIN IX CONTAINING FE' 'C34 H32 Fe N4 O4'
PLO non-polymer (3BETA)-3-HYDROXYPREGN-5-EN-20-ONE 'C21 H32 O2'
#
# COMPACT_ATOMS: atom_id res chain seq x y z
N LEU A 13 -4.36 37.24 -31.20
CA LEU A 13 -4.62 36.31 -30.10
C LEU A 13 -5.22 35.01 -30.65
N LEU A 14 -4.38 34.01 -30.84
CA LEU A 14 -4.73 32.80 -31.58
C LEU A 14 -4.65 31.53 -30.74
N SER A 15 -5.24 30.48 -31.26
CA SER A 15 -5.14 29.17 -30.66
C SER A 15 -3.74 28.58 -30.87
N LEU A 16 -3.29 27.83 -29.88
CA LEU A 16 -1.98 27.19 -29.94
C LEU A 16 -1.88 26.17 -31.07
N PRO A 17 -0.71 26.07 -31.70
CA PRO A 17 -0.45 24.90 -32.54
C PRO A 17 -0.57 23.62 -31.71
N LEU A 18 -1.21 22.61 -32.28
CA LEU A 18 -1.50 21.38 -31.59
C LEU A 18 -0.76 20.29 -32.33
N VAL A 19 0.21 19.65 -31.67
CA VAL A 19 1.00 18.60 -32.31
C VAL A 19 0.45 17.20 -32.06
N GLY A 20 -0.37 17.07 -31.03
CA GLY A 20 -0.98 15.78 -30.70
C GLY A 20 -2.21 15.98 -29.86
N SER A 21 -3.12 15.01 -29.92
CA SER A 21 -4.34 15.01 -29.11
C SER A 21 -4.81 13.61 -28.77
N LEU A 22 -5.04 13.35 -27.49
CA LEU A 22 -5.64 12.09 -27.07
C LEU A 22 -6.92 12.37 -26.29
N PRO A 23 -7.93 11.49 -26.40
CA PRO A 23 -9.25 11.77 -25.83
C PRO A 23 -9.37 11.47 -24.35
N PHE A 24 -8.45 10.70 -23.80
CA PHE A 24 -8.36 10.55 -22.35
C PHE A 24 -6.91 10.43 -21.87
N LEU A 25 -6.69 10.49 -20.56
CA LEU A 25 -5.35 10.41 -19.98
C LEU A 25 -4.79 8.98 -20.08
N PRO A 26 -3.55 8.82 -20.53
CA PRO A 26 -2.99 7.45 -20.49
C PRO A 26 -2.82 6.97 -19.06
N ARG A 27 -3.00 5.67 -18.84
CA ARG A 27 -2.78 5.04 -17.53
C ARG A 27 -3.77 5.51 -16.47
N HIS A 28 -4.96 5.91 -16.89
CA HIS A 28 -5.95 6.41 -15.95
C HIS A 28 -7.27 5.74 -16.31
N GLY A 29 -7.69 4.81 -15.45
CA GLY A 29 -8.84 3.96 -15.73
C GLY A 29 -8.40 2.73 -16.49
N HIS A 30 -9.29 1.75 -16.60
CA HIS A 30 -9.01 0.60 -17.45
C HIS A 30 -9.34 0.99 -18.88
N MET A 31 -8.42 0.75 -19.79
CA MET A 31 -8.61 1.23 -21.15
C MET A 31 -9.91 0.75 -21.77
N HIS A 32 -10.31 -0.48 -21.49
CA HIS A 32 -11.54 -1.00 -22.05
C HIS A 32 -12.74 -0.20 -21.56
N ASN A 33 -12.65 0.34 -20.34
CA ASN A 33 -13.75 1.13 -19.81
C ASN A 33 -13.70 2.54 -20.38
N ASN A 34 -12.49 3.07 -20.54
CA ASN A 34 -12.31 4.37 -21.17
C ASN A 34 -12.83 4.40 -22.58
N PHE A 35 -12.53 3.37 -23.36
CA PHE A 35 -13.00 3.32 -24.73
C PHE A 35 -14.53 3.28 -24.80
N PHE A 36 -15.14 2.59 -23.86
CA PHE A 36 -16.59 2.39 -23.82
C PHE A 36 -17.28 3.72 -23.51
N LYS A 37 -16.74 4.45 -22.53
CA LYS A 37 -17.25 5.78 -22.20
C LYS A 37 -17.22 6.74 -23.38
N LEU A 38 -16.23 6.60 -24.24
CA LEU A 38 -16.12 7.48 -25.40
C LEU A 38 -17.22 7.29 -26.40
N GLN A 39 -17.92 6.15 -26.32
CA GLN A 39 -19.00 5.84 -27.27
C GLN A 39 -20.16 6.82 -27.13
N LYS A 40 -20.36 7.34 -25.91
CA LYS A 40 -21.35 8.38 -25.65
C LYS A 40 -21.18 9.56 -26.58
N LYS A 41 -19.94 10.01 -26.73
CA LYS A 41 -19.61 11.14 -27.61
C LYS A 41 -19.53 10.75 -29.08
N TYR A 42 -18.85 9.63 -29.36
CA TYR A 42 -18.41 9.37 -30.72
C TYR A 42 -19.12 8.22 -31.43
N GLY A 43 -19.93 7.48 -30.70
CA GLY A 43 -20.62 6.34 -31.28
C GLY A 43 -19.83 5.06 -31.13
N PRO A 44 -20.32 3.99 -31.72
CA PRO A 44 -19.80 2.64 -31.47
C PRO A 44 -18.49 2.31 -32.18
N ILE A 45 -18.01 3.23 -33.00
CA ILE A 45 -16.87 2.95 -33.85
C ILE A 45 -16.11 4.20 -34.23
N TYR A 46 -14.85 4.23 -33.82
CA TYR A 46 -13.99 5.37 -34.08
C TYR A 46 -12.53 4.92 -34.12
N SER A 47 -11.65 5.85 -34.45
CA SER A 47 -10.26 5.50 -34.66
C SER A 47 -9.32 6.46 -33.96
N VAL A 48 -8.11 5.98 -33.77
CA VAL A 48 -7.01 6.75 -33.23
C VAL A 48 -5.80 6.43 -34.09
N ARG A 49 -4.95 7.42 -34.35
CA ARG A 49 -3.70 7.15 -35.08
C ARG A 49 -2.44 7.49 -34.25
N MET A 50 -1.48 6.57 -34.24
CA MET A 50 -0.22 6.75 -33.51
C MET A 50 0.90 6.75 -34.52
N GLY A 51 1.45 7.91 -34.80
CA GLY A 51 2.33 8.06 -35.95
C GLY A 51 1.60 7.70 -37.25
N THR A 52 2.02 6.60 -37.86
CA THR A 52 1.45 6.17 -39.14
C THR A 52 0.39 5.10 -38.92
N LYS A 53 0.45 4.44 -37.78
CA LYS A 53 -0.49 3.36 -37.49
C LYS A 53 -1.84 3.92 -37.09
N THR A 54 -2.89 3.28 -37.57
CA THR A 54 -4.26 3.65 -37.26
C THR A 54 -4.94 2.44 -36.65
N THR A 55 -5.65 2.68 -35.55
CA THR A 55 -6.36 1.63 -34.84
C THR A 55 -7.83 2.03 -34.80
N VAL A 56 -8.71 1.05 -34.95
CA VAL A 56 -10.14 1.26 -34.97
C VAL A 56 -10.74 0.48 -33.83
N ILE A 57 -11.60 1.12 -33.06
CA ILE A 57 -12.23 0.50 -31.87
C ILE A 57 -13.71 0.29 -32.15
N VAL A 58 -14.17 -0.96 -32.01
CA VAL A 58 -15.55 -1.33 -32.29
C VAL A 58 -16.23 -1.72 -30.98
N GLY A 59 -17.45 -1.24 -30.78
CA GLY A 59 -18.08 -1.34 -29.48
C GLY A 59 -19.55 -1.68 -29.52
N HIS A 60 -20.07 -2.04 -30.69
CA HIS A 60 -21.44 -2.51 -30.80
C HIS A 60 -21.49 -3.92 -31.39
N HIS A 61 -22.40 -4.76 -30.90
CA HIS A 61 -22.36 -6.17 -31.23
C HIS A 61 -22.55 -6.45 -32.71
N GLN A 62 -23.33 -5.62 -33.38
CA GLN A 62 -23.57 -5.84 -34.79
C GLN A 62 -22.28 -5.62 -35.55
N LEU A 63 -21.61 -4.49 -35.29
CA LEU A 63 -20.37 -4.20 -35.99
C LEU A 63 -19.29 -5.20 -35.63
N ALA A 64 -19.33 -5.69 -34.38
CA ALA A 64 -18.37 -6.69 -33.95
C ALA A 64 -18.58 -7.99 -34.73
N LYS A 65 -19.83 -8.42 -34.88
CA LYS A 65 -20.13 -9.63 -35.64
C LYS A 65 -19.83 -9.48 -37.14
N GLU A 66 -19.74 -8.26 -37.63
CA GLU A 66 -19.29 -8.05 -39.00
C GLU A 66 -17.80 -8.31 -39.12
N VAL A 67 -17.02 -7.79 -38.17
CA VAL A 67 -15.58 -7.97 -38.16
C VAL A 67 -15.19 -9.43 -37.87
N LEU A 68 -15.87 -10.06 -36.91
CA LEU A 68 -15.49 -11.41 -36.51
C LEU A 68 -16.09 -12.51 -37.41
N ILE A 69 -17.32 -12.32 -37.90
CA ILE A 69 -18.04 -13.36 -38.65
C ILE A 69 -18.23 -13.02 -40.14
N LYS A 70 -19.23 -12.20 -40.47
CA LYS A 70 -19.49 -11.82 -41.87
C LYS A 70 -18.24 -11.51 -42.70
N LYS A 71 -17.25 -10.86 -42.09
CA LYS A 71 -16.02 -10.56 -42.81
C LYS A 71 -14.79 -11.07 -42.07
N GLY A 72 -14.99 -12.16 -41.32
CA GLY A 72 -13.91 -12.80 -40.62
C GLY A 72 -12.59 -12.80 -41.37
N LYS A 73 -12.59 -13.34 -42.58
CA LYS A 73 -11.33 -13.57 -43.28
C LYS A 73 -10.65 -12.25 -43.61
N ASP A 74 -11.44 -11.21 -43.88
CA ASP A 74 -10.90 -9.87 -44.11
C ASP A 74 -10.10 -9.35 -42.90
N PHE A 75 -10.55 -9.73 -41.70
CA PHE A 75 -10.04 -9.15 -40.47
C PHE A 75 -9.37 -10.16 -39.52
N SER A 76 -8.73 -11.19 -40.07
CA SER A 76 -8.21 -12.28 -39.25
C SER A 76 -6.72 -12.16 -38.97
N GLY A 77 -6.08 -11.15 -39.53
CA GLY A 77 -4.68 -10.88 -39.23
C GLY A 77 -4.44 -10.48 -37.78
N ARG A 78 -3.18 -10.49 -37.38
CA ARG A 78 -2.76 -9.98 -36.07
C ARG A 78 -1.75 -8.92 -36.36
N PRO A 79 -1.81 -7.80 -35.63
CA PRO A 79 -0.77 -6.78 -35.75
C PRO A 79 0.54 -7.26 -35.13
N GLN A 80 1.64 -6.69 -35.58
CA GLN A 80 2.95 -6.96 -35.02
C GLN A 80 3.20 -6.06 -33.80
N MET A 81 3.58 -6.67 -32.68
CA MET A 81 3.98 -5.95 -31.46
C MET A 81 5.33 -6.45 -30.99
N ALA A 82 6.18 -5.55 -30.50
CA ALA A 82 7.51 -5.94 -30.04
C ALA A 82 7.48 -7.11 -29.04
N THR A 83 6.58 -7.05 -28.07
CA THR A 83 6.50 -8.07 -27.03
C THR A 83 5.91 -9.39 -27.50
N LEU A 84 4.93 -9.32 -28.38
CA LEU A 84 4.34 -10.55 -28.89
C LEU A 84 5.34 -11.25 -29.81
N ASP A 85 6.20 -10.49 -30.48
CA ASP A 85 7.24 -11.09 -31.30
C ASP A 85 8.17 -11.97 -30.46
N ILE A 86 8.49 -11.52 -29.25
CA ILE A 86 9.34 -12.28 -28.36
C ILE A 86 8.67 -13.57 -27.91
N LEU A 87 7.43 -13.49 -27.44
CA LEU A 87 6.74 -14.64 -26.85
C LEU A 87 6.42 -15.72 -27.90
N SER A 88 6.16 -15.28 -29.12
CA SER A 88 5.68 -16.14 -30.17
C SER A 88 6.80 -16.54 -31.13
N ASN A 89 8.02 -16.13 -30.80
CA ASN A 89 9.18 -16.35 -31.66
C ASN A 89 8.89 -15.85 -33.08
N ASN A 90 8.75 -14.53 -33.22
CA ASN A 90 8.47 -13.89 -34.50
C ASN A 90 7.25 -14.42 -35.26
N ARG A 91 6.17 -14.58 -34.51
CA ARG A 91 4.83 -14.77 -35.05
C ARG A 91 4.56 -16.21 -35.47
N LYS A 92 5.04 -17.14 -34.66
CA LYS A 92 4.65 -18.54 -34.83
C LYS A 92 3.46 -18.80 -33.92
N GLY A 93 3.07 -20.07 -33.81
CA GLY A 93 1.98 -20.47 -32.94
C GLY A 93 0.63 -20.20 -33.57
N ILE A 94 -0.39 -20.11 -32.74
CA ILE A 94 -1.75 -19.92 -33.18
C ILE A 94 -2.20 -18.48 -32.90
N ALA A 95 -2.14 -18.05 -31.64
CA ALA A 95 -2.79 -16.80 -31.19
C ALA A 95 -2.18 -15.49 -31.72
N PHE A 96 -0.86 -15.40 -31.79
CA PHE A 96 -0.21 -14.16 -32.22
C PHE A 96 0.40 -14.29 -33.60
N ALA A 97 0.03 -15.37 -34.28
CA ALA A 97 0.44 -15.58 -35.66
C ALA A 97 -0.43 -14.74 -36.59
N ASP A 98 0.18 -14.12 -37.60
CA ASP A 98 -0.61 -13.49 -38.64
C ASP A 98 -1.40 -14.59 -39.35
N SER A 99 -2.50 -14.23 -39.99
CA SER A 99 -3.25 -15.22 -40.76
C SER A 99 -2.34 -15.61 -41.90
N GLY A 100 -2.43 -16.87 -42.31
CA GLY A 100 -1.45 -17.43 -43.21
C GLY A 100 -1.35 -18.94 -43.04
N ALA A 101 -0.48 -19.57 -43.81
CA ALA A 101 -0.44 -21.02 -43.86
C ALA A 101 -0.05 -21.62 -42.52
N HIS A 102 1.03 -21.13 -41.92
CA HIS A 102 1.46 -21.59 -40.60
C HIS A 102 0.32 -21.52 -39.59
N TRP A 103 -0.30 -20.35 -39.46
CA TRP A 103 -1.44 -20.18 -38.56
C TRP A 103 -2.54 -21.22 -38.84
N GLN A 104 -2.96 -21.32 -40.08
CA GLN A 104 -4.09 -22.19 -40.43
C GLN A 104 -3.78 -23.67 -40.17
N LEU A 105 -2.54 -24.06 -40.42
CA LEU A 105 -2.14 -25.45 -40.21
C LEU A 105 -2.17 -25.86 -38.73
N HIS A 106 -1.43 -25.15 -37.90
CA HIS A 106 -1.37 -25.50 -36.47
C HIS A 106 -2.71 -25.39 -35.79
N ARG A 107 -3.50 -24.42 -36.26
CA ARG A 107 -4.84 -24.21 -35.74
C ARG A 107 -5.70 -25.45 -35.95
N ARG A 108 -5.68 -25.99 -37.17
CA ARG A 108 -6.53 -27.14 -37.46
C ARG A 108 -6.00 -28.38 -36.74
N LEU A 109 -4.68 -28.50 -36.69
CA LEU A 109 -4.05 -29.64 -36.01
C LEU A 109 -4.45 -29.66 -34.54
N ALA A 110 -4.41 -28.47 -33.91
CA ALA A 110 -4.73 -28.34 -32.51
C ALA A 110 -6.17 -28.73 -32.23
N MET A 111 -7.05 -28.38 -33.17
CA MET A 111 -8.48 -28.69 -33.09
C MET A 111 -8.78 -30.15 -33.37
N ALA A 112 -8.05 -30.74 -34.31
CA ALA A 112 -8.17 -32.18 -34.58
C ALA A 112 -7.69 -32.98 -33.37
N THR A 113 -6.69 -32.46 -32.66
CA THR A 113 -6.18 -33.13 -31.47
C THR A 113 -7.27 -33.38 -30.44
N PHE A 114 -8.27 -32.51 -30.39
CA PHE A 114 -9.32 -32.66 -29.38
C PHE A 114 -10.22 -33.86 -29.66
N ALA A 115 -10.15 -34.39 -30.88
CA ALA A 115 -10.95 -35.54 -31.28
C ALA A 115 -10.46 -36.81 -30.60
N LEU A 116 -9.17 -36.86 -30.30
CA LEU A 116 -8.58 -38.02 -29.62
C LEU A 116 -8.97 -38.10 -28.13
N PHE A 117 -9.89 -37.24 -27.69
CA PHE A 117 -10.37 -37.23 -26.30
C PHE A 117 -11.89 -37.20 -26.27
N LYS A 118 -12.49 -37.33 -27.45
CA LYS A 118 -13.94 -37.35 -27.62
C LYS A 118 -14.60 -38.42 -26.74
N ASP A 119 -13.94 -39.57 -26.64
CA ASP A 119 -14.38 -40.65 -25.76
C ASP A 119 -13.24 -41.67 -25.59
N GLY A 120 -13.60 -42.90 -25.24
CA GLY A 120 -12.62 -43.97 -25.13
C GLY A 120 -11.93 -44.00 -23.77
N ASP A 121 -10.74 -44.60 -23.73
CA ASP A 121 -9.98 -44.71 -22.48
C ASP A 121 -9.25 -43.40 -22.17
N GLN A 122 -9.45 -42.40 -23.01
CA GLN A 122 -8.80 -41.10 -22.86
C GLN A 122 -9.87 -40.01 -22.89
N LYS A 123 -10.96 -40.24 -22.18
CA LYS A 123 -12.08 -39.31 -22.19
C LYS A 123 -11.71 -38.03 -21.47
N LEU A 124 -12.17 -36.90 -22.01
CA LEU A 124 -11.83 -35.61 -21.46
C LEU A 124 -12.45 -35.44 -20.08
N GLU A 125 -13.68 -35.91 -19.92
CA GLU A 125 -14.34 -35.81 -18.62
C GLU A 125 -13.56 -36.57 -17.55
N LYS A 126 -12.89 -37.64 -17.95
CA LYS A 126 -12.16 -38.47 -16.99
C LYS A 126 -10.79 -37.86 -16.63
N ILE A 127 -10.07 -37.37 -17.63
CA ILE A 127 -8.83 -36.66 -17.38
C ILE A 127 -9.07 -35.49 -16.40
N ILE A 128 -10.10 -34.71 -16.68
CA ILE A 128 -10.37 -33.55 -15.87
C ILE A 128 -10.75 -34.02 -14.49
N CYS A 129 -11.62 -35.00 -14.40
CA CYS A 129 -12.11 -35.41 -13.09
C CYS A 129 -11.00 -36.04 -12.26
N GLN A 130 -9.97 -36.56 -12.92
CA GLN A 130 -8.83 -37.15 -12.23
C GLN A 130 -8.03 -36.09 -11.47
N GLU A 131 -7.77 -34.99 -12.16
CA GLU A 131 -7.04 -33.88 -11.59
C GLU A 131 -7.85 -33.16 -10.52
N ILE A 132 -9.15 -33.00 -10.75
CA ILE A 132 -10.03 -32.35 -9.79
C ILE A 132 -10.11 -33.13 -8.48
N SER A 133 -9.96 -34.45 -8.53
CA SER A 133 -10.05 -35.23 -7.30
C SER A 133 -8.74 -35.06 -6.50
N THR A 134 -7.64 -34.95 -7.22
CA THR A 134 -6.38 -34.65 -6.58
C THR A 134 -6.46 -33.24 -5.95
N LEU A 135 -6.95 -32.27 -6.71
CA LEU A 135 -7.12 -30.92 -6.20
C LEU A 135 -7.98 -30.93 -4.94
N CYS A 136 -9.08 -31.68 -4.98
CA CYS A 136 -9.99 -31.71 -3.85
C CYS A 136 -9.31 -32.29 -2.61
N ASP A 137 -8.58 -33.38 -2.80
CA ASP A 137 -7.87 -33.99 -1.68
C ASP A 137 -6.85 -33.00 -1.08
N MET A 138 -6.04 -32.37 -1.92
CA MET A 138 -5.07 -31.37 -1.45
C MET A 138 -5.77 -30.34 -0.58
N LEU A 139 -6.82 -29.71 -1.11
CA LEU A 139 -7.50 -28.63 -0.42
C LEU A 139 -8.13 -29.06 0.89
N ALA A 140 -8.40 -30.35 1.04
CA ALA A 140 -9.05 -30.88 2.23
C ALA A 140 -8.08 -30.87 3.40
N THR A 141 -6.79 -31.03 3.13
CA THR A 141 -5.80 -30.93 4.18
C THR A 141 -5.81 -29.54 4.84
N HIS A 142 -6.25 -28.50 4.12
CA HIS A 142 -6.34 -27.13 4.66
C HIS A 142 -7.64 -26.87 5.37
N ASN A 143 -8.39 -27.94 5.61
CA ASN A 143 -9.66 -27.85 6.33
C ASN A 143 -9.59 -26.90 7.52
N GLY A 144 -10.44 -25.88 7.50
CA GLY A 144 -10.53 -24.93 8.59
C GLY A 144 -9.62 -23.72 8.44
N GLN A 145 -8.82 -23.70 7.38
CA GLN A 145 -7.86 -22.63 7.18
C GLN A 145 -8.27 -21.71 6.06
N SER A 146 -7.69 -20.52 6.05
CA SER A 146 -7.82 -19.60 4.93
C SER A 146 -6.62 -19.70 4.01
N ILE A 147 -6.88 -19.91 2.72
CA ILE A 147 -5.80 -20.05 1.75
C ILE A 147 -6.07 -19.30 0.43
N ASP A 148 -5.02 -19.11 -0.35
CA ASP A 148 -5.13 -18.66 -1.73
C ASP A 148 -5.03 -19.95 -2.55
N ILE A 149 -6.06 -20.18 -3.34
CA ILE A 149 -6.20 -21.40 -4.11
C ILE A 149 -5.66 -21.27 -5.54
N SER A 150 -5.01 -20.15 -5.82
CA SER A 150 -4.38 -19.96 -7.13
C SER A 150 -3.51 -21.15 -7.56
N PHE A 151 -2.54 -21.53 -6.73
CA PHE A 151 -1.53 -22.52 -7.14
C PHE A 151 -2.06 -23.94 -7.30
N PRO A 152 -2.85 -24.45 -6.33
CA PRO A 152 -3.49 -25.76 -6.51
C PRO A 152 -4.29 -25.87 -7.81
N VAL A 153 -5.14 -24.88 -8.07
CA VAL A 153 -5.91 -24.84 -9.31
C VAL A 153 -4.98 -24.81 -10.51
N PHE A 154 -3.96 -23.96 -10.46
CA PHE A 154 -3.01 -23.87 -11.55
C PHE A 154 -2.36 -25.23 -11.83
N VAL A 155 -1.93 -25.93 -10.77
CA VAL A 155 -1.36 -27.26 -10.92
C VAL A 155 -2.37 -28.25 -11.54
N ALA A 156 -3.63 -28.22 -11.12
CA ALA A 156 -4.65 -29.10 -11.68
C ALA A 156 -4.87 -28.88 -13.18
N VAL A 157 -5.04 -27.63 -13.60
CA VAL A 157 -5.22 -27.32 -15.03
C VAL A 157 -3.95 -27.57 -15.84
N THR A 158 -2.79 -27.35 -15.22
CA THR A 158 -1.53 -27.62 -15.90
C THR A 158 -1.43 -29.12 -16.24
N ASN A 159 -1.80 -29.97 -15.30
CA ASN A 159 -1.82 -31.39 -15.56
C ASN A 159 -2.74 -31.76 -16.73
N VAL A 160 -4.00 -31.34 -16.64
CA VAL A 160 -4.98 -31.57 -17.70
C VAL A 160 -4.41 -31.23 -19.09
N ILE A 161 -3.84 -30.04 -19.25
CA ILE A 161 -3.23 -29.67 -20.53
C ILE A 161 -2.04 -30.56 -20.88
N SER A 162 -1.26 -30.92 -19.84
CA SER A 162 -0.07 -31.76 -20.03
C SER A 162 -0.46 -33.16 -20.56
N LEU A 163 -1.51 -33.74 -20.00
CA LEU A 163 -2.07 -34.97 -20.49
C LEU A 163 -2.57 -34.85 -21.95
N ILE A 164 -3.19 -33.73 -22.32
CA ILE A 164 -3.64 -33.53 -23.71
C ILE A 164 -2.47 -33.40 -24.67
N CYS A 165 -1.37 -32.77 -24.22
CA CYS A 165 -0.22 -32.52 -25.10
C CYS A 165 0.83 -33.64 -25.12
N PHE A 166 1.01 -34.33 -24.01
CA PHE A 166 2.13 -35.27 -23.83
C PHE A 166 1.73 -36.58 -23.17
N ASN A 167 0.46 -36.70 -22.79
CA ASN A 167 -0.01 -37.81 -21.97
C ASN A 167 0.73 -37.94 -20.64
N THR A 168 1.41 -36.87 -20.21
CA THR A 168 2.17 -36.86 -18.96
C THR A 168 1.59 -35.86 -17.98
N SER A 169 1.94 -36.00 -16.70
CA SER A 169 1.50 -35.04 -15.70
C SER A 169 2.52 -34.95 -14.55
N TYR A 170 2.38 -33.94 -13.71
CA TYR A 170 3.32 -33.72 -12.63
C TYR A 170 2.84 -34.34 -11.33
N LYS A 171 3.77 -34.85 -10.54
CA LYS A 171 3.48 -35.25 -9.17
C LYS A 171 3.47 -33.99 -8.31
N ASN A 172 2.72 -34.03 -7.20
CA ASN A 172 2.73 -32.92 -6.26
C ASN A 172 4.15 -32.76 -5.72
N GLY A 173 4.63 -31.51 -5.72
CA GLY A 173 5.96 -31.19 -5.26
C GLY A 173 6.98 -31.04 -6.37
N ASP A 174 6.64 -31.40 -7.60
CA ASP A 174 7.63 -31.23 -8.66
C ASP A 174 7.90 -29.75 -8.72
N PRO A 175 9.15 -29.33 -8.48
CA PRO A 175 9.40 -27.90 -8.43
C PRO A 175 9.30 -27.26 -9.79
N GLU A 176 9.15 -28.07 -10.83
CA GLU A 176 9.03 -27.49 -12.17
C GLU A 176 7.77 -26.64 -12.22
N LEU A 177 6.73 -27.05 -11.51
CA LEU A 177 5.49 -26.31 -11.44
C LEU A 177 5.68 -24.88 -10.92
N ASN A 178 6.61 -24.71 -9.98
CA ASN A 178 6.91 -23.39 -9.44
C ASN A 178 7.69 -22.60 -10.48
N VAL A 179 8.48 -23.29 -11.27
CA VAL A 179 9.23 -22.65 -12.32
C VAL A 179 8.29 -22.07 -13.33
N ILE A 180 7.27 -22.85 -13.69
CA ILE A 180 6.32 -22.49 -14.74
C ILE A 180 5.48 -21.31 -14.26
N GLN A 181 5.01 -21.40 -13.02
CA GLN A 181 4.20 -20.36 -12.41
C GLN A 181 4.98 -19.06 -12.38
N ASN A 182 6.25 -19.17 -12.09
CA ASN A 182 7.12 -18.02 -12.05
C ASN A 182 7.28 -17.36 -13.44
N TYR A 183 7.54 -18.12 -14.51
CA TYR A 183 7.70 -17.44 -15.80
C TYR A 183 6.36 -17.03 -16.43
N ASN A 184 5.29 -17.73 -16.10
CA ASN A 184 3.98 -17.29 -16.53
C ASN A 184 3.68 -15.92 -15.96
N GLU A 185 3.87 -15.77 -14.65
CA GLU A 185 3.64 -14.50 -13.97
C GLU A 185 4.50 -13.40 -14.60
N GLY A 186 5.75 -13.73 -14.90
CA GLY A 186 6.66 -12.77 -15.48
C GLY A 186 6.38 -12.39 -16.91
N ILE A 187 5.87 -13.35 -17.68
CA ILE A 187 5.45 -13.10 -19.04
C ILE A 187 4.21 -12.18 -19.08
N ILE A 188 3.21 -12.51 -18.28
CA ILE A 188 1.96 -11.78 -18.25
C ILE A 188 2.21 -10.33 -17.83
N ASP A 189 3.08 -10.17 -16.84
CA ASP A 189 3.42 -8.86 -16.31
C ASP A 189 4.16 -7.93 -17.29
N ASN A 190 5.03 -8.48 -18.12
CA ASN A 190 5.83 -7.68 -19.01
C ASN A 190 5.29 -7.60 -20.43
N LEU A 191 4.31 -8.46 -20.73
CA LEU A 191 3.76 -8.54 -22.08
C LEU A 191 3.07 -7.24 -22.41
N SER A 192 2.49 -6.64 -21.38
CA SER A 192 1.92 -5.31 -21.48
C SER A 192 1.84 -4.76 -20.07
N LYS A 193 1.82 -3.44 -19.95
CA LYS A 193 1.52 -2.82 -18.67
C LYS A 193 0.00 -2.72 -18.57
N ASP A 194 -0.57 -1.98 -19.52
CA ASP A 194 -2.01 -1.77 -19.60
C ASP A 194 -2.69 -3.06 -20.09
N SER A 195 -3.70 -2.93 -20.92
CA SER A 195 -4.22 -4.06 -21.67
C SER A 195 -3.21 -4.35 -22.78
N LEU A 196 -3.44 -5.42 -23.53
CA LEU A 196 -2.62 -5.72 -24.69
C LEU A 196 -2.69 -4.54 -25.66
N VAL A 197 -3.85 -3.93 -25.72
CA VAL A 197 -4.03 -2.68 -26.43
C VAL A 197 -3.37 -1.57 -25.64
N ASP A 198 -2.16 -1.18 -26.03
CA ASP A 198 -1.52 -0.02 -25.42
C ASP A 198 -1.74 1.20 -26.30
N LEU A 199 -2.13 2.30 -25.65
CA LEU A 199 -2.45 3.53 -26.35
C LEU A 199 -1.18 4.13 -26.95
N VAL A 200 -0.26 4.54 -26.08
CA VAL A 200 1.01 5.11 -26.52
C VAL A 200 2.08 4.02 -26.44
N PRO A 201 2.98 3.95 -27.46
CA PRO A 201 4.08 2.96 -27.40
C PRO A 201 5.27 3.39 -26.52
N TRP A 202 5.02 3.53 -25.21
CA TRP A 202 6.02 3.98 -24.24
C TRP A 202 7.29 3.12 -24.26
N LEU A 203 7.12 1.86 -24.64
CA LEU A 203 8.19 0.90 -24.73
C LEU A 203 9.29 1.36 -25.71
N LYS A 204 8.88 1.99 -26.81
CA LYS A 204 9.82 2.43 -27.84
C LYS A 204 10.22 3.90 -27.66
N ILE A 205 9.82 4.50 -26.55
CA ILE A 205 10.02 5.92 -26.29
C ILE A 205 11.10 6.18 -25.24
N PHE A 206 10.90 5.63 -24.04
CA PHE A 206 11.81 5.84 -22.92
C PHE A 206 12.72 4.64 -22.72
N PRO A 207 13.87 4.86 -22.05
CA PRO A 207 14.75 3.73 -21.71
C PRO A 207 14.07 2.78 -20.73
N ASN A 208 14.11 1.48 -21.02
CA ASN A 208 13.46 0.50 -20.17
C ASN A 208 14.01 -0.91 -20.41
N LYS A 209 13.73 -1.80 -19.47
CA LYS A 209 14.23 -3.18 -19.51
C LYS A 209 13.14 -4.20 -19.82
N THR A 210 11.94 -3.73 -20.17
CA THR A 210 10.80 -4.62 -20.33
C THR A 210 11.07 -5.79 -21.29
N LEU A 211 11.71 -5.51 -22.42
CA LEU A 211 11.95 -6.55 -23.42
C LEU A 211 12.99 -7.56 -22.98
N GLU A 212 14.04 -7.06 -22.31
CA GLU A 212 15.06 -7.92 -21.75
C GLU A 212 14.48 -8.80 -20.66
N LYS A 213 13.57 -8.26 -19.86
CA LYS A 213 12.92 -9.03 -18.79
C LYS A 213 11.99 -10.09 -19.40
N LEU A 214 11.26 -9.69 -20.44
CA LEU A 214 10.36 -10.61 -21.09
C LEU A 214 11.17 -11.69 -21.80
N LYS A 215 12.25 -11.29 -22.47
CA LYS A 215 13.16 -12.27 -23.09
C LYS A 215 13.60 -13.31 -22.10
N SER A 216 13.96 -12.86 -20.90
CA SER A 216 14.52 -13.75 -19.87
C SER A 216 13.52 -14.78 -19.42
N HIS A 217 12.27 -14.36 -19.26
CA HIS A 217 11.22 -15.28 -18.90
C HIS A 217 10.93 -16.23 -20.07
N VAL A 218 10.85 -15.68 -21.28
CA VAL A 218 10.61 -16.47 -22.48
C VAL A 218 11.75 -17.47 -22.73
N LYS A 219 12.98 -17.08 -22.39
CA LYS A 219 14.12 -17.98 -22.48
C LYS A 219 13.96 -19.21 -21.60
N ILE A 220 13.54 -18.99 -20.37
CA ILE A 220 13.43 -20.08 -19.42
C ILE A 220 12.32 -21.00 -19.87
N ARG A 221 11.27 -20.39 -20.39
CA ARG A 221 10.09 -21.13 -20.83
C ARG A 221 10.38 -21.99 -22.05
N ASN A 222 11.08 -21.41 -23.01
CA ASN A 222 11.51 -22.09 -24.22
C ASN A 222 12.48 -23.24 -23.97
N ASP A 223 13.48 -23.00 -23.13
CA ASP A 223 14.42 -24.04 -22.78
C ASP A 223 13.71 -25.22 -22.12
N LEU A 224 12.66 -24.95 -21.34
CA LEU A 224 11.87 -26.04 -20.78
C LEU A 224 11.10 -26.78 -21.89
N LEU A 225 10.61 -26.04 -22.88
CA LEU A 225 9.87 -26.66 -23.99
C LEU A 225 10.79 -27.47 -24.87
N ASN A 226 11.96 -26.90 -25.20
CA ASN A 226 13.01 -27.66 -25.86
C ASN A 226 13.31 -28.99 -25.13
N LYS A 227 13.53 -28.96 -23.82
CA LYS A 227 13.82 -30.19 -23.08
C LYS A 227 12.74 -31.24 -23.28
N ILE A 228 11.48 -30.86 -23.07
CA ILE A 228 10.37 -31.81 -23.22
C ILE A 228 10.34 -32.36 -24.64
N LEU A 229 10.68 -31.52 -25.62
CA LEU A 229 10.60 -31.92 -27.03
C LEU A 229 11.64 -32.99 -27.39
N GLU A 230 12.88 -32.81 -26.94
CA GLU A 230 13.94 -33.76 -27.23
C GLU A 230 13.69 -35.12 -26.56
N ASN A 231 13.11 -35.11 -25.38
CA ASN A 231 12.67 -36.35 -24.75
C ASN A 231 11.54 -37.02 -25.53
N TYR A 232 10.63 -36.23 -26.08
CA TYR A 232 9.48 -36.82 -26.75
C TYR A 232 9.83 -37.35 -28.15
N LYS A 233 10.85 -36.77 -28.78
CA LYS A 233 11.26 -37.22 -30.10
C LYS A 233 11.66 -38.69 -30.08
N GLU A 234 12.07 -39.17 -28.90
CA GLU A 234 12.51 -40.54 -28.73
C GLU A 234 11.36 -41.47 -28.28
N LYS A 235 10.34 -40.89 -27.66
CA LYS A 235 9.17 -41.66 -27.23
C LYS A 235 8.12 -41.78 -28.33
N PHE A 236 8.29 -41.02 -29.41
CA PHE A 236 7.27 -40.92 -30.46
C PHE A 236 7.23 -42.10 -31.42
N ARG A 237 6.03 -42.57 -31.72
CA ARG A 237 5.84 -43.61 -32.72
C ARG A 237 4.54 -43.45 -33.52
N SER A 238 4.68 -43.63 -34.83
CA SER A 238 3.63 -43.38 -35.81
C SER A 238 2.33 -44.14 -35.57
N ASP A 239 2.43 -45.26 -34.88
CA ASP A 239 1.28 -46.11 -34.62
C ASP A 239 0.55 -45.75 -33.33
N SER A 240 1.02 -44.69 -32.67
CA SER A 240 0.37 -44.23 -31.44
C SER A 240 0.22 -42.71 -31.45
N ILE A 241 -0.93 -42.26 -31.94
CA ILE A 241 -1.29 -40.85 -31.98
C ILE A 241 -2.37 -40.60 -30.93
N THR A 242 -1.94 -40.08 -29.78
CA THR A 242 -2.78 -40.06 -28.60
C THR A 242 -2.85 -38.68 -27.97
N ASN A 243 -2.01 -37.77 -28.44
CA ASN A 243 -1.87 -36.45 -27.86
C ASN A 243 -1.44 -35.43 -28.92
N MET A 244 -1.37 -34.17 -28.52
CA MET A 244 -1.17 -33.07 -29.45
C MET A 244 0.20 -33.10 -30.13
N LEU A 245 1.21 -33.47 -29.38
CA LEU A 245 2.56 -33.43 -29.95
C LEU A 245 2.68 -34.54 -30.99
N ASP A 246 1.93 -35.64 -30.81
CA ASP A 246 1.90 -36.72 -31.82
C ASP A 246 1.37 -36.17 -33.13
N THR A 247 0.22 -35.51 -33.01
CA THR A 247 -0.45 -34.89 -34.12
C THR A 247 0.49 -33.96 -34.87
N LEU A 248 1.23 -33.15 -34.13
CA LEU A 248 2.14 -32.23 -34.79
C LEU A 248 3.25 -32.99 -35.49
N MET A 249 3.73 -34.05 -34.85
CA MET A 249 4.85 -34.83 -35.37
C MET A 249 4.44 -35.80 -36.48
N GLN A 250 3.28 -36.43 -36.32
CA GLN A 250 2.69 -37.24 -37.39
C GLN A 250 2.51 -36.39 -38.64
N ALA A 251 2.10 -35.14 -38.44
CA ALA A 251 1.84 -34.25 -39.55
C ALA A 251 3.14 -33.78 -40.18
N LYS A 252 4.20 -33.72 -39.38
CA LYS A 252 5.50 -33.28 -39.89
C LYS A 252 6.13 -34.32 -40.81
N MET A 253 5.96 -35.59 -40.47
CA MET A 253 6.58 -36.69 -41.22
C MET A 253 5.86 -36.93 -42.55
N ASN A 254 4.53 -36.89 -42.53
CA ASN A 254 3.74 -36.99 -43.75
C ASN A 254 4.13 -35.89 -44.75
N SER A 255 4.64 -34.78 -44.22
CA SER A 255 5.08 -33.67 -45.05
C SER A 255 6.55 -33.86 -45.43
N ASP A 265 5.94 -29.06 -47.70
CA ASP A 265 5.46 -27.96 -46.86
C ASP A 265 5.86 -28.17 -45.40
N SER A 266 7.06 -28.71 -45.18
CA SER A 266 7.53 -29.06 -43.84
C SER A 266 8.19 -27.88 -43.13
N GLU A 267 8.25 -26.72 -43.79
CA GLU A 267 8.83 -25.52 -43.21
C GLU A 267 7.88 -24.89 -42.18
N LEU A 268 6.63 -25.34 -42.20
CA LEU A 268 5.61 -24.85 -41.29
C LEU A 268 5.57 -25.67 -40.01
N LEU A 269 6.38 -26.73 -39.96
CA LEU A 269 6.34 -27.65 -38.83
C LEU A 269 7.73 -27.89 -38.26
N SER A 270 8.59 -26.90 -38.43
CA SER A 270 9.89 -26.89 -37.79
C SER A 270 9.74 -27.03 -36.26
N ASP A 271 10.88 -27.17 -35.58
CA ASP A 271 10.87 -27.29 -34.12
C ASP A 271 10.26 -26.06 -33.44
N ASN A 272 10.66 -24.87 -33.86
CA ASN A 272 10.16 -23.64 -33.27
C ASN A 272 8.65 -23.50 -33.39
N HIS A 273 8.13 -23.75 -34.59
CA HIS A 273 6.69 -23.75 -34.84
C HIS A 273 5.92 -24.66 -33.89
N ILE A 274 6.44 -25.87 -33.66
CA ILE A 274 5.76 -26.84 -32.82
C ILE A 274 5.81 -26.39 -31.37
N LEU A 275 6.97 -25.87 -30.96
CA LEU A 275 7.13 -25.39 -29.59
C LEU A 275 6.21 -24.19 -29.35
N THR A 276 6.31 -23.18 -30.20
CA THR A 276 5.48 -22.00 -30.06
C THR A 276 4.00 -22.38 -29.97
N THR A 277 3.62 -23.40 -30.70
CA THR A 277 2.24 -23.82 -30.73
C THR A 277 1.88 -24.43 -29.38
N ILE A 278 2.74 -25.33 -28.87
CA ILE A 278 2.52 -25.96 -27.56
C ILE A 278 2.50 -24.88 -26.47
N GLY A 279 3.42 -23.92 -26.58
CA GLY A 279 3.47 -22.76 -25.71
C GLY A 279 2.14 -22.03 -25.59
N ASP A 280 1.49 -21.73 -26.73
CA ASP A 280 0.22 -21.02 -26.72
C ASP A 280 -0.85 -21.86 -26.06
N ILE A 281 -0.79 -23.16 -26.30
CA ILE A 281 -1.82 -24.07 -25.82
C ILE A 281 -1.73 -24.18 -24.32
N PHE A 282 -0.49 -24.37 -23.82
CA PHE A 282 -0.23 -24.38 -22.39
C PHE A 282 -0.57 -23.04 -21.75
N GLY A 283 -0.19 -21.96 -22.44
CA GLY A 283 -0.49 -20.62 -21.98
C GLY A 283 -1.98 -20.43 -21.78
N ALA A 284 -2.75 -20.56 -22.85
CA ALA A 284 -4.17 -20.26 -22.78
C ALA A 284 -4.91 -21.27 -21.92
N GLY A 285 -4.43 -22.51 -21.92
CA GLY A 285 -5.11 -23.56 -21.20
C GLY A 285 -5.09 -23.28 -19.72
N VAL A 286 -3.94 -22.84 -19.25
CA VAL A 286 -3.67 -22.71 -17.83
C VAL A 286 -4.13 -21.37 -17.27
N GLU A 287 -3.63 -20.27 -17.84
CA GLU A 287 -3.91 -18.94 -17.31
C GLU A 287 -5.38 -18.47 -17.36
N THR A 288 -6.04 -18.62 -18.50
CA THR A 288 -7.46 -18.26 -18.60
C THR A 288 -8.33 -19.02 -17.60
N THR A 289 -8.21 -20.35 -17.60
CA THR A 289 -9.10 -21.19 -16.80
C THR A 289 -8.87 -20.96 -15.31
N THR A 290 -7.61 -20.83 -14.90
CA THR A 290 -7.27 -20.51 -13.51
C THR A 290 -7.91 -19.18 -13.14
N SER A 291 -7.76 -18.19 -14.01
CA SER A 291 -8.31 -16.87 -13.78
C SER A 291 -9.83 -16.88 -13.61
N VAL A 292 -10.55 -17.62 -14.47
CA VAL A 292 -12.02 -17.59 -14.38
C VAL A 292 -12.51 -18.28 -13.09
N VAL A 293 -11.81 -19.32 -12.63
CA VAL A 293 -12.14 -19.94 -11.35
C VAL A 293 -11.94 -18.95 -10.19
N LYS A 294 -10.83 -18.24 -10.20
CA LYS A 294 -10.59 -17.24 -9.16
C LYS A 294 -11.70 -16.17 -9.18
N TRP A 295 -12.08 -15.71 -10.36
CA TRP A 295 -13.17 -14.73 -10.47
C TRP A 295 -14.50 -15.29 -10.00
N THR A 296 -14.79 -16.54 -10.36
CA THR A 296 -16.05 -17.16 -9.96
C THR A 296 -16.15 -17.25 -8.44
N LEU A 297 -15.10 -17.73 -7.79
CA LEU A 297 -15.05 -17.80 -6.32
C LEU A 297 -15.24 -16.44 -5.71
N ALA A 298 -14.63 -15.43 -6.32
CA ALA A 298 -14.73 -14.06 -5.83
C ALA A 298 -16.17 -13.61 -5.85
N PHE A 299 -16.84 -13.75 -6.99
CA PHE A 299 -18.23 -13.31 -7.11
C PHE A 299 -19.16 -14.03 -6.16
N LEU A 300 -18.88 -15.30 -5.91
CA LEU A 300 -19.71 -16.04 -4.96
C LEU A 300 -19.50 -15.58 -3.53
N LEU A 301 -18.28 -15.22 -3.17
CA LEU A 301 -18.00 -14.67 -1.84
C LEU A 301 -18.73 -13.34 -1.63
N HIS A 302 -19.00 -12.61 -2.70
CA HIS A 302 -19.76 -11.37 -2.61
C HIS A 302 -21.26 -11.62 -2.71
N ASN A 303 -21.64 -12.87 -2.95
CA ASN A 303 -23.04 -13.21 -3.13
C ASN A 303 -23.38 -14.51 -2.45
N PRO A 304 -23.45 -14.47 -1.11
CA PRO A 304 -23.76 -15.66 -0.30
C PRO A 304 -25.07 -16.30 -0.75
N GLN A 305 -26.06 -15.48 -1.10
CA GLN A 305 -27.40 -15.94 -1.51
C GLN A 305 -27.36 -16.82 -2.76
N VAL A 306 -26.58 -16.43 -3.75
CA VAL A 306 -26.41 -17.22 -4.96
C VAL A 306 -25.70 -18.50 -4.59
N LYS A 307 -24.71 -18.36 -3.71
CA LYS A 307 -23.91 -19.49 -3.29
C LYS A 307 -24.76 -20.52 -2.53
N LYS A 308 -25.65 -20.02 -1.67
CA LYS A 308 -26.65 -20.84 -0.98
C LYS A 308 -27.43 -21.72 -1.94
N LYS A 309 -28.02 -21.09 -2.96
CA LYS A 309 -28.85 -21.80 -3.95
C LYS A 309 -28.07 -22.80 -4.77
N LEU A 310 -26.77 -22.56 -4.99
CA LEU A 310 -25.93 -23.51 -5.72
C LEU A 310 -25.67 -24.78 -4.92
N TYR A 311 -25.52 -24.64 -3.61
CA TYR A 311 -25.40 -25.79 -2.72
C TYR A 311 -26.68 -26.59 -2.74
N GLU A 312 -27.82 -25.90 -2.63
CA GLU A 312 -29.11 -26.54 -2.62
C GLU A 312 -29.31 -27.29 -3.92
N GLU A 313 -28.96 -26.63 -5.03
CA GLU A 313 -29.11 -27.23 -6.36
C GLU A 313 -28.28 -28.49 -6.51
N ILE A 314 -27.02 -28.44 -6.12
CA ILE A 314 -26.16 -29.61 -6.28
C ILE A 314 -26.55 -30.71 -5.31
N ASP A 315 -26.97 -30.33 -4.12
CA ASP A 315 -27.31 -31.30 -3.09
C ASP A 315 -28.54 -32.11 -3.52
N GLN A 316 -29.43 -31.45 -4.26
CA GLN A 316 -30.69 -32.04 -4.66
C GLN A 316 -30.68 -32.65 -6.07
N ASN A 317 -29.59 -32.48 -6.80
CA ASN A 317 -29.49 -33.00 -8.18
C ASN A 317 -28.35 -33.99 -8.37
N VAL A 318 -27.40 -33.99 -7.45
CA VAL A 318 -26.24 -34.87 -7.53
C VAL A 318 -26.05 -35.58 -6.20
N GLY A 319 -26.31 -34.87 -5.11
CA GLY A 319 -26.23 -35.44 -3.78
C GLY A 319 -24.83 -35.88 -3.46
N PHE A 320 -24.70 -36.78 -2.49
CA PHE A 320 -23.39 -37.26 -2.07
C PHE A 320 -23.26 -38.77 -2.28
N SER A 321 -23.90 -39.26 -3.34
CA SER A 321 -23.79 -40.66 -3.72
C SER A 321 -22.71 -40.85 -4.77
N ARG A 322 -22.31 -39.75 -5.39
CA ARG A 322 -21.39 -39.79 -6.52
C ARG A 322 -20.75 -38.43 -6.71
N THR A 323 -19.80 -38.35 -7.64
CA THR A 323 -19.22 -37.07 -8.03
C THR A 323 -19.99 -36.48 -9.20
N PRO A 324 -19.95 -35.14 -9.34
CA PRO A 324 -20.60 -34.52 -10.49
C PRO A 324 -19.94 -34.93 -11.80
N THR A 325 -20.73 -34.93 -12.86
CA THR A 325 -20.29 -35.35 -14.18
C THR A 325 -20.75 -34.28 -15.17
N ILE A 326 -20.11 -34.23 -16.35
CA ILE A 326 -20.56 -33.35 -17.44
C ILE A 326 -22.08 -33.34 -17.60
N SER A 327 -22.68 -34.52 -17.65
CA SER A 327 -24.11 -34.63 -17.95
C SER A 327 -24.97 -33.95 -16.90
N ASP A 328 -24.37 -33.58 -15.76
CA ASP A 328 -25.12 -32.86 -14.73
C ASP A 328 -25.27 -31.39 -15.05
N ARG A 329 -24.75 -30.95 -16.19
CA ARG A 329 -24.96 -29.57 -16.63
C ARG A 329 -26.39 -29.37 -17.15
N ASN A 330 -27.12 -30.47 -17.37
CA ASN A 330 -28.54 -30.40 -17.68
C ASN A 330 -29.36 -30.18 -16.41
N ARG A 331 -28.79 -30.63 -15.29
CA ARG A 331 -29.47 -30.53 -14.00
C ARG A 331 -29.09 -29.25 -13.24
N LEU A 332 -27.78 -28.98 -13.15
CA LEU A 332 -27.27 -27.82 -12.41
C LEU A 332 -27.27 -26.54 -13.27
N LEU A 333 -28.45 -25.96 -13.49
CA LEU A 333 -28.63 -24.85 -14.41
C LEU A 333 -28.11 -23.53 -13.85
N LEU A 334 -28.31 -23.33 -12.55
CA LEU A 334 -27.81 -22.13 -11.91
C LEU A 334 -26.28 -22.10 -11.92
N LEU A 335 -25.65 -23.27 -11.88
CA LEU A 335 -24.20 -23.30 -11.92
C LEU A 335 -23.68 -22.87 -13.28
N GLU A 336 -24.36 -23.33 -14.34
CA GLU A 336 -24.01 -22.93 -15.71
C GLU A 336 -24.31 -21.45 -15.96
N ALA A 337 -25.40 -20.96 -15.40
CA ALA A 337 -25.76 -19.55 -15.52
C ALA A 337 -24.74 -18.67 -14.80
N THR A 338 -24.28 -19.11 -13.64
CA THR A 338 -23.27 -18.36 -12.88
C THR A 338 -21.98 -18.25 -13.69
N ILE A 339 -21.52 -19.35 -14.28
CA ILE A 339 -20.32 -19.32 -15.10
C ILE A 339 -20.47 -18.36 -16.28
N ARG A 340 -21.62 -18.40 -16.96
CA ARG A 340 -21.89 -17.47 -18.08
C ARG A 340 -21.87 -16.01 -17.63
N GLU A 341 -22.37 -15.77 -16.42
CA GLU A 341 -22.46 -14.42 -15.92
C GLU A 341 -21.11 -13.86 -15.47
N VAL A 342 -20.18 -14.76 -15.16
CA VAL A 342 -18.82 -14.37 -14.81
C VAL A 342 -18.08 -13.99 -16.09
N LEU A 343 -18.26 -14.79 -17.14
CA LEU A 343 -17.62 -14.50 -18.41
C LEU A 343 -18.20 -13.22 -19.04
N ARG A 344 -19.40 -12.82 -18.60
CA ARG A 344 -19.98 -11.56 -19.06
C ARG A 344 -19.34 -10.35 -18.37
N LEU A 345 -19.44 -10.29 -17.04
CA LEU A 345 -18.93 -9.21 -16.23
C LEU A 345 -17.43 -9.04 -16.32
N ARG A 346 -16.72 -10.17 -16.30
CA ARG A 346 -15.26 -10.21 -16.30
C ARG A 346 -14.78 -11.12 -17.42
N PRO A 347 -14.84 -10.62 -18.65
CA PRO A 347 -14.33 -11.45 -19.73
C PRO A 347 -12.83 -11.55 -19.63
N VAL A 348 -12.33 -12.78 -19.76
CA VAL A 348 -10.90 -13.07 -19.68
C VAL A 348 -10.10 -12.13 -20.57
N ALA A 349 -10.68 -11.78 -21.72
CA ALA A 349 -10.03 -10.88 -22.67
C ALA A 349 -11.05 -9.82 -23.09
N PRO A 350 -11.16 -8.75 -22.28
CA PRO A 350 -12.22 -7.76 -22.50
C PRO A 350 -12.03 -7.00 -23.81
N MET A 351 -10.89 -7.16 -24.46
CA MET A 351 -10.74 -6.66 -25.83
C MET A 351 -10.19 -7.72 -26.80
N LEU A 352 -10.62 -8.96 -26.57
CA LEU A 352 -10.15 -10.10 -27.32
C LEU A 352 -8.61 -9.97 -27.47
N ILE A 353 -8.11 -10.20 -28.68
CA ILE A 353 -6.75 -9.90 -29.05
C ILE A 353 -6.88 -9.04 -30.30
N PRO A 354 -5.99 -8.07 -30.51
CA PRO A 354 -6.23 -7.21 -31.66
C PRO A 354 -6.33 -7.98 -32.96
N HIS A 355 -7.23 -7.54 -33.84
CA HIS A 355 -7.28 -8.05 -35.20
C HIS A 355 -6.60 -7.09 -36.10
N LYS A 356 -6.56 -7.44 -37.38
CA LYS A 356 -5.91 -6.62 -38.38
C LYS A 356 -6.54 -6.91 -39.72
N ALA A 357 -6.73 -5.84 -40.49
CA ALA A 357 -7.28 -5.92 -41.83
C ALA A 357 -6.24 -6.53 -42.76
N ASN A 358 -6.58 -7.69 -43.30
CA ASN A 358 -5.74 -8.37 -44.28
C ASN A 358 -5.87 -7.69 -45.64
N VAL A 359 -7.10 -7.28 -45.95
CA VAL A 359 -7.40 -6.60 -47.21
C VAL A 359 -8.09 -5.27 -46.94
N ASP A 360 -8.19 -4.43 -47.96
CA ASP A 360 -9.02 -3.23 -47.89
C ASP A 360 -10.45 -3.70 -47.70
N SER A 361 -11.21 -3.02 -46.85
CA SER A 361 -12.55 -3.49 -46.52
C SER A 361 -13.35 -2.40 -45.81
N SER A 362 -14.38 -2.82 -45.08
CA SER A 362 -15.23 -1.86 -44.41
C SER A 362 -15.89 -2.46 -43.18
N ILE A 363 -16.27 -1.59 -42.26
CA ILE A 363 -17.10 -1.95 -41.12
C ILE A 363 -18.21 -0.90 -41.05
N GLY A 364 -19.45 -1.36 -40.98
CA GLY A 364 -20.59 -0.45 -40.98
C GLY A 364 -20.60 0.52 -42.16
N GLU A 365 -20.00 0.09 -43.26
CA GLU A 365 -19.86 0.90 -44.48
C GLU A 365 -18.88 2.08 -44.36
N PHE A 366 -18.15 2.13 -43.25
CA PHE A 366 -16.95 2.95 -43.18
C PHE A 366 -15.81 2.17 -43.77
N ALA A 367 -14.91 2.86 -44.47
CA ALA A 367 -13.76 2.23 -45.11
C ALA A 367 -12.68 1.87 -44.10
N VAL A 368 -12.16 0.66 -44.20
CA VAL A 368 -10.99 0.27 -43.42
C VAL A 368 -9.88 -0.27 -44.31
N ASP A 369 -8.74 0.40 -44.28
CA ASP A 369 -7.60 0.05 -45.11
C ASP A 369 -6.89 -1.22 -44.67
N LYS A 370 -6.11 -1.78 -45.59
CA LYS A 370 -5.25 -2.92 -45.32
C LYS A 370 -4.28 -2.51 -44.22
N GLY A 371 -4.10 -3.38 -43.24
CA GLY A 371 -3.12 -3.14 -42.18
C GLY A 371 -3.64 -2.36 -40.99
N THR A 372 -4.88 -1.92 -41.06
CA THR A 372 -5.50 -1.21 -39.96
C THR A 372 -5.75 -2.20 -38.83
N GLU A 373 -5.37 -1.82 -37.64
CA GLU A 373 -5.63 -2.61 -36.44
C GLU A 373 -7.08 -2.38 -36.02
N VAL A 374 -7.75 -3.44 -35.60
CA VAL A 374 -9.14 -3.37 -35.20
C VAL A 374 -9.33 -4.10 -33.88
N ILE A 375 -9.72 -3.37 -32.85
CA ILE A 375 -10.03 -3.95 -31.55
C ILE A 375 -11.55 -4.02 -31.34
N ILE A 376 -12.03 -5.18 -30.94
CA ILE A 376 -13.39 -5.35 -30.47
C ILE A 376 -13.43 -5.10 -28.98
N ASN A 377 -14.17 -4.08 -28.58
CA ASN A 377 -14.33 -3.80 -27.18
C ASN A 377 -15.43 -4.71 -26.61
N LEU A 378 -15.02 -5.89 -26.18
CA LEU A 378 -15.97 -6.85 -25.66
C LEU A 378 -16.64 -6.35 -24.39
N TRP A 379 -15.89 -5.60 -23.60
CA TRP A 379 -16.41 -4.97 -22.39
C TRP A 379 -17.66 -4.13 -22.68
N ALA A 380 -17.63 -3.37 -23.77
CA ALA A 380 -18.79 -2.59 -24.20
C ALA A 380 -19.97 -3.49 -24.52
N LEU A 381 -19.74 -4.54 -25.29
CA LEU A 381 -20.79 -5.49 -25.65
C LEU A 381 -21.48 -6.13 -24.44
N HIS A 382 -20.72 -6.41 -23.39
CA HIS A 382 -21.25 -7.08 -22.20
C HIS A 382 -21.83 -6.11 -21.16
N HIS A 383 -21.71 -4.81 -21.38
CA HIS A 383 -22.24 -3.83 -20.43
C HIS A 383 -23.21 -2.84 -21.09
N ASN A 384 -23.39 -3.00 -22.39
CA ASN A 384 -24.39 -2.24 -23.16
C ASN A 384 -25.74 -2.28 -22.45
N GLU A 385 -26.23 -1.11 -22.05
CA GLU A 385 -27.43 -1.03 -21.23
C GLU A 385 -28.71 -1.30 -22.02
N LYS A 386 -28.63 -1.18 -23.34
CA LYS A 386 -29.77 -1.46 -24.20
C LYS A 386 -29.93 -2.95 -24.49
N GLU A 387 -28.94 -3.74 -24.10
CA GLU A 387 -28.93 -5.18 -24.40
C GLU A 387 -29.00 -6.01 -23.14
N TRP A 388 -28.68 -5.40 -22.01
CA TRP A 388 -28.66 -6.11 -20.74
C TRP A 388 -29.39 -5.28 -19.70
N HIS A 389 -30.16 -5.96 -18.86
CA HIS A 389 -30.83 -5.32 -17.76
C HIS A 389 -29.83 -5.24 -16.62
N GLN A 390 -29.52 -4.01 -16.20
CA GLN A 390 -28.61 -3.77 -15.09
C GLN A 390 -27.28 -4.52 -15.27
N PRO A 391 -26.49 -4.09 -16.27
CA PRO A 391 -25.26 -4.79 -16.67
C PRO A 391 -24.20 -4.81 -15.58
N ASP A 392 -24.28 -3.81 -14.70
CA ASP A 392 -23.36 -3.64 -13.60
C ASP A 392 -23.54 -4.72 -12.55
N GLN A 393 -24.66 -5.43 -12.64
CA GLN A 393 -25.06 -6.36 -11.59
C GLN A 393 -24.72 -7.80 -11.93
N PHE A 394 -24.21 -8.52 -10.94
CA PHE A 394 -23.97 -9.94 -11.09
C PHE A 394 -25.30 -10.64 -10.86
N MET A 395 -25.96 -11.02 -11.95
CA MET A 395 -27.27 -11.64 -11.89
C MET A 395 -27.29 -12.91 -12.73
N PRO A 396 -26.93 -14.04 -12.13
CA PRO A 396 -26.99 -15.31 -12.87
C PRO A 396 -28.40 -15.60 -13.38
N GLU A 397 -29.41 -15.06 -12.70
CA GLU A 397 -30.81 -15.27 -13.07
C GLU A 397 -31.05 -14.93 -14.53
N ARG A 398 -30.41 -13.87 -15.01
CA ARG A 398 -30.64 -13.37 -16.35
C ARG A 398 -30.44 -14.44 -17.43
N PHE A 399 -29.74 -15.52 -17.08
CA PHE A 399 -29.50 -16.62 -18.01
C PHE A 399 -30.47 -17.81 -17.79
N LEU A 400 -31.48 -17.59 -16.96
CA LEU A 400 -32.54 -18.57 -16.72
C LEU A 400 -33.90 -18.03 -17.13
N ASN A 401 -34.73 -18.88 -17.69
CA ASN A 401 -36.10 -18.51 -18.00
C ASN A 401 -36.80 -18.15 -16.69
N PRO A 402 -37.87 -17.34 -16.77
CA PRO A 402 -38.48 -16.77 -15.56
C PRO A 402 -38.72 -17.81 -14.47
N ALA A 403 -38.94 -19.05 -14.90
CA ALA A 403 -39.19 -20.15 -14.00
C ALA A 403 -37.88 -20.62 -13.33
N GLY A 404 -36.87 -20.87 -14.16
CA GLY A 404 -35.62 -21.43 -13.69
C GLY A 404 -35.52 -22.88 -14.12
N THR A 405 -36.13 -23.18 -15.26
CA THR A 405 -36.26 -24.54 -15.73
C THR A 405 -35.30 -24.80 -16.88
N GLN A 406 -34.89 -23.74 -17.56
CA GLN A 406 -33.89 -23.89 -18.58
C GLN A 406 -33.07 -22.63 -18.82
N LEU A 407 -31.94 -22.82 -19.48
CA LEU A 407 -31.04 -21.75 -19.85
C LEU A 407 -31.51 -21.09 -21.13
N ILE A 408 -31.15 -19.82 -21.29
CA ILE A 408 -31.53 -19.01 -22.43
C ILE A 408 -30.41 -18.03 -22.72
N SER A 409 -30.45 -17.42 -23.90
CA SER A 409 -29.52 -16.35 -24.25
C SER A 409 -30.21 -14.99 -24.22
N PRO A 410 -30.09 -14.28 -23.09
CA PRO A 410 -30.89 -13.06 -22.97
C PRO A 410 -30.46 -11.97 -23.96
N SER A 411 -29.29 -12.11 -24.56
CA SER A 411 -28.74 -11.07 -25.43
C SER A 411 -27.80 -11.69 -26.44
N VAL A 412 -27.76 -11.12 -27.63
CA VAL A 412 -26.82 -11.57 -28.65
C VAL A 412 -25.50 -10.81 -28.53
N SER A 413 -25.47 -9.84 -27.60
CA SER A 413 -24.31 -8.99 -27.40
C SER A 413 -23.32 -9.65 -26.41
N TYR A 414 -22.98 -10.90 -26.70
CA TYR A 414 -22.27 -11.75 -25.76
C TYR A 414 -21.30 -12.64 -26.54
N LEU A 415 -19.99 -12.37 -26.41
CA LEU A 415 -18.98 -13.13 -27.11
C LEU A 415 -17.71 -13.35 -26.29
N PRO A 416 -17.83 -14.05 -25.15
CA PRO A 416 -16.68 -14.30 -24.26
C PRO A 416 -15.54 -15.09 -24.94
N PHE A 417 -15.92 -16.04 -25.79
CA PHE A 417 -14.96 -16.82 -26.56
C PHE A 417 -14.71 -16.32 -27.98
N GLY A 418 -15.13 -15.09 -28.27
CA GLY A 418 -14.91 -14.55 -29.62
C GLY A 418 -15.81 -15.25 -30.63
N ALA A 419 -15.44 -15.18 -31.90
CA ALA A 419 -16.23 -15.83 -32.95
C ALA A 419 -15.51 -15.82 -34.30
N GLY A 420 -15.94 -16.70 -35.20
CA GLY A 420 -15.36 -16.75 -36.52
C GLY A 420 -13.93 -17.25 -36.50
N PRO A 421 -13.14 -16.91 -37.54
CA PRO A 421 -11.81 -17.48 -37.78
C PRO A 421 -10.83 -17.45 -36.60
N ARG A 422 -10.71 -16.34 -35.87
CA ARG A 422 -9.72 -16.26 -34.80
C ARG A 422 -10.36 -16.57 -33.46
N SER A 423 -11.49 -17.28 -33.48
CA SER A 423 -12.17 -17.59 -32.23
C SER A 423 -11.44 -18.65 -31.42
N CYS A 424 -11.76 -18.68 -30.14
CA CYS A 424 -11.19 -19.63 -29.20
C CYS A 424 -11.37 -21.04 -29.73
N ILE A 425 -10.34 -21.87 -29.53
CA ILE A 425 -10.41 -23.27 -29.93
C ILE A 425 -10.47 -24.20 -28.72
N GLY A 426 -10.47 -23.63 -27.52
CA GLY A 426 -10.52 -24.44 -26.32
C GLY A 426 -11.82 -24.28 -25.56
N GLU A 427 -12.84 -23.77 -26.23
CA GLU A 427 -14.01 -23.29 -25.51
C GLU A 427 -14.73 -24.43 -24.81
N ILE A 428 -14.72 -25.61 -25.42
CA ILE A 428 -15.46 -26.73 -24.84
C ILE A 428 -14.65 -27.25 -23.66
N LEU A 429 -13.35 -27.40 -23.87
CA LEU A 429 -12.46 -27.75 -22.78
C LEU A 429 -12.63 -26.77 -21.61
N ALA A 430 -12.67 -25.48 -21.93
CA ALA A 430 -12.82 -24.42 -20.92
C ALA A 430 -14.15 -24.57 -20.19
N ARG A 431 -15.26 -24.65 -20.91
CA ARG A 431 -16.57 -24.74 -20.25
C ARG A 431 -16.67 -25.94 -19.30
N GLN A 432 -16.12 -27.07 -19.73
CA GLN A 432 -16.24 -28.32 -18.98
C GLN A 432 -15.36 -28.33 -17.74
N GLU A 433 -14.10 -27.90 -17.89
CA GLU A 433 -13.20 -27.70 -16.75
C GLU A 433 -13.81 -26.79 -15.69
N LEU A 434 -14.32 -25.64 -16.12
CA LEU A 434 -14.96 -24.68 -15.23
C LEU A 434 -16.15 -25.31 -14.53
N PHE A 435 -17.03 -25.97 -15.29
CA PHE A 435 -18.22 -26.57 -14.70
C PHE A 435 -17.88 -27.56 -13.61
N LEU A 436 -16.93 -28.45 -13.92
CA LEU A 436 -16.60 -29.57 -13.04
C LEU A 436 -15.89 -29.10 -11.77
N ILE A 437 -14.92 -28.21 -11.91
CA ILE A 437 -14.24 -27.64 -10.75
C ILE A 437 -15.25 -27.01 -9.80
N MET A 438 -16.14 -26.18 -10.32
CA MET A 438 -17.11 -25.53 -9.44
C MET A 438 -18.05 -26.54 -8.82
N ALA A 439 -18.39 -27.58 -9.59
CA ALA A 439 -19.37 -28.57 -9.14
C ALA A 439 -18.79 -29.42 -8.03
N TRP A 440 -17.60 -29.98 -8.27
CA TRP A 440 -16.90 -30.72 -7.25
C TRP A 440 -16.67 -29.89 -5.98
N LEU A 441 -16.06 -28.72 -6.14
CA LEU A 441 -15.79 -27.84 -5.01
C LEU A 441 -17.00 -27.54 -4.13
N LEU A 442 -18.13 -27.22 -4.76
CA LEU A 442 -19.36 -26.96 -4.01
C LEU A 442 -19.91 -28.24 -3.35
N GLN A 443 -19.63 -29.40 -3.95
CA GLN A 443 -20.11 -30.64 -3.36
C GLN A 443 -19.40 -30.88 -2.04
N ARG A 444 -18.09 -30.67 -2.04
CA ARG A 444 -17.25 -31.06 -0.91
C ARG A 444 -16.97 -29.96 0.12
N PHE A 445 -16.99 -28.70 -0.30
CA PHE A 445 -16.48 -27.60 0.51
C PHE A 445 -17.44 -26.45 0.73
N ASP A 446 -17.53 -26.01 1.99
CA ASP A 446 -17.99 -24.68 2.31
C ASP A 446 -16.80 -23.75 2.02
N LEU A 447 -17.07 -22.64 1.33
CA LEU A 447 -16.03 -21.69 0.95
C LEU A 447 -16.46 -20.34 1.47
N GLU A 448 -15.96 -19.95 2.65
CA GLU A 448 -16.42 -18.73 3.31
C GLU A 448 -15.36 -17.65 3.30
N VAL A 449 -15.77 -16.43 3.61
CA VAL A 449 -14.86 -15.33 3.78
C VAL A 449 -13.95 -15.62 4.98
N PRO A 450 -12.69 -15.18 4.92
CA PRO A 450 -11.77 -15.46 6.03
C PRO A 450 -12.17 -14.76 7.33
N ASP A 451 -11.61 -15.20 8.46
CA ASP A 451 -11.98 -14.60 9.75
C ASP A 451 -11.50 -13.15 9.89
N ASP A 452 -10.65 -12.71 8.96
CA ASP A 452 -10.30 -11.29 8.88
C ASP A 452 -11.47 -10.46 8.31
N GLY A 453 -12.38 -11.13 7.59
CA GLY A 453 -13.55 -10.50 7.00
C GLY A 453 -13.34 -9.84 5.64
N GLN A 454 -12.10 -9.81 5.17
CA GLN A 454 -11.78 -9.20 3.88
C GLN A 454 -12.40 -9.93 2.69
N LEU A 455 -13.14 -9.20 1.86
CA LEU A 455 -13.61 -9.70 0.56
C LEU A 455 -12.60 -9.37 -0.52
N PRO A 456 -12.51 -10.20 -1.57
CA PRO A 456 -11.64 -9.84 -2.67
C PRO A 456 -12.13 -8.58 -3.41
N SER A 457 -11.20 -7.82 -3.94
CA SER A 457 -11.56 -6.72 -4.81
C SER A 457 -11.99 -7.30 -6.14
N LEU A 458 -13.10 -6.78 -6.67
CA LEU A 458 -13.61 -7.20 -7.97
C LEU A 458 -13.24 -6.23 -9.07
N GLU A 459 -12.31 -5.31 -8.78
CA GLU A 459 -11.92 -4.31 -9.77
C GLU A 459 -11.11 -4.95 -10.89
N GLY A 460 -10.20 -5.85 -10.51
CA GLY A 460 -9.38 -6.55 -11.46
C GLY A 460 -8.17 -5.76 -11.91
N ILE A 461 -7.30 -6.47 -12.62
CA ILE A 461 -6.04 -5.96 -13.13
C ILE A 461 -5.95 -6.30 -14.63
N PRO A 462 -6.04 -5.28 -15.49
CA PRO A 462 -6.04 -5.66 -16.90
C PRO A 462 -4.66 -5.93 -17.47
N LYS A 463 -4.41 -7.20 -17.74
CA LYS A 463 -3.28 -7.62 -18.53
C LYS A 463 -3.85 -8.23 -19.79
N VAL A 464 -3.08 -9.08 -20.46
CA VAL A 464 -3.59 -9.87 -21.57
C VAL A 464 -4.70 -10.77 -21.08
N VAL A 465 -4.64 -11.12 -19.80
CA VAL A 465 -5.76 -11.73 -19.12
C VAL A 465 -6.25 -10.71 -18.09
N PHE A 466 -7.56 -10.69 -17.86
CA PHE A 466 -8.17 -9.85 -16.84
C PHE A 466 -8.08 -10.58 -15.50
N LEU A 467 -6.97 -10.34 -14.80
CA LEU A 467 -6.72 -10.94 -13.51
C LEU A 467 -7.50 -10.29 -12.37
N ILE A 468 -7.76 -11.07 -11.35
CA ILE A 468 -8.29 -10.58 -10.09
C ILE A 468 -7.14 -10.60 -9.07
N ASP A 469 -7.17 -9.68 -8.10
CA ASP A 469 -6.20 -9.65 -7.01
C ASP A 469 -6.19 -10.94 -6.22
N SER A 470 -5.02 -11.36 -5.78
CA SER A 470 -4.93 -12.56 -4.96
C SER A 470 -5.71 -12.33 -3.68
N PHE A 471 -6.53 -13.31 -3.33
CA PHE A 471 -7.35 -13.21 -2.15
C PHE A 471 -7.36 -14.59 -1.52
N LYS A 472 -7.92 -14.68 -0.33
CA LYS A 472 -7.98 -15.92 0.44
C LYS A 472 -9.43 -16.36 0.65
N VAL A 473 -9.62 -17.65 0.86
CA VAL A 473 -10.92 -18.18 1.24
C VAL A 473 -10.74 -19.18 2.38
N LYS A 474 -11.65 -19.12 3.35
CA LYS A 474 -11.74 -20.14 4.38
C LYS A 474 -12.38 -21.35 3.75
N ILE A 475 -11.73 -22.50 3.89
CA ILE A 475 -12.20 -23.72 3.26
C ILE A 475 -12.44 -24.79 4.31
N LYS A 476 -13.65 -25.35 4.31
CA LYS A 476 -14.05 -26.34 5.30
C LYS A 476 -14.81 -27.47 4.62
N VAL A 477 -14.42 -28.72 4.90
CA VAL A 477 -15.13 -29.86 4.37
C VAL A 477 -16.57 -29.79 4.87
N ARG A 478 -17.53 -29.94 3.97
CA ARG A 478 -18.92 -29.80 4.35
C ARG A 478 -19.32 -30.97 5.23
N GLN A 479 -20.12 -30.71 6.26
CA GLN A 479 -20.58 -31.76 7.16
C GLN A 479 -21.39 -32.82 6.40
N ALA A 480 -22.10 -32.40 5.36
CA ALA A 480 -22.95 -33.30 4.58
C ALA A 480 -22.10 -34.31 3.82
N TRP A 481 -20.91 -33.90 3.44
CA TRP A 481 -20.03 -34.78 2.67
C TRP A 481 -19.35 -35.77 3.60
N ARG A 482 -19.00 -35.32 4.80
CA ARG A 482 -18.32 -36.18 5.77
C ARG A 482 -19.25 -37.29 6.19
N GLU A 483 -20.51 -36.94 6.45
CA GLU A 483 -21.52 -37.89 6.88
C GLU A 483 -21.67 -39.02 5.88
N ALA A 484 -21.36 -38.77 4.61
CA ALA A 484 -21.49 -39.79 3.58
C ALA A 484 -20.40 -40.83 3.72
N GLN A 485 -20.55 -41.69 4.73
CA GLN A 485 -19.68 -42.85 4.96
C GLN A 485 -20.51 -44.05 5.44
N LEU B 13 -4.75 29.82 37.26
CA LEU B 13 -5.27 28.67 36.53
C LEU B 13 -4.68 27.35 36.99
N LEU B 14 -5.57 26.44 37.37
CA LEU B 14 -5.16 25.14 37.86
C LEU B 14 -4.69 24.21 36.72
N SER B 15 -3.89 23.22 37.07
CA SER B 15 -3.49 22.18 36.13
C SER B 15 -4.60 21.17 36.11
N LEU B 16 -4.73 20.43 35.02
CA LEU B 16 -5.79 19.45 34.93
C LEU B 16 -5.47 18.22 35.77
N PRO B 17 -6.48 17.64 36.41
CA PRO B 17 -6.30 16.29 36.98
C PRO B 17 -5.85 15.33 35.88
N LEU B 18 -4.91 14.45 36.21
CA LEU B 18 -4.36 13.49 35.25
C LEU B 18 -4.66 12.09 35.76
N VAL B 19 -5.33 11.28 34.95
CA VAL B 19 -5.76 9.94 35.36
C VAL B 19 -4.87 8.90 34.74
N GLY B 20 -4.00 9.34 33.84
CA GLY B 20 -3.15 8.40 33.14
C GLY B 20 -2.03 9.17 32.50
N SER B 21 -0.89 8.51 32.41
CA SER B 21 0.24 9.08 31.71
C SER B 21 1.07 7.94 31.17
N LEU B 22 1.46 8.04 29.91
CA LEU B 22 2.41 7.11 29.31
C LEU B 22 3.46 7.92 28.62
N PRO B 23 4.70 7.44 28.62
CA PRO B 23 5.84 8.23 28.14
C PRO B 23 5.98 8.24 26.63
N PHE B 24 5.20 7.42 25.94
CA PHE B 24 5.17 7.53 24.48
C PHE B 24 3.83 7.08 23.90
N LEU B 25 3.58 7.43 22.65
CA LEU B 25 2.32 7.06 22.00
C LEU B 25 2.29 5.55 21.73
N PRO B 26 1.18 4.88 22.07
CA PRO B 26 1.09 3.44 21.76
C PRO B 26 0.99 3.17 20.26
N ARG B 27 1.51 2.04 19.82
CA ARG B 27 1.44 1.65 18.42
C ARG B 27 2.15 2.64 17.48
N HIS B 28 3.11 3.39 18.01
CA HIS B 28 3.86 4.35 17.20
C HIS B 28 5.34 4.02 17.40
N GLY B 29 5.99 3.57 16.34
CA GLY B 29 7.36 3.09 16.43
C GLY B 29 7.49 1.71 17.06
N HIS B 30 8.65 1.10 16.87
CA HIS B 30 8.91 -0.20 17.48
C HIS B 30 9.12 -0.06 19.01
N MET B 31 8.36 -0.82 19.77
CA MET B 31 8.35 -0.76 21.22
C MET B 31 9.78 -0.80 21.76
N HIS B 32 10.59 -1.73 21.26
CA HIS B 32 11.93 -1.92 21.81
C HIS B 32 12.80 -0.70 21.61
N ASN B 33 12.57 0.04 20.53
CA ASN B 33 13.33 1.25 20.29
C ASN B 33 12.79 2.42 21.13
N ASN B 34 11.49 2.44 21.37
CA ASN B 34 10.88 3.47 22.20
C ASN B 34 11.38 3.39 23.63
N PHE B 35 11.37 2.21 24.21
CA PHE B 35 11.98 1.99 25.51
C PHE B 35 13.46 2.42 25.54
N PHE B 36 14.17 2.15 24.45
CA PHE B 36 15.60 2.46 24.38
C PHE B 36 15.81 3.97 24.42
N LYS B 37 14.99 4.69 23.65
CA LYS B 37 15.05 6.14 23.59
C LYS B 37 14.80 6.80 24.94
N LEU B 38 13.85 6.26 25.70
CA LEU B 38 13.55 6.79 27.02
C LEU B 38 14.72 6.75 28.00
N GLN B 39 15.76 5.98 27.68
CA GLN B 39 16.89 5.85 28.61
C GLN B 39 17.66 7.14 28.70
N LYS B 40 17.62 7.94 27.63
CA LYS B 40 18.21 9.28 27.64
C LYS B 40 17.65 10.07 28.81
N LYS B 41 16.34 9.99 29.01
CA LYS B 41 15.67 10.65 30.14
C LYS B 41 15.80 9.93 31.46
N TYR B 42 15.47 8.64 31.49
CA TYR B 42 15.14 7.99 32.75
C TYR B 42 16.18 7.00 33.27
N GLY B 43 17.22 6.76 32.49
CA GLY B 43 18.23 5.77 32.85
C GLY B 43 17.95 4.37 32.34
N PRO B 44 18.80 3.41 32.69
CA PRO B 44 18.77 2.06 32.10
C PRO B 44 17.78 1.13 32.78
N ILE B 45 17.06 1.65 33.75
CA ILE B 45 16.09 0.86 34.47
C ILE B 45 14.98 1.77 35.02
N TYR B 46 13.76 1.46 34.59
CA TYR B 46 12.57 2.19 35.02
C TYR B 46 11.40 1.24 34.94
N SER B 47 10.25 1.72 35.41
CA SER B 47 9.05 0.92 35.46
C SER B 47 7.84 1.68 34.94
N VAL B 48 6.82 0.91 34.58
CA VAL B 48 5.52 1.44 34.24
C VAL B 48 4.50 0.58 34.95
N ARG B 49 3.37 1.16 35.29
CA ARG B 49 2.29 0.47 36.00
C ARG B 49 1.00 0.52 35.19
N MET B 50 0.44 -0.65 34.90
CA MET B 50 -0.76 -0.79 34.08
C MET B 50 -1.85 -1.41 34.90
N GLY B 51 -2.84 -0.62 35.27
CA GLY B 51 -3.80 -1.06 36.26
C GLY B 51 -3.06 -1.50 37.51
N THR B 52 -3.02 -2.80 37.73
CA THR B 52 -2.51 -3.35 38.98
C THR B 52 -1.09 -3.94 38.83
N LYS B 53 -0.65 -4.14 37.60
CA LYS B 53 0.64 -4.77 37.32
C LYS B 53 1.75 -3.74 37.13
N THR B 54 2.90 -3.98 37.74
CA THR B 54 4.06 -3.15 37.52
C THR B 54 5.01 -3.95 36.65
N THR B 55 5.59 -3.30 35.67
CA THR B 55 6.54 -3.93 34.77
C THR B 55 7.80 -3.10 34.83
N VAL B 56 8.94 -3.77 34.92
CA VAL B 56 10.24 -3.10 34.94
C VAL B 56 10.97 -3.41 33.63
N ILE B 57 11.58 -2.39 33.05
CA ILE B 57 12.32 -2.51 31.80
C ILE B 57 13.79 -2.24 32.08
N VAL B 58 14.67 -3.11 31.57
CA VAL B 58 16.10 -3.04 31.84
C VAL B 58 16.85 -2.92 30.51
N GLY B 59 17.79 -1.99 30.43
CA GLY B 59 18.42 -1.67 29.17
C GLY B 59 19.92 -1.48 29.23
N HIS B 60 20.58 -2.06 30.23
CA HIS B 60 22.03 -2.03 30.34
C HIS B 60 22.54 -3.40 30.75
N HIS B 61 23.67 -3.82 30.17
CA HIS B 61 24.09 -5.23 30.26
C HIS B 61 24.42 -5.64 31.68
N GLN B 62 24.96 -4.69 32.45
CA GLN B 62 25.30 -4.94 33.83
C GLN B 62 24.05 -5.38 34.58
N LEU B 63 22.99 -4.59 34.44
CA LEU B 63 21.73 -4.90 35.08
C LEU B 63 21.09 -6.12 34.46
N ALA B 64 21.22 -6.29 33.15
CA ALA B 64 20.67 -7.46 32.47
C ALA B 64 21.27 -8.75 33.03
N LYS B 65 22.59 -8.82 33.11
CA LYS B 65 23.26 -10.02 33.63
C LYS B 65 23.00 -10.22 35.12
N GLU B 66 22.62 -9.17 35.82
CA GLU B 66 22.17 -9.34 37.19
C GLU B 66 20.83 -10.10 37.17
N VAL B 67 19.95 -9.73 36.24
CA VAL B 67 18.64 -10.35 36.13
C VAL B 67 18.69 -11.77 35.54
N LEU B 68 19.55 -12.01 34.56
CA LEU B 68 19.58 -13.29 33.88
C LEU B 68 20.54 -14.30 34.53
N ILE B 69 21.69 -13.82 34.99
CA ILE B 69 22.71 -14.69 35.55
C ILE B 69 22.79 -14.58 37.09
N LYS B 70 23.45 -13.54 37.59
CA LYS B 70 23.69 -13.40 39.04
C LYS B 70 22.45 -13.66 39.91
N LYS B 71 21.27 -13.30 39.42
CA LYS B 71 20.04 -13.62 40.15
C LYS B 71 19.05 -14.39 39.27
N GLY B 72 19.58 -15.21 38.37
CA GLY B 72 18.78 -16.01 37.46
C GLY B 72 17.56 -16.64 38.11
N LYS B 73 17.73 -17.31 39.24
CA LYS B 73 16.64 -18.10 39.83
C LYS B 73 15.54 -17.19 40.38
N ASP B 74 15.93 -16.00 40.82
CA ASP B 74 14.98 -15.02 41.35
C ASP B 74 14.08 -14.45 40.26
N PHE B 75 14.60 -14.32 39.06
CA PHE B 75 13.86 -13.69 37.97
C PHE B 75 13.54 -14.65 36.83
N SER B 76 13.46 -15.94 37.15
CA SER B 76 13.28 -16.97 36.12
C SER B 76 11.82 -17.27 35.82
N GLY B 77 10.90 -16.47 36.37
CA GLY B 77 9.48 -16.71 36.18
C GLY B 77 9.00 -16.21 34.82
N ARG B 78 7.78 -16.58 34.44
CA ARG B 78 7.14 -16.07 33.24
C ARG B 78 5.80 -15.51 33.65
N PRO B 79 5.50 -14.29 33.21
CA PRO B 79 4.18 -13.72 33.51
C PRO B 79 3.09 -14.40 32.69
N GLN B 80 1.88 -14.40 33.22
CA GLN B 80 0.75 -15.00 32.55
C GLN B 80 0.16 -14.02 31.55
N MET B 81 -0.04 -14.47 30.31
CA MET B 81 -0.66 -13.64 29.27
C MET B 81 -1.74 -14.45 28.57
N ALA B 82 -2.86 -13.82 28.27
CA ALA B 82 -4.01 -14.49 27.66
C ALA B 82 -3.64 -15.27 26.40
N THR B 83 -2.89 -14.63 25.52
CA THR B 83 -2.54 -15.27 24.26
C THR B 83 -1.62 -16.47 24.49
N LEU B 84 -0.71 -16.33 25.45
CA LEU B 84 0.28 -17.37 25.71
C LEU B 84 -0.34 -18.52 26.51
N ASP B 85 -1.43 -18.24 27.23
CA ASP B 85 -2.19 -19.29 27.89
C ASP B 85 -2.70 -20.29 26.85
N ILE B 86 -3.12 -19.77 25.71
CA ILE B 86 -3.71 -20.57 24.66
C ILE B 86 -2.65 -21.42 23.95
N LEU B 87 -1.59 -20.78 23.51
CA LEU B 87 -0.54 -21.50 22.79
C LEU B 87 0.10 -22.60 23.64
N SER B 88 0.16 -22.39 24.95
CA SER B 88 0.94 -23.24 25.83
C SER B 88 0.07 -24.15 26.71
N ASN B 89 -1.24 -24.14 26.45
CA ASN B 89 -2.17 -25.00 27.15
C ASN B 89 -2.08 -24.71 28.65
N ASN B 90 -2.34 -23.45 29.00
CA ASN B 90 -2.31 -22.99 30.38
C ASN B 90 -0.95 -23.20 31.05
N ARG B 91 0.08 -22.71 30.38
CA ARG B 91 1.42 -22.55 30.95
C ARG B 91 2.19 -23.85 31.08
N LYS B 92 1.92 -24.80 30.19
CA LYS B 92 2.79 -25.97 30.05
C LYS B 92 3.91 -25.63 29.06
N GLY B 93 4.77 -26.61 28.80
CA GLY B 93 5.83 -26.43 27.83
C GLY B 93 7.07 -25.88 28.51
N ILE B 94 7.97 -25.35 27.70
CA ILE B 94 9.19 -24.77 28.21
C ILE B 94 9.09 -23.24 28.18
N ALA B 95 8.91 -22.68 26.99
CA ALA B 95 9.15 -21.25 26.74
C ALA B 95 8.29 -20.34 27.59
N PHE B 96 7.03 -20.71 27.74
CA PHE B 96 6.03 -19.89 28.41
C PHE B 96 5.54 -20.50 29.71
N ALA B 97 6.25 -21.52 30.19
CA ALA B 97 5.94 -22.12 31.47
C ALA B 97 6.54 -21.31 32.62
N ASP B 98 5.79 -21.20 33.71
CA ASP B 98 6.33 -20.59 34.93
C ASP B 98 7.44 -21.52 35.45
N SER B 99 8.30 -21.04 36.34
CA SER B 99 9.56 -21.76 36.65
C SER B 99 9.44 -22.86 37.73
N GLY B 100 8.25 -23.41 37.91
CA GLY B 100 8.08 -24.60 38.73
C GLY B 100 8.78 -25.85 38.18
N ALA B 101 8.39 -27.00 38.73
CA ALA B 101 9.06 -28.28 38.44
C ALA B 101 8.86 -28.77 37.00
N HIS B 102 7.61 -28.76 36.54
CA HIS B 102 7.31 -29.21 35.18
C HIS B 102 8.23 -28.50 34.18
N TRP B 103 8.43 -27.20 34.36
CA TRP B 103 9.34 -26.46 33.50
C TRP B 103 10.76 -26.98 33.61
N GLN B 104 11.20 -27.24 34.83
CA GLN B 104 12.59 -27.67 35.03
C GLN B 104 12.83 -29.06 34.44
N LEU B 105 11.83 -29.93 34.55
CA LEU B 105 11.91 -31.29 34.01
C LEU B 105 12.00 -31.32 32.47
N HIS B 106 11.04 -30.70 31.80
CA HIS B 106 11.00 -30.70 30.33
C HIS B 106 12.19 -29.99 29.69
N ARG B 107 12.67 -28.92 30.33
CA ARG B 107 13.86 -28.23 29.86
C ARG B 107 15.09 -29.14 29.97
N ARG B 108 15.12 -29.98 30.99
CA ARG B 108 16.25 -30.87 31.19
C ARG B 108 16.17 -31.99 30.18
N LEU B 109 14.97 -32.52 29.99
CA LEU B 109 14.77 -33.59 29.03
C LEU B 109 15.06 -33.15 27.59
N ALA B 110 14.66 -31.92 27.24
CA ALA B 110 14.91 -31.40 25.90
C ALA B 110 16.40 -31.25 25.64
N MET B 111 17.15 -30.79 26.63
CA MET B 111 18.58 -30.55 26.47
C MET B 111 19.38 -31.85 26.42
N ALA B 112 18.88 -32.86 27.12
CA ALA B 112 19.52 -34.15 27.14
C ALA B 112 19.40 -34.76 25.76
N THR B 113 18.20 -34.65 25.19
CA THR B 113 17.88 -35.21 23.88
C THR B 113 18.93 -34.91 22.83
N PHE B 114 19.55 -33.74 22.90
CA PHE B 114 20.54 -33.34 21.90
C PHE B 114 21.82 -34.16 22.00
N ALA B 115 21.96 -34.92 23.09
CA ALA B 115 23.16 -35.72 23.29
C ALA B 115 23.16 -36.91 22.35
N LEU B 116 21.96 -37.36 21.98
CA LEU B 116 21.79 -38.45 21.03
C LEU B 116 22.19 -38.07 19.60
N PHE B 117 22.61 -36.82 19.38
CA PHE B 117 22.96 -36.34 18.02
C PHE B 117 24.36 -35.74 17.96
N LYS B 118 25.26 -36.24 18.80
CA LYS B 118 26.64 -35.77 18.82
C LYS B 118 27.52 -36.58 17.86
N ASP B 119 27.09 -37.81 17.55
CA ASP B 119 27.88 -38.71 16.71
C ASP B 119 27.06 -39.85 16.10
N GLY B 120 27.71 -40.65 15.27
CA GLY B 120 27.07 -41.76 14.58
C GLY B 120 26.48 -41.32 13.26
N ASP B 121 25.56 -42.11 12.73
CA ASP B 121 24.81 -41.72 11.54
C ASP B 121 23.87 -40.58 11.92
N GLN B 122 23.49 -40.56 13.20
CA GLN B 122 22.55 -39.57 13.71
C GLN B 122 23.26 -38.27 14.11
N LYS B 123 24.44 -38.05 13.55
CA LYS B 123 25.16 -36.80 13.78
C LYS B 123 24.33 -35.62 13.29
N LEU B 124 24.50 -34.49 13.96
CA LEU B 124 23.69 -33.31 13.69
C LEU B 124 24.11 -32.66 12.38
N GLU B 125 25.41 -32.44 12.23
CA GLU B 125 26.00 -31.96 10.99
C GLU B 125 25.54 -32.80 9.80
N LYS B 126 25.19 -34.07 10.07
CA LYS B 126 24.73 -35.02 9.07
C LYS B 126 23.24 -34.83 8.69
N ILE B 127 22.39 -34.63 9.68
CA ILE B 127 20.96 -34.42 9.44
C ILE B 127 20.73 -33.11 8.71
N ILE B 128 21.53 -32.10 9.06
CA ILE B 128 21.38 -30.75 8.55
C ILE B 128 21.86 -30.69 7.12
N CYS B 129 23.01 -31.30 6.84
CA CYS B 129 23.56 -31.25 5.50
C CYS B 129 22.68 -32.00 4.51
N GLN B 130 21.93 -32.99 4.99
CA GLN B 130 21.02 -33.75 4.14
C GLN B 130 19.85 -32.86 3.68
N GLU B 131 19.25 -32.15 4.62
CA GLU B 131 18.15 -31.24 4.30
C GLU B 131 18.66 -30.04 3.50
N ILE B 132 19.81 -29.49 3.88
CA ILE B 132 20.34 -28.37 3.10
C ILE B 132 20.60 -28.82 1.68
N SER B 133 20.94 -30.11 1.51
CA SER B 133 21.26 -30.64 0.19
C SER B 133 20.01 -30.67 -0.69
N THR B 134 18.90 -31.18 -0.15
CA THR B 134 17.62 -31.16 -0.84
C THR B 134 17.17 -29.72 -1.14
N LEU B 135 17.43 -28.80 -0.20
CA LEU B 135 17.08 -27.40 -0.37
C LEU B 135 17.78 -26.82 -1.59
N CYS B 136 19.08 -27.06 -1.70
CA CYS B 136 19.82 -26.52 -2.83
C CYS B 136 19.39 -27.16 -4.14
N ASP B 137 18.93 -28.41 -4.06
CA ASP B 137 18.47 -29.07 -5.26
C ASP B 137 17.23 -28.35 -5.77
N MET B 138 16.28 -28.12 -4.87
CA MET B 138 15.05 -27.40 -5.21
C MET B 138 15.37 -26.05 -5.82
N LEU B 139 16.21 -25.28 -5.12
CA LEU B 139 16.48 -23.91 -5.51
C LEU B 139 17.14 -23.80 -6.87
N ALA B 140 17.89 -24.82 -7.27
CA ALA B 140 18.66 -24.75 -8.50
C ALA B 140 17.71 -24.81 -9.70
N THR B 141 16.60 -25.52 -9.52
CA THR B 141 15.59 -25.57 -10.55
C THR B 141 15.16 -24.14 -10.90
N HIS B 142 15.15 -23.24 -9.92
CA HIS B 142 14.74 -21.84 -10.15
C HIS B 142 15.86 -20.99 -10.73
N ASN B 143 16.92 -21.64 -11.22
CA ASN B 143 18.04 -20.95 -11.86
C ASN B 143 17.56 -19.85 -12.78
N GLY B 144 18.10 -18.64 -12.63
CA GLY B 144 17.71 -17.53 -13.47
C GLY B 144 16.42 -16.81 -13.10
N GLN B 145 15.69 -17.30 -12.10
CA GLN B 145 14.44 -16.67 -11.68
C GLN B 145 14.52 -15.92 -10.31
N SER B 146 13.68 -14.91 -10.12
CA SER B 146 13.55 -14.23 -8.82
C SER B 146 12.47 -14.91 -8.02
N ILE B 147 12.81 -15.30 -6.79
CA ILE B 147 11.93 -16.11 -5.96
C ILE B 147 12.02 -15.69 -4.49
N ASP B 148 11.04 -16.11 -3.71
CA ASP B 148 11.03 -15.90 -2.28
C ASP B 148 11.36 -17.25 -1.63
N ILE B 149 12.50 -17.30 -0.96
CA ILE B 149 13.01 -18.55 -0.39
C ILE B 149 12.46 -18.89 0.98
N SER B 150 11.43 -18.19 1.43
CA SER B 150 10.88 -18.46 2.75
C SER B 150 10.44 -19.91 2.90
N PHE B 151 9.64 -20.42 1.96
CA PHE B 151 9.06 -21.75 2.11
C PHE B 151 10.08 -22.88 1.93
N PRO B 152 10.91 -22.82 0.89
CA PRO B 152 11.99 -23.81 0.83
C PRO B 152 12.79 -23.92 2.17
N VAL B 153 13.32 -22.80 2.68
CA VAL B 153 14.06 -22.82 3.96
C VAL B 153 13.19 -23.36 5.09
N PHE B 154 11.96 -22.87 5.20
CA PHE B 154 11.03 -23.37 6.21
C PHE B 154 10.92 -24.90 6.20
N VAL B 155 10.84 -25.47 4.99
CA VAL B 155 10.70 -26.90 4.83
C VAL B 155 11.94 -27.63 5.34
N ALA B 156 13.11 -27.15 4.93
CA ALA B 156 14.35 -27.78 5.32
C ALA B 156 14.49 -27.85 6.84
N VAL B 157 14.41 -26.69 7.51
CA VAL B 157 14.54 -26.66 8.96
C VAL B 157 13.38 -27.35 9.69
N THR B 158 12.19 -27.38 9.09
CA THR B 158 11.11 -28.21 9.68
C THR B 158 11.51 -29.69 9.66
N ASN B 159 12.19 -30.11 8.60
CA ASN B 159 12.59 -31.51 8.47
C ASN B 159 13.62 -31.90 9.51
N VAL B 160 14.59 -31.01 9.74
CA VAL B 160 15.62 -31.26 10.75
C VAL B 160 15.00 -31.46 12.12
N ILE B 161 14.15 -30.53 12.53
CA ILE B 161 13.52 -30.63 13.82
C ILE B 161 12.62 -31.85 13.90
N SER B 162 12.11 -32.32 12.76
CA SER B 162 11.21 -33.47 12.75
C SER B 162 12.00 -34.76 12.98
N LEU B 163 13.21 -34.82 12.42
CA LEU B 163 14.11 -35.94 12.60
C LEU B 163 14.56 -35.98 14.06
N ILE B 164 14.98 -34.83 14.57
CA ILE B 164 15.39 -34.70 15.96
C ILE B 164 14.25 -35.05 16.92
N CYS B 165 13.01 -34.79 16.51
CA CYS B 165 11.87 -35.04 17.38
C CYS B 165 11.29 -36.44 17.23
N PHE B 166 11.16 -36.91 15.98
CA PHE B 166 10.49 -38.18 15.71
C PHE B 166 11.25 -39.13 14.77
N ASN B 167 12.49 -38.78 14.42
CA ASN B 167 13.26 -39.52 13.41
C ASN B 167 12.54 -39.64 12.07
N THR B 168 11.46 -38.87 11.88
CA THR B 168 10.73 -38.86 10.61
C THR B 168 10.90 -37.51 9.94
N SER B 169 10.45 -37.41 8.69
CA SER B 169 10.59 -36.19 7.92
C SER B 169 9.51 -36.18 6.85
N TYR B 170 9.29 -35.01 6.26
CA TYR B 170 8.25 -34.84 5.23
C TYR B 170 8.89 -34.96 3.87
N LYS B 171 8.20 -35.66 2.98
CA LYS B 171 8.62 -35.73 1.60
C LYS B 171 8.15 -34.46 0.86
N ASN B 172 8.90 -34.10 -0.17
CA ASN B 172 8.56 -32.90 -0.94
C ASN B 172 7.12 -32.97 -1.46
N GLY B 173 6.40 -31.88 -1.29
CA GLY B 173 5.03 -31.79 -1.75
C GLY B 173 3.99 -32.24 -0.73
N ASP B 174 4.43 -32.79 0.39
CA ASP B 174 3.49 -33.15 1.45
C ASP B 174 2.69 -31.89 1.81
N PRO B 175 1.37 -31.90 1.59
CA PRO B 175 0.62 -30.66 1.79
C PRO B 175 0.52 -30.25 3.26
N GLU B 176 0.88 -31.16 4.17
CA GLU B 176 0.93 -30.80 5.59
C GLU B 176 1.93 -29.68 5.87
N LEU B 177 2.98 -29.57 5.06
CA LEU B 177 3.94 -28.50 5.21
C LEU B 177 3.25 -27.13 5.05
N ASN B 178 2.34 -27.05 4.09
CA ASN B 178 1.56 -25.83 3.90
C ASN B 178 0.64 -25.56 5.07
N VAL B 179 0.10 -26.62 5.65
CA VAL B 179 -0.84 -26.48 6.76
C VAL B 179 -0.12 -25.91 7.96
N ILE B 180 1.12 -26.36 8.13
CA ILE B 180 1.94 -25.95 9.25
C ILE B 180 2.32 -24.49 9.09
N GLN B 181 2.75 -24.12 7.89
CA GLN B 181 3.14 -22.75 7.65
C GLN B 181 1.93 -21.85 7.90
N ASN B 182 0.78 -22.32 7.48
CA ASN B 182 -0.43 -21.52 7.61
C ASN B 182 -0.75 -21.20 9.07
N TYR B 183 -0.78 -22.20 9.95
CA TYR B 183 -1.14 -21.92 11.34
C TYR B 183 0.00 -21.27 12.09
N ASN B 184 1.22 -21.52 11.66
CA ASN B 184 2.37 -20.81 12.21
C ASN B 184 2.24 -19.32 11.97
N GLU B 185 1.82 -18.97 10.77
CA GLU B 185 1.72 -17.58 10.37
C GLU B 185 0.63 -16.90 11.21
N GLY B 186 -0.49 -17.61 11.35
CA GLY B 186 -1.60 -17.08 12.07
C GLY B 186 -1.37 -17.04 13.56
N ILE B 187 -0.58 -17.96 14.06
CA ILE B 187 -0.26 -17.98 15.47
C ILE B 187 0.60 -16.76 15.77
N ILE B 188 1.69 -16.61 15.03
CA ILE B 188 2.56 -15.47 15.19
C ILE B 188 1.81 -14.14 15.07
N ASP B 189 0.92 -14.03 14.10
CA ASP B 189 0.27 -12.74 13.89
C ASP B 189 -0.82 -12.34 14.92
N ASN B 190 -1.45 -13.33 15.56
CA ASN B 190 -2.44 -13.08 16.59
C ASN B 190 -1.87 -13.22 18.01
N LEU B 191 -0.60 -13.59 18.11
CA LEU B 191 -0.03 -13.83 19.42
C LEU B 191 0.19 -12.49 20.07
N SER B 192 0.47 -11.51 19.22
CA SER B 192 0.53 -10.12 19.62
C SER B 192 0.51 -9.32 18.33
N LYS B 193 -0.04 -8.11 18.41
CA LYS B 193 0.00 -7.18 17.27
C LYS B 193 1.41 -6.60 17.23
N ASP B 194 1.76 -5.94 18.32
CA ASP B 194 3.04 -5.26 18.51
C ASP B 194 4.06 -6.33 18.89
N SER B 195 5.05 -5.91 19.67
CA SER B 195 5.92 -6.80 20.40
C SER B 195 5.06 -7.64 21.34
N LEU B 196 5.63 -8.74 21.83
CA LEU B 196 4.96 -9.56 22.83
C LEU B 196 4.72 -8.73 24.10
N VAL B 197 5.64 -7.82 24.38
CA VAL B 197 5.42 -6.84 25.43
C VAL B 197 4.27 -5.91 25.05
N ASP B 198 3.11 -6.21 25.60
CA ASP B 198 1.94 -5.38 25.42
C ASP B 198 1.99 -4.30 26.51
N LEU B 199 2.07 -3.04 26.10
CA LEU B 199 2.09 -1.96 27.06
C LEU B 199 0.68 -1.79 27.63
N VAL B 200 -0.28 -1.49 26.75
CA VAL B 200 -1.69 -1.37 27.14
C VAL B 200 -2.41 -2.69 26.82
N PRO B 201 -3.23 -3.21 27.76
CA PRO B 201 -3.97 -4.47 27.53
C PRO B 201 -5.23 -4.32 26.66
N TRP B 202 -5.03 -4.14 25.36
CA TRP B 202 -6.13 -3.81 24.45
C TRP B 202 -7.20 -4.90 24.31
N LEU B 203 -6.81 -6.17 24.21
CA LEU B 203 -7.81 -7.21 23.95
C LEU B 203 -8.69 -7.52 25.16
N LYS B 204 -8.33 -7.01 26.34
CA LYS B 204 -9.17 -7.12 27.52
C LYS B 204 -10.18 -5.95 27.62
N ILE B 205 -9.97 -4.94 26.79
CA ILE B 205 -10.77 -3.72 26.80
C ILE B 205 -11.87 -3.75 25.73
N PHE B 206 -11.46 -3.71 24.46
CA PHE B 206 -12.40 -3.69 23.34
C PHE B 206 -12.85 -5.10 22.93
N PRO B 207 -14.01 -5.20 22.26
CA PRO B 207 -14.44 -6.49 21.71
C PRO B 207 -13.55 -6.87 20.53
N ASN B 208 -13.15 -8.14 20.46
CA ASN B 208 -12.25 -8.58 19.38
C ASN B 208 -12.19 -10.10 19.21
N LYS B 209 -11.86 -10.53 18.00
CA LYS B 209 -11.82 -11.93 17.65
C LYS B 209 -10.41 -12.49 17.77
N THR B 210 -9.52 -11.81 18.48
CA THR B 210 -8.12 -12.24 18.50
C THR B 210 -7.96 -13.62 19.13
N LEU B 211 -8.48 -13.79 20.33
CA LEU B 211 -8.36 -15.07 21.02
C LEU B 211 -9.10 -16.19 20.29
N GLU B 212 -10.21 -15.84 19.63
CA GLU B 212 -10.92 -16.79 18.78
C GLU B 212 -10.03 -17.27 17.65
N LYS B 213 -9.51 -16.31 16.90
CA LYS B 213 -8.60 -16.60 15.81
C LYS B 213 -7.40 -17.41 16.31
N LEU B 214 -6.81 -16.99 17.43
CA LEU B 214 -5.63 -17.66 17.95
C LEU B 214 -5.96 -19.09 18.39
N LYS B 215 -7.06 -19.26 19.10
CA LYS B 215 -7.55 -20.58 19.47
C LYS B 215 -7.77 -21.47 18.27
N SER B 216 -8.33 -20.92 17.20
CA SER B 216 -8.64 -21.77 16.04
C SER B 216 -7.37 -22.23 15.32
N HIS B 217 -6.37 -21.37 15.24
CA HIS B 217 -5.08 -21.77 14.69
C HIS B 217 -4.38 -22.80 15.58
N VAL B 218 -4.52 -22.65 16.88
CA VAL B 218 -3.81 -23.50 17.82
C VAL B 218 -4.51 -24.85 17.91
N LYS B 219 -5.81 -24.88 17.57
CA LYS B 219 -6.55 -26.12 17.52
C LYS B 219 -6.05 -26.99 16.37
N ILE B 220 -5.94 -26.37 15.18
CA ILE B 220 -5.40 -27.10 14.04
C ILE B 220 -4.04 -27.69 14.40
N ARG B 221 -3.21 -26.92 15.06
CA ARG B 221 -1.86 -27.35 15.42
C ARG B 221 -1.86 -28.49 16.44
N ASN B 222 -2.66 -28.34 17.49
CA ASN B 222 -2.81 -29.36 18.50
C ASN B 222 -3.40 -30.68 17.93
N ASP B 223 -4.40 -30.56 17.06
CA ASP B 223 -4.92 -31.73 16.34
C ASP B 223 -3.78 -32.47 15.67
N LEU B 224 -2.96 -31.75 14.91
CA LEU B 224 -1.86 -32.39 14.18
C LEU B 224 -0.85 -33.00 15.15
N LEU B 225 -0.71 -32.41 16.34
CA LEU B 225 0.23 -32.91 17.32
C LEU B 225 -0.32 -34.14 18.00
N ASN B 226 -1.58 -34.08 18.40
CA ASN B 226 -2.29 -35.23 18.97
C ASN B 226 -2.18 -36.43 18.05
N LYS B 227 -2.36 -36.19 16.76
CA LYS B 227 -2.30 -37.26 15.77
C LYS B 227 -0.91 -37.90 15.74
N ILE B 228 0.14 -37.09 15.60
CA ILE B 228 1.50 -37.64 15.59
C ILE B 228 1.80 -38.42 16.86
N LEU B 229 1.21 -38.00 17.97
CA LEU B 229 1.43 -38.67 19.26
C LEU B 229 0.86 -40.08 19.20
N GLU B 230 -0.41 -40.20 18.79
CA GLU B 230 -1.06 -41.50 18.72
C GLU B 230 -0.34 -42.47 17.79
N ASN B 231 -0.02 -42.02 16.58
CA ASN B 231 0.68 -42.87 15.62
C ASN B 231 2.05 -43.33 16.13
N TYR B 232 2.61 -42.60 17.09
CA TYR B 232 3.95 -42.90 17.58
C TYR B 232 3.95 -43.77 18.83
N LYS B 233 2.89 -43.69 19.63
CA LYS B 233 2.76 -44.48 20.85
C LYS B 233 3.10 -45.95 20.61
N GLU B 234 2.64 -46.46 19.47
CA GLU B 234 2.91 -47.84 19.08
C GLU B 234 4.39 -48.05 18.75
N LYS B 235 4.96 -47.14 17.94
CA LYS B 235 6.36 -47.26 17.52
C LYS B 235 7.38 -47.22 18.66
N PHE B 236 6.96 -46.83 19.85
CA PHE B 236 7.91 -46.59 20.95
C PHE B 236 8.38 -47.87 21.66
N ARG B 237 9.70 -48.03 21.74
CA ARG B 237 10.32 -49.14 22.46
C ARG B 237 11.49 -48.65 23.32
N SER B 238 11.35 -48.83 24.62
CA SER B 238 12.31 -48.30 25.61
C SER B 238 13.76 -48.68 25.35
N ASP B 239 13.96 -49.74 24.58
CA ASP B 239 15.31 -50.22 24.25
C ASP B 239 15.96 -49.38 23.17
N SER B 240 15.17 -48.51 22.54
CA SER B 240 15.68 -47.64 21.48
C SER B 240 15.21 -46.19 21.66
N ILE B 241 16.02 -45.42 22.39
CA ILE B 241 15.80 -44.02 22.63
C ILE B 241 16.73 -43.26 21.69
N THR B 242 16.14 -42.63 20.67
CA THR B 242 16.89 -42.06 19.55
C THR B 242 16.49 -40.61 19.24
N ASN B 243 15.29 -40.20 19.65
CA ASN B 243 14.75 -38.89 19.33
C ASN B 243 14.17 -38.21 20.57
N MET B 244 13.56 -37.05 20.40
CA MET B 244 13.06 -36.27 21.52
C MET B 244 11.81 -36.88 22.13
N LEU B 245 10.91 -37.39 21.30
CA LEU B 245 9.67 -37.97 21.83
C LEU B 245 9.93 -39.30 22.59
N ASP B 246 11.08 -39.91 22.37
CA ASP B 246 11.42 -41.14 23.08
C ASP B 246 11.76 -40.76 24.50
N THR B 247 12.68 -39.82 24.58
CA THR B 247 13.13 -39.24 25.82
C THR B 247 11.96 -38.83 26.70
N LEU B 248 10.95 -38.19 26.12
CA LEU B 248 9.80 -37.74 26.91
C LEU B 248 8.97 -38.91 27.41
N MET B 249 8.90 -39.98 26.62
CA MET B 249 8.09 -41.12 26.97
C MET B 249 8.83 -42.03 27.93
N GLN B 250 10.13 -42.17 27.72
CA GLN B 250 10.99 -42.94 28.62
C GLN B 250 10.89 -42.40 30.04
N ALA B 251 10.96 -41.08 30.17
CA ALA B 251 10.96 -40.44 31.47
C ALA B 251 9.58 -40.53 32.13
N LYS B 252 8.53 -40.57 31.31
CA LYS B 252 7.18 -40.72 31.81
C LYS B 252 7.04 -42.07 32.49
N MET B 253 7.60 -43.11 31.86
CA MET B 253 7.48 -44.47 32.37
C MET B 253 8.11 -44.61 33.75
N ASN B 254 9.35 -44.12 33.88
CA ASN B 254 10.12 -44.28 35.10
C ASN B 254 9.40 -43.79 36.36
N SER B 255 8.57 -42.76 36.22
CA SER B 255 7.75 -42.28 37.33
C SER B 255 6.49 -43.14 37.48
N ASP B 265 7.46 -36.44 39.42
CA ASP B 265 6.13 -37.03 39.39
C ASP B 265 5.74 -37.44 37.97
N SER B 266 4.50 -37.92 37.84
CA SER B 266 3.99 -38.40 36.56
C SER B 266 2.91 -37.45 36.01
N GLU B 267 2.47 -36.51 36.85
CA GLU B 267 1.53 -35.48 36.44
C GLU B 267 2.25 -34.43 35.58
N LEU B 268 3.58 -34.46 35.63
CA LEU B 268 4.42 -33.53 34.89
C LEU B 268 4.73 -34.01 33.47
N LEU B 269 4.30 -35.22 33.14
CA LEU B 269 4.61 -35.83 31.86
C LEU B 269 3.35 -36.39 31.23
N SER B 270 2.23 -35.73 31.48
CA SER B 270 0.98 -36.06 30.81
C SER B 270 1.10 -35.81 29.31
N ASP B 271 0.07 -36.18 28.56
CA ASP B 271 0.05 -35.96 27.13
C ASP B 271 0.20 -34.48 26.80
N ASN B 272 -0.67 -33.66 27.37
CA ASN B 272 -0.66 -32.22 27.12
C ASN B 272 0.70 -31.58 27.41
N HIS B 273 1.35 -32.01 28.48
CA HIS B 273 2.69 -31.56 28.77
C HIS B 273 3.68 -31.93 27.65
N ILE B 274 3.58 -33.16 27.16
CA ILE B 274 4.54 -33.66 26.17
C ILE B 274 4.30 -32.96 24.83
N LEU B 275 3.03 -32.79 24.47
CA LEU B 275 2.66 -32.06 23.27
C LEU B 275 3.14 -30.60 23.28
N THR B 276 2.79 -29.86 24.33
CA THR B 276 3.18 -28.45 24.45
C THR B 276 4.69 -28.24 24.32
N THR B 277 5.48 -29.13 24.88
CA THR B 277 6.92 -29.05 24.75
C THR B 277 7.36 -29.31 23.31
N ILE B 278 6.75 -30.31 22.68
CA ILE B 278 7.07 -30.62 21.29
C ILE B 278 6.69 -29.41 20.41
N GLY B 279 5.54 -28.81 20.69
CA GLY B 279 5.13 -27.56 20.06
C GLY B 279 6.18 -26.46 20.14
N ASP B 280 6.72 -26.21 21.34
CA ASP B 280 7.73 -25.16 21.52
C ASP B 280 9.00 -25.45 20.73
N ILE B 281 9.45 -26.69 20.76
CA ILE B 281 10.69 -27.06 20.08
C ILE B 281 10.53 -26.84 18.58
N PHE B 282 9.38 -27.24 18.04
CA PHE B 282 9.06 -27.00 16.65
C PHE B 282 8.98 -25.51 16.32
N GLY B 283 8.15 -24.80 17.07
CA GLY B 283 7.97 -23.37 16.86
C GLY B 283 9.29 -22.64 16.82
N ALA B 284 10.07 -22.80 17.89
CA ALA B 284 11.35 -22.14 18.03
C ALA B 284 12.36 -22.61 16.98
N GLY B 285 12.30 -23.89 16.66
CA GLY B 285 13.25 -24.48 15.74
C GLY B 285 13.11 -23.90 14.36
N VAL B 286 11.87 -23.82 13.89
CA VAL B 286 11.61 -23.44 12.52
C VAL B 286 11.55 -21.93 12.33
N GLU B 287 10.84 -21.24 13.24
CA GLU B 287 10.52 -19.81 13.07
C GLU B 287 11.71 -18.87 13.31
N THR B 288 12.57 -19.23 14.27
CA THR B 288 13.75 -18.43 14.56
C THR B 288 14.81 -18.52 13.46
N THR B 289 15.14 -19.73 13.05
CA THR B 289 16.26 -19.90 12.13
C THR B 289 15.86 -19.47 10.74
N THR B 290 14.62 -19.72 10.37
CA THR B 290 14.11 -19.31 9.08
C THR B 290 14.21 -17.79 8.99
N SER B 291 13.73 -17.12 10.01
CA SER B 291 13.85 -15.67 10.11
C SER B 291 15.28 -15.14 10.05
N VAL B 292 16.24 -15.78 10.70
CA VAL B 292 17.63 -15.29 10.62
C VAL B 292 18.22 -15.49 9.22
N VAL B 293 17.85 -16.58 8.54
CA VAL B 293 18.29 -16.76 7.14
C VAL B 293 17.80 -15.63 6.27
N LYS B 294 16.51 -15.33 6.38
CA LYS B 294 15.94 -14.23 5.63
C LYS B 294 16.67 -12.91 5.92
N TRP B 295 16.93 -12.64 7.20
CA TRP B 295 17.57 -11.38 7.58
C TRP B 295 18.98 -11.34 7.05
N THR B 296 19.70 -12.46 7.13
CA THR B 296 21.09 -12.50 6.68
C THR B 296 21.16 -12.22 5.20
N LEU B 297 20.26 -12.85 4.44
CA LEU B 297 20.20 -12.64 2.99
C LEU B 297 19.80 -11.22 2.67
N ALA B 298 18.89 -10.65 3.48
CA ALA B 298 18.49 -9.27 3.28
C ALA B 298 19.70 -8.38 3.46
N PHE B 299 20.49 -8.63 4.52
CA PHE B 299 21.68 -7.79 4.73
C PHE B 299 22.73 -7.95 3.65
N LEU B 300 22.89 -9.17 3.11
CA LEU B 300 23.91 -9.34 2.06
C LEU B 300 23.54 -8.67 0.73
N LEU B 301 22.26 -8.64 0.38
CA LEU B 301 21.81 -7.85 -0.76
C LEU B 301 22.05 -6.34 -0.61
N HIS B 302 22.03 -5.83 0.63
CA HIS B 302 22.30 -4.41 0.86
C HIS B 302 23.78 -4.12 0.94
N ASN B 303 24.58 -5.18 1.07
CA ASN B 303 26.02 -5.05 1.24
C ASN B 303 26.82 -5.98 0.33
N PRO B 304 26.87 -5.68 -0.98
CA PRO B 304 27.63 -6.47 -1.95
C PRO B 304 29.09 -6.73 -1.52
N GLN B 305 29.83 -5.68 -1.20
CA GLN B 305 31.22 -5.81 -0.73
C GLN B 305 31.40 -6.97 0.24
N VAL B 306 30.58 -7.02 1.28
CA VAL B 306 30.67 -8.11 2.24
C VAL B 306 30.37 -9.44 1.57
N LYS B 307 29.47 -9.42 0.58
CA LYS B 307 29.05 -10.65 -0.09
C LYS B 307 30.16 -11.14 -1.01
N LYS B 308 30.82 -10.22 -1.69
CA LYS B 308 31.98 -10.54 -2.51
C LYS B 308 33.06 -11.26 -1.67
N LYS B 309 33.46 -10.65 -0.56
CA LYS B 309 34.50 -11.22 0.29
C LYS B 309 34.11 -12.58 0.85
N LEU B 310 32.82 -12.79 1.02
CA LEU B 310 32.35 -14.10 1.47
C LEU B 310 32.57 -15.12 0.36
N TYR B 311 32.30 -14.72 -0.89
CA TYR B 311 32.47 -15.64 -2.01
C TYR B 311 33.92 -16.05 -2.09
N GLU B 312 34.80 -15.05 -2.05
CA GLU B 312 36.23 -15.30 -2.11
C GLU B 312 36.66 -16.16 -0.95
N GLU B 313 36.17 -15.84 0.24
CA GLU B 313 36.52 -16.63 1.42
C GLU B 313 36.14 -18.10 1.28
N ILE B 314 34.94 -18.40 0.79
CA ILE B 314 34.52 -19.80 0.69
C ILE B 314 35.25 -20.51 -0.46
N ASP B 315 35.65 -19.74 -1.46
CA ASP B 315 36.33 -20.27 -2.64
C ASP B 315 37.76 -20.70 -2.32
N GLN B 316 38.39 -20.02 -1.37
CA GLN B 316 39.77 -20.29 -1.04
C GLN B 316 39.95 -21.34 0.06
N ASN B 317 38.90 -21.58 0.86
CA ASN B 317 39.01 -22.50 2.01
C ASN B 317 38.19 -23.78 1.93
N VAL B 318 37.16 -23.79 1.09
CA VAL B 318 36.36 -24.99 0.89
C VAL B 318 36.52 -25.46 -0.54
N GLY B 319 36.44 -24.51 -1.48
CA GLY B 319 36.50 -24.83 -2.88
C GLY B 319 35.27 -25.58 -3.35
N PHE B 320 35.38 -26.26 -4.48
CA PHE B 320 34.26 -27.01 -5.04
C PHE B 320 34.53 -28.51 -5.00
N SER B 321 35.64 -28.88 -4.37
CA SER B 321 36.04 -30.28 -4.23
C SER B 321 35.17 -31.00 -3.20
N ARG B 322 34.31 -30.24 -2.52
CA ARG B 322 33.46 -30.78 -1.45
C ARG B 322 32.49 -29.72 -0.97
N THR B 323 31.50 -30.15 -0.19
CA THR B 323 30.52 -29.26 0.41
C THR B 323 30.98 -28.85 1.83
N PRO B 324 30.61 -27.63 2.25
CA PRO B 324 31.10 -27.16 3.55
C PRO B 324 30.63 -28.01 4.73
N THR B 325 31.44 -27.96 5.78
CA THR B 325 31.23 -28.77 6.97
C THR B 325 31.29 -27.85 8.19
N ILE B 326 30.86 -28.32 9.35
CA ILE B 326 30.97 -27.52 10.58
C ILE B 326 32.43 -27.11 10.85
N SER B 327 33.37 -27.97 10.52
CA SER B 327 34.79 -27.70 10.77
C SER B 327 35.29 -26.50 9.97
N ASP B 328 34.48 -26.04 9.01
CA ASP B 328 34.86 -24.88 8.19
C ASP B 328 34.64 -23.57 8.93
N ARG B 329 33.89 -23.61 10.02
CA ARG B 329 33.66 -22.37 10.77
C ARG B 329 34.96 -21.90 11.43
N ASN B 330 35.95 -22.78 11.49
CA ASN B 330 37.29 -22.42 11.91
C ASN B 330 38.05 -21.64 10.81
N ARG B 331 37.59 -21.75 9.57
CA ARG B 331 38.25 -21.11 8.42
C ARG B 331 37.41 -19.99 7.79
N LEU B 332 36.08 -20.16 7.78
CA LEU B 332 35.17 -19.16 7.24
C LEU B 332 34.79 -18.11 8.30
N LEU B 333 35.79 -17.36 8.76
CA LEU B 333 35.60 -16.45 9.88
C LEU B 333 34.64 -15.32 9.55
N LEU B 334 34.77 -14.77 8.35
CA LEU B 334 33.89 -13.69 7.93
C LEU B 334 32.45 -14.17 7.83
N LEU B 335 32.23 -15.47 7.65
CA LEU B 335 30.87 -15.98 7.63
C LEU B 335 30.32 -16.03 9.03
N GLU B 336 31.14 -16.47 9.98
CA GLU B 336 30.73 -16.52 11.37
C GLU B 336 30.53 -15.13 11.93
N ALA B 337 31.37 -14.20 11.48
CA ALA B 337 31.25 -12.81 11.88
C ALA B 337 29.94 -12.22 11.34
N THR B 338 29.67 -12.47 10.06
CA THR B 338 28.43 -12.05 9.42
C THR B 338 27.17 -12.53 10.19
N ILE B 339 27.12 -13.79 10.59
CA ILE B 339 25.97 -14.29 11.33
C ILE B 339 25.83 -13.61 12.69
N ARG B 340 26.97 -13.30 13.29
CA ARG B 340 26.97 -12.67 14.61
C ARG B 340 26.41 -11.27 14.51
N GLU B 341 26.78 -10.58 13.46
CA GLU B 341 26.41 -9.20 13.30
C GLU B 341 24.92 -9.11 13.01
N VAL B 342 24.39 -10.06 12.25
CA VAL B 342 22.99 -10.04 11.95
C VAL B 342 22.23 -10.22 13.24
N LEU B 343 22.76 -11.07 14.12
CA LEU B 343 22.09 -11.35 15.39
C LEU B 343 22.26 -10.21 16.37
N ARG B 344 23.23 -9.34 16.13
CA ARG B 344 23.36 -8.13 16.92
C ARG B 344 22.31 -7.11 16.45
N LEU B 345 22.28 -6.80 15.16
CA LEU B 345 21.40 -5.74 14.63
C LEU B 345 19.93 -6.06 14.69
N ARG B 346 19.60 -7.32 14.41
CA ARG B 346 18.24 -7.77 14.37
C ARG B 346 18.15 -9.02 15.20
N PRO B 347 18.12 -8.85 16.52
CA PRO B 347 17.99 -10.04 17.34
C PRO B 347 16.59 -10.65 17.21
N VAL B 348 16.51 -11.96 17.06
CA VAL B 348 15.24 -12.66 16.88
C VAL B 348 14.17 -12.25 17.90
N ALA B 349 14.60 -11.97 19.12
CA ALA B 349 13.70 -11.54 20.20
C ALA B 349 14.28 -10.29 20.87
N PRO B 350 14.00 -9.09 20.33
CA PRO B 350 14.65 -7.87 20.81
C PRO B 350 14.36 -7.55 22.28
N MET B 351 13.34 -8.17 22.84
CA MET B 351 13.13 -8.09 24.28
C MET B 351 13.07 -9.46 24.97
N LEU B 352 13.97 -10.36 24.57
CA LEU B 352 13.91 -11.76 24.99
C LEU B 352 12.46 -12.22 25.07
N ILE B 353 12.10 -12.84 26.19
CA ILE B 353 10.72 -13.16 26.48
C ILE B 353 10.57 -12.58 27.88
N PRO B 354 9.39 -12.04 28.22
CA PRO B 354 9.28 -11.43 29.55
C PRO B 354 9.63 -12.35 30.71
N HIS B 355 10.35 -11.80 31.69
CA HIS B 355 10.64 -12.51 32.95
C HIS B 355 9.72 -12.05 34.08
N LYS B 356 9.80 -12.74 35.20
CA LYS B 356 9.03 -12.40 36.37
C LYS B 356 9.83 -12.71 37.64
N ALA B 357 9.70 -11.84 38.64
CA ALA B 357 10.32 -12.06 39.96
C ALA B 357 9.55 -13.13 40.75
N ASN B 358 10.20 -14.26 40.95
CA ASN B 358 9.65 -15.33 41.75
C ASN B 358 9.57 -14.96 43.21
N VAL B 359 10.50 -14.12 43.67
CA VAL B 359 10.60 -13.72 45.06
C VAL B 359 10.87 -12.21 45.13
N ASP B 360 10.72 -11.60 46.31
CA ASP B 360 11.21 -10.23 46.49
C ASP B 360 12.71 -10.22 46.25
N SER B 361 13.18 -9.27 45.45
CA SER B 361 14.60 -9.22 45.11
C SER B 361 15.03 -7.81 44.76
N SER B 362 16.13 -7.68 44.04
CA SER B 362 16.59 -6.37 43.62
C SER B 362 17.37 -6.37 42.31
N ILE B 363 17.35 -5.25 41.62
CA ILE B 363 18.15 -5.03 40.44
C ILE B 363 18.85 -3.68 40.64
N GLY B 364 20.18 -3.68 40.50
CA GLY B 364 20.97 -2.48 40.74
C GLY B 364 20.70 -1.89 42.13
N GLU B 365 20.36 -2.76 43.07
CA GLU B 365 19.98 -2.36 44.42
C GLU B 365 18.67 -1.57 44.51
N PHE B 366 17.87 -1.64 43.46
CA PHE B 366 16.48 -1.19 43.55
C PHE B 366 15.55 -2.34 43.90
N ALA B 367 14.56 -2.10 44.76
CA ALA B 367 13.65 -3.15 45.19
C ALA B 367 12.71 -3.57 44.07
N VAL B 368 12.59 -4.88 43.89
CA VAL B 368 11.65 -5.49 42.95
C VAL B 368 10.84 -6.55 43.68
N ASP B 369 9.54 -6.32 43.80
CA ASP B 369 8.65 -7.25 44.50
C ASP B 369 8.33 -8.49 43.69
N LYS B 370 7.88 -9.50 44.41
CA LYS B 370 7.37 -10.75 43.87
C LYS B 370 6.27 -10.50 42.84
N GLY B 371 6.38 -11.15 41.69
CA GLY B 371 5.34 -11.04 40.66
C GLY B 371 5.58 -9.95 39.64
N THR B 372 6.66 -9.19 39.81
CA THR B 372 6.94 -8.07 38.93
C THR B 372 7.47 -8.62 37.63
N GLU B 373 6.92 -8.12 36.53
CA GLU B 373 7.39 -8.50 35.20
C GLU B 373 8.68 -7.74 34.97
N VAL B 374 9.69 -8.40 34.43
CA VAL B 374 10.97 -7.76 34.12
C VAL B 374 11.35 -8.03 32.68
N ILE B 375 11.52 -6.97 31.91
CA ILE B 375 11.88 -7.10 30.51
C ILE B 375 13.30 -6.63 30.25
N ILE B 376 14.09 -7.51 29.64
CA ILE B 376 15.41 -7.17 29.17
C ILE B 376 15.23 -6.61 27.79
N ASN B 377 15.77 -5.43 27.58
CA ASN B 377 15.71 -4.77 26.30
C ASN B 377 17.00 -5.04 25.55
N LEU B 378 17.03 -6.18 24.87
CA LEU B 378 18.19 -6.61 24.10
C LEU B 378 18.57 -5.60 23.03
N TRP B 379 17.57 -4.96 22.43
CA TRP B 379 17.82 -3.95 21.42
C TRP B 379 18.72 -2.86 21.99
N ALA B 380 18.45 -2.46 23.21
CA ALA B 380 19.23 -1.42 23.86
C ALA B 380 20.68 -1.88 24.09
N LEU B 381 20.85 -3.12 24.56
CA LEU B 381 22.19 -3.68 24.75
C LEU B 381 22.99 -3.78 23.46
N HIS B 382 22.32 -4.04 22.33
CA HIS B 382 23.02 -4.23 21.06
C HIS B 382 23.22 -2.96 20.23
N HIS B 383 22.74 -1.82 20.74
CA HIS B 383 22.93 -0.52 20.04
C HIS B 383 23.49 0.57 20.95
N ASN B 384 23.83 0.18 22.17
CA ASN B 384 24.50 1.08 23.11
C ASN B 384 25.73 1.66 22.45
N GLU B 385 25.75 2.97 22.29
CA GLU B 385 26.82 3.66 21.59
C GLU B 385 28.16 3.58 22.33
N LYS B 386 28.10 3.26 23.62
CA LYS B 386 29.32 3.14 24.44
C LYS B 386 29.97 1.77 24.31
N GLU B 387 29.17 0.78 23.95
CA GLU B 387 29.67 -0.59 23.91
C GLU B 387 29.99 -1.06 22.51
N TRP B 388 29.50 -0.34 21.51
CA TRP B 388 29.69 -0.73 20.12
C TRP B 388 30.09 0.46 19.26
N HIS B 389 30.97 0.22 18.30
CA HIS B 389 31.35 1.26 17.37
C HIS B 389 30.38 1.31 16.21
N GLN B 390 29.75 2.46 16.00
CA GLN B 390 28.77 2.66 14.92
C GLN B 390 27.75 1.52 14.88
N PRO B 391 26.94 1.40 15.94
CA PRO B 391 26.06 0.25 16.14
C PRO B 391 24.92 0.20 15.15
N ASP B 392 24.67 1.33 14.50
CA ASP B 392 23.64 1.45 13.47
C ASP B 392 24.06 0.70 12.20
N GLN B 393 25.37 0.63 11.97
CA GLN B 393 25.90 0.07 10.75
C GLN B 393 26.14 -1.44 10.79
N PHE B 394 25.92 -2.06 9.63
CA PHE B 394 26.16 -3.49 9.45
C PHE B 394 27.63 -3.65 9.10
N MET B 395 28.38 -4.20 10.04
CA MET B 395 29.83 -4.14 10.01
C MET B 395 30.36 -5.42 10.63
N PRO B 396 30.39 -6.52 9.84
CA PRO B 396 30.77 -7.83 10.37
C PRO B 396 32.21 -7.87 10.86
N GLU B 397 33.00 -6.91 10.43
CA GLU B 397 34.41 -6.84 10.81
C GLU B 397 34.56 -6.63 12.31
N ARG B 398 33.60 -5.93 12.94
CA ARG B 398 33.64 -5.69 14.38
C ARG B 398 33.88 -6.97 15.17
N PHE B 399 33.50 -8.11 14.61
CA PHE B 399 33.74 -9.41 15.26
C PHE B 399 35.07 -10.03 14.85
N LEU B 400 35.89 -9.27 14.13
CA LEU B 400 37.20 -9.72 13.67
C LEU B 400 38.32 -8.76 14.07
N ASN B 401 39.46 -9.33 14.46
CA ASN B 401 40.68 -8.56 14.69
C ASN B 401 41.15 -7.86 13.41
N PRO B 402 42.01 -6.84 13.56
CA PRO B 402 42.34 -6.00 12.39
C PRO B 402 43.01 -6.79 11.26
N ALA B 403 43.65 -7.90 11.61
CA ALA B 403 44.28 -8.74 10.59
C ALA B 403 43.19 -9.44 9.80
N GLY B 404 42.18 -9.91 10.50
CA GLY B 404 41.13 -10.70 9.91
C GLY B 404 41.38 -12.18 10.09
N THR B 405 42.11 -12.53 11.14
CA THR B 405 42.60 -13.90 11.32
C THR B 405 41.97 -14.62 12.51
N GLN B 406 41.20 -13.93 13.34
CA GLN B 406 40.39 -14.62 14.33
C GLN B 406 39.16 -13.84 14.77
N LEU B 407 38.25 -14.57 15.40
CA LEU B 407 37.01 -14.02 15.90
C LEU B 407 37.24 -13.46 17.30
N ILE B 408 36.52 -12.39 17.63
CA ILE B 408 36.64 -11.73 18.92
C ILE B 408 35.26 -11.35 19.45
N SER B 409 35.22 -10.94 20.71
CA SER B 409 34.01 -10.37 21.30
C SER B 409 34.28 -8.92 21.65
N PRO B 410 34.00 -8.00 20.69
CA PRO B 410 34.31 -6.59 20.91
C PRO B 410 33.52 -5.98 22.06
N SER B 411 32.48 -6.66 22.54
CA SER B 411 31.66 -6.16 23.64
C SER B 411 31.10 -7.28 24.49
N VAL B 412 30.82 -6.97 25.76
CA VAL B 412 30.14 -7.90 26.66
C VAL B 412 28.62 -7.68 26.60
N SER B 413 28.20 -6.64 25.87
CA SER B 413 26.79 -6.29 25.76
C SER B 413 26.10 -6.94 24.54
N TYR B 414 26.08 -8.27 24.51
CA TYR B 414 25.67 -9.00 23.32
C TYR B 414 25.13 -10.33 23.82
N LEU B 415 23.81 -10.49 23.80
CA LEU B 415 23.15 -11.68 24.34
C LEU B 415 22.02 -12.18 23.45
N PRO B 416 22.33 -12.49 22.18
CA PRO B 416 21.28 -12.91 21.24
C PRO B 416 20.51 -14.13 21.72
N PHE B 417 21.15 -14.97 22.53
CA PHE B 417 20.51 -16.18 23.03
C PHE B 417 20.13 -16.11 24.51
N GLY B 418 20.24 -14.91 25.09
CA GLY B 418 19.88 -14.74 26.47
C GLY B 418 20.99 -15.31 27.33
N ALA B 419 20.65 -15.78 28.53
CA ALA B 419 21.63 -16.26 29.49
C ALA B 419 20.99 -16.77 30.78
N GLY B 420 21.67 -17.66 31.46
CA GLY B 420 21.20 -18.12 32.74
C GLY B 420 20.07 -19.10 32.57
N PRO B 421 19.22 -19.24 33.59
CA PRO B 421 18.24 -20.34 33.66
C PRO B 421 17.19 -20.38 32.55
N ARG B 422 16.87 -19.25 31.90
CA ARG B 422 15.89 -19.26 30.81
C ARG B 422 16.55 -19.07 29.45
N SER B 423 17.86 -19.23 29.41
CA SER B 423 18.60 -19.03 28.17
C SER B 423 18.14 -20.02 27.10
N CYS B 424 18.39 -19.69 25.83
CA CYS B 424 18.11 -20.59 24.72
C CYS B 424 18.71 -22.00 24.94
N ILE B 425 17.91 -23.03 24.74
CA ILE B 425 18.41 -24.41 24.79
C ILE B 425 18.85 -24.95 23.43
N GLY B 426 18.44 -24.29 22.34
CA GLY B 426 18.70 -24.77 21.00
C GLY B 426 19.75 -23.97 20.25
N GLU B 427 20.63 -23.31 20.99
CA GLU B 427 21.63 -22.41 20.38
C GLU B 427 22.67 -23.10 19.50
N ILE B 428 23.14 -24.29 19.91
CA ILE B 428 24.17 -24.98 19.12
C ILE B 428 23.54 -25.41 17.80
N LEU B 429 22.38 -26.03 17.89
CA LEU B 429 21.62 -26.33 16.71
C LEU B 429 21.54 -25.11 15.79
N ALA B 430 21.17 -23.94 16.34
CA ALA B 430 20.91 -22.75 15.53
C ALA B 430 22.14 -22.24 14.80
N ARG B 431 23.25 -22.12 15.52
CA ARG B 431 24.44 -21.52 14.93
C ARG B 431 25.02 -22.43 13.84
N GLN B 432 24.83 -23.74 14.01
CA GLN B 432 25.31 -24.71 13.02
C GLN B 432 24.45 -24.65 11.76
N GLU B 433 23.13 -24.78 11.95
CA GLU B 433 22.18 -24.68 10.86
C GLU B 433 22.45 -23.45 10.03
N LEU B 434 22.49 -22.30 10.68
CA LEU B 434 22.72 -21.02 10.00
C LEU B 434 24.03 -20.98 9.27
N PHE B 435 25.09 -21.49 9.91
CA PHE B 435 26.41 -21.41 9.31
C PHE B 435 26.46 -22.24 8.03
N LEU B 436 25.91 -23.44 8.11
CA LEU B 436 25.87 -24.37 6.98
C LEU B 436 24.90 -23.96 5.87
N ILE B 437 23.68 -23.58 6.24
CA ILE B 437 22.75 -23.04 5.25
C ILE B 437 23.43 -21.93 4.48
N MET B 438 24.08 -21.00 5.17
CA MET B 438 24.69 -19.88 4.47
C MET B 438 25.91 -20.30 3.66
N ALA B 439 26.69 -21.23 4.21
CA ALA B 439 27.90 -21.69 3.52
C ALA B 439 27.57 -22.38 2.21
N TRP B 440 26.65 -23.34 2.26
CA TRP B 440 26.23 -24.08 1.06
C TRP B 440 25.69 -23.20 -0.06
N LEU B 441 24.77 -22.31 0.28
CA LEU B 441 24.20 -21.37 -0.68
C LEU B 441 25.26 -20.52 -1.39
N LEU B 442 26.21 -20.00 -0.63
CA LEU B 442 27.23 -19.12 -1.21
C LEU B 442 28.21 -19.90 -2.08
N GLN B 443 28.48 -21.14 -1.71
CA GLN B 443 29.27 -22.02 -2.57
C GLN B 443 28.59 -22.23 -3.92
N ARG B 444 27.28 -22.48 -3.89
CA ARG B 444 26.55 -22.94 -5.10
C ARG B 444 25.86 -21.86 -5.92
N PHE B 445 25.40 -20.78 -5.28
CA PHE B 445 24.54 -19.80 -5.94
C PHE B 445 25.05 -18.37 -5.92
N ASP B 446 24.83 -17.68 -7.02
CA ASP B 446 24.86 -16.23 -7.04
C ASP B 446 23.48 -15.76 -6.56
N LEU B 447 23.47 -14.77 -5.68
CA LEU B 447 22.25 -14.29 -5.06
C LEU B 447 22.23 -12.81 -5.23
N GLU B 448 21.37 -12.33 -6.13
CA GLU B 448 21.35 -10.92 -6.45
C GLU B 448 19.97 -10.31 -6.29
N VAL B 449 19.94 -8.99 -6.29
CA VAL B 449 18.71 -8.22 -6.32
C VAL B 449 17.88 -8.65 -7.54
N PRO B 450 16.55 -8.78 -7.39
CA PRO B 450 15.71 -9.07 -8.57
C PRO B 450 15.86 -8.00 -9.63
N ASP B 451 15.41 -8.29 -10.85
CA ASP B 451 15.63 -7.40 -12.00
C ASP B 451 14.85 -6.10 -11.88
N ASP B 452 13.79 -6.10 -11.09
CA ASP B 452 13.06 -4.88 -10.76
C ASP B 452 13.86 -3.91 -9.89
N GLY B 453 14.97 -4.37 -9.31
CA GLY B 453 15.86 -3.50 -8.56
C GLY B 453 15.46 -3.32 -7.10
N GLN B 454 14.36 -3.93 -6.69
CA GLN B 454 13.84 -3.78 -5.33
C GLN B 454 14.70 -4.49 -4.29
N LEU B 455 15.15 -3.71 -3.30
CA LEU B 455 15.83 -4.22 -2.12
C LEU B 455 14.85 -4.48 -0.99
N PRO B 456 15.08 -5.51 -0.16
CA PRO B 456 14.14 -5.66 0.96
C PRO B 456 14.27 -4.53 1.97
N SER B 457 13.19 -4.25 2.71
CA SER B 457 13.25 -3.27 3.77
C SER B 457 13.83 -3.93 4.99
N LEU B 458 14.77 -3.25 5.64
CA LEU B 458 15.39 -3.78 6.85
C LEU B 458 14.72 -3.26 8.12
N GLU B 459 13.57 -2.61 8.00
CA GLU B 459 12.87 -2.03 9.15
C GLU B 459 12.36 -3.12 10.09
N GLY B 460 11.90 -4.22 9.50
CA GLY B 460 11.39 -5.33 10.28
C GLY B 460 9.95 -5.18 10.70
N ILE B 461 9.40 -6.27 11.21
CA ILE B 461 8.04 -6.31 11.71
C ILE B 461 8.11 -6.98 13.07
N PRO B 462 8.08 -6.18 14.15
CA PRO B 462 8.21 -6.81 15.46
C PRO B 462 6.96 -7.59 15.88
N LYS B 463 7.08 -8.90 15.82
CA LYS B 463 6.11 -9.79 16.44
C LYS B 463 6.81 -10.48 17.62
N VAL B 464 6.30 -11.62 18.04
CA VAL B 464 7.01 -12.44 19.02
C VAL B 464 8.38 -12.80 18.46
N VAL B 465 8.47 -12.82 17.13
CA VAL B 465 9.75 -12.90 16.44
C VAL B 465 9.93 -11.60 15.65
N PHE B 466 11.15 -11.12 15.53
CA PHE B 466 11.42 -9.91 14.76
C PHE B 466 11.54 -10.29 13.29
N LEU B 467 10.42 -10.27 12.57
CA LEU B 467 10.38 -10.68 11.17
C LEU B 467 10.86 -9.59 10.22
N ILE B 468 11.24 -10.03 9.03
CA ILE B 468 11.49 -9.13 7.94
C ILE B 468 10.40 -9.38 6.92
N ASP B 469 10.05 -8.35 6.15
CA ASP B 469 9.05 -8.47 5.10
C ASP B 469 9.53 -9.43 4.05
N SER B 470 8.60 -10.20 3.49
CA SER B 470 8.94 -11.07 2.38
C SER B 470 9.57 -10.26 1.26
N PHE B 471 10.55 -10.84 0.62
CA PHE B 471 11.21 -10.20 -0.47
C PHE B 471 11.64 -11.28 -1.42
N LYS B 472 12.16 -10.89 -2.56
CA LYS B 472 12.55 -11.83 -3.59
C LYS B 472 14.03 -11.74 -3.83
N VAL B 473 14.64 -12.88 -4.13
CA VAL B 473 16.04 -12.88 -4.50
C VAL B 473 16.19 -13.59 -5.84
N LYS B 474 17.01 -13.00 -6.72
CA LYS B 474 17.35 -13.61 -7.98
C LYS B 474 18.47 -14.60 -7.76
N ILE B 475 18.21 -15.85 -8.12
CA ILE B 475 19.10 -16.94 -7.79
C ILE B 475 19.66 -17.55 -9.06
N LYS B 476 20.97 -17.74 -9.07
CA LYS B 476 21.66 -18.32 -10.22
C LYS B 476 22.75 -19.28 -9.75
N VAL B 477 22.87 -20.42 -10.42
CA VAL B 477 23.97 -21.33 -10.15
C VAL B 477 25.25 -20.64 -10.58
N ARG B 478 26.26 -20.68 -9.72
CA ARG B 478 27.53 -20.02 -9.99
C ARG B 478 28.23 -20.78 -11.09
N GLN B 479 28.87 -20.04 -12.00
CA GLN B 479 29.63 -20.64 -13.10
C GLN B 479 30.70 -21.58 -12.56
N ALA B 480 31.38 -21.14 -11.51
CA ALA B 480 32.45 -21.92 -10.89
C ALA B 480 31.94 -23.25 -10.36
N TRP B 481 30.71 -23.26 -9.84
CA TRP B 481 30.14 -24.49 -9.33
C TRP B 481 29.81 -25.43 -10.49
N ARG B 482 29.42 -24.83 -11.62
CA ARG B 482 29.19 -25.57 -12.86
C ARG B 482 30.51 -26.04 -13.45
N GLU B 483 31.44 -25.11 -13.62
CA GLU B 483 32.74 -25.39 -14.22
C GLU B 483 33.45 -26.58 -13.57
N ALA B 484 33.04 -26.89 -12.34
CA ALA B 484 33.60 -28.01 -11.59
C ALA B 484 32.62 -29.17 -11.45
N GLN B 485 31.54 -29.13 -12.26
CA GLN B 485 30.40 -30.05 -12.14
C GLN B 485 30.16 -30.58 -10.72
N LEU C 13 15.54 -0.75 49.88
CA LEU C 13 15.15 0.56 50.44
C LEU C 13 14.90 1.60 49.35
N LEU C 14 15.52 1.39 48.20
CA LEU C 14 15.44 2.29 47.08
C LEU C 14 14.28 1.88 46.16
N SER C 15 13.73 2.85 45.43
CA SER C 15 12.63 2.58 44.52
C SER C 15 12.90 3.17 43.13
N LEU C 16 12.49 2.43 42.11
CA LEU C 16 12.74 2.79 40.72
C LEU C 16 11.89 3.96 40.28
N PRO C 17 12.36 4.68 39.25
CA PRO C 17 11.52 5.64 38.54
C PRO C 17 10.28 4.94 38.00
N LEU C 18 9.09 5.39 38.38
CA LEU C 18 7.85 4.99 37.73
C LEU C 18 7.54 6.05 36.66
N VAL C 19 7.70 5.70 35.39
CA VAL C 19 7.65 6.69 34.31
C VAL C 19 6.36 6.64 33.47
N GLY C 20 5.46 5.73 33.81
CA GLY C 20 4.19 5.62 33.15
C GLY C 20 3.22 5.01 34.13
N SER C 21 1.98 5.46 34.10
CA SER C 21 0.95 4.80 34.89
C SER C 21 -0.44 4.97 34.29
N LEU C 22 -1.15 3.85 34.18
CA LEU C 22 -2.58 3.83 33.91
C LEU C 22 -3.22 3.09 35.07
N PRO C 23 -3.40 3.79 36.21
CA PRO C 23 -3.86 3.17 37.45
C PRO C 23 -5.17 2.39 37.29
N PHE C 24 -6.03 2.88 36.42
CA PHE C 24 -7.35 2.28 36.22
C PHE C 24 -7.50 1.92 34.75
N LEU C 25 -8.08 0.75 34.50
CA LEU C 25 -8.39 0.33 33.14
C LEU C 25 -9.87 0.03 33.07
N PRO C 26 -10.50 0.35 31.93
CA PRO C 26 -11.92 0.01 31.86
C PRO C 26 -12.06 -1.50 31.92
N ARG C 27 -12.81 -2.01 32.90
CA ARG C 27 -13.00 -3.45 33.01
C ARG C 27 -13.63 -3.94 31.71
N HIS C 28 -14.85 -3.50 31.44
CA HIS C 28 -15.51 -3.69 30.14
C HIS C 28 -16.58 -2.63 29.95
N GLY C 29 -17.23 -2.64 28.79
CA GLY C 29 -18.35 -1.75 28.55
C GLY C 29 -18.00 -0.57 27.67
N HIS C 30 -19.03 0.22 27.35
CA HIS C 30 -18.88 1.38 26.47
C HIS C 30 -17.98 2.44 27.06
N MET C 31 -17.10 2.97 26.22
CA MET C 31 -16.12 3.94 26.69
C MET C 31 -16.83 5.11 27.37
N HIS C 32 -17.92 5.57 26.78
CA HIS C 32 -18.53 6.81 27.26
C HIS C 32 -19.12 6.61 28.66
N ASN C 33 -19.51 5.38 28.97
CA ASN C 33 -20.00 5.09 30.30
C ASN C 33 -18.87 4.90 31.30
N ASN C 34 -17.70 4.43 30.87
CA ASN C 34 -16.57 4.29 31.77
C ASN C 34 -15.94 5.63 32.11
N PHE C 35 -15.88 6.53 31.13
CA PHE C 35 -15.42 7.90 31.35
C PHE C 35 -16.33 8.57 32.39
N PHE C 36 -17.61 8.26 32.29
CA PHE C 36 -18.59 8.75 33.25
C PHE C 36 -18.28 8.26 34.67
N LYS C 37 -18.09 6.94 34.82
CA LYS C 37 -17.77 6.36 36.13
C LYS C 37 -16.52 6.98 36.77
N LEU C 38 -15.49 7.19 35.96
CA LEU C 38 -14.29 7.85 36.42
C LEU C 38 -14.53 9.22 37.05
N GLN C 39 -15.72 9.78 36.86
CA GLN C 39 -16.01 11.14 37.35
C GLN C 39 -16.19 11.15 38.85
N LYS C 40 -16.67 10.04 39.39
CA LYS C 40 -16.83 9.90 40.83
C LYS C 40 -15.47 10.03 41.50
N LYS C 41 -14.45 9.46 40.89
CA LYS C 41 -13.09 9.61 41.39
C LYS C 41 -12.47 10.98 41.10
N TYR C 42 -12.63 11.50 39.87
CA TYR C 42 -11.78 12.62 39.42
C TYR C 42 -12.48 13.93 39.19
N GLY C 43 -13.81 13.95 39.26
CA GLY C 43 -14.56 15.14 38.93
C GLY C 43 -15.07 15.12 37.51
N PRO C 44 -15.58 16.26 37.02
CA PRO C 44 -16.19 16.38 35.69
C PRO C 44 -15.22 16.82 34.60
N ILE C 45 -13.95 16.97 34.91
CA ILE C 45 -12.97 17.25 33.88
C ILE C 45 -11.62 16.69 34.28
N TYR C 46 -11.14 15.71 33.51
CA TYR C 46 -9.82 15.15 33.69
C TYR C 46 -9.08 14.97 32.34
N SER C 47 -7.80 14.61 32.43
CA SER C 47 -6.99 14.46 31.25
C SER C 47 -6.23 13.15 31.28
N VAL C 48 -5.74 12.75 30.11
CA VAL C 48 -4.85 11.62 29.92
C VAL C 48 -3.71 12.10 29.03
N ARG C 49 -2.51 11.61 29.28
CA ARG C 49 -1.35 12.02 28.49
C ARG C 49 -0.63 10.81 27.96
N MET C 50 -0.26 10.86 26.68
CA MET C 50 0.51 9.78 26.05
C MET C 50 1.53 10.43 25.15
N GLY C 51 2.80 10.24 25.46
CA GLY C 51 3.83 11.03 24.83
C GLY C 51 3.49 12.50 24.93
N THR C 52 3.49 13.21 23.81
CA THR C 52 3.21 14.64 23.77
C THR C 52 1.71 14.95 23.58
N LYS C 53 0.89 13.92 23.38
CA LYS C 53 -0.55 14.14 23.23
C LYS C 53 -1.25 14.18 24.59
N THR C 54 -2.06 15.19 24.82
CA THR C 54 -2.97 15.23 25.95
C THR C 54 -4.41 15.21 25.46
N THR C 55 -5.26 14.47 26.14
CA THR C 55 -6.69 14.48 25.90
C THR C 55 -7.45 14.82 27.17
N VAL C 56 -8.42 15.71 27.04
CA VAL C 56 -9.26 16.11 28.16
C VAL C 56 -10.66 15.57 27.93
N ILE C 57 -11.23 14.91 28.94
CA ILE C 57 -12.63 14.52 28.92
C ILE C 57 -13.44 15.53 29.73
N VAL C 58 -14.56 15.98 29.19
CA VAL C 58 -15.43 16.96 29.85
C VAL C 58 -16.80 16.34 30.10
N GLY C 59 -17.26 16.38 31.35
CA GLY C 59 -18.43 15.63 31.77
C GLY C 59 -19.47 16.46 32.51
N HIS C 60 -19.30 17.78 32.45
CA HIS C 60 -20.28 18.72 32.99
C HIS C 60 -20.68 19.78 31.96
N HIS C 61 -21.94 20.19 31.99
CA HIS C 61 -22.49 20.98 30.90
C HIS C 61 -22.02 22.44 30.92
N GLN C 62 -21.71 22.96 32.11
CA GLN C 62 -21.16 24.31 32.21
C GLN C 62 -19.84 24.30 31.47
N LEU C 63 -19.00 23.34 31.85
CA LEU C 63 -17.71 23.15 31.22
C LEU C 63 -17.84 22.84 29.74
N ALA C 64 -18.82 22.02 29.36
CA ALA C 64 -19.04 21.69 27.97
C ALA C 64 -19.39 22.95 27.18
N LYS C 65 -20.25 23.79 27.75
CA LYS C 65 -20.66 25.00 27.03
C LYS C 65 -19.56 26.03 26.93
N GLU C 66 -18.56 25.97 27.80
CA GLU C 66 -17.40 26.83 27.64
C GLU C 66 -16.58 26.41 26.41
N VAL C 67 -16.37 25.10 26.27
CA VAL C 67 -15.69 24.53 25.11
C VAL C 67 -16.47 24.79 23.83
N LEU C 68 -17.77 24.57 23.87
CA LEU C 68 -18.55 24.68 22.65
C LEU C 68 -18.98 26.11 22.31
N ILE C 69 -19.33 26.91 23.31
CA ILE C 69 -19.93 28.24 23.04
C ILE C 69 -19.03 29.40 23.45
N LYS C 70 -18.83 29.56 24.75
CA LYS C 70 -18.10 30.72 25.25
C LYS C 70 -16.70 30.80 24.65
N LYS C 71 -16.02 29.66 24.57
CA LYS C 71 -14.70 29.60 23.93
C LYS C 71 -14.77 28.85 22.59
N GLY C 72 -15.96 28.80 21.98
CA GLY C 72 -16.21 28.03 20.77
C GLY C 72 -15.12 28.11 19.71
N LYS C 73 -14.60 29.30 19.46
CA LYS C 73 -13.57 29.48 18.46
C LYS C 73 -12.22 28.87 18.86
N ASP C 74 -11.90 28.89 20.16
CA ASP C 74 -10.64 28.30 20.66
C ASP C 74 -10.59 26.77 20.52
N PHE C 75 -11.77 26.15 20.54
CA PHE C 75 -11.86 24.71 20.59
C PHE C 75 -12.52 24.17 19.34
N SER C 76 -12.51 24.96 18.28
CA SER C 76 -13.24 24.58 17.06
C SER C 76 -12.45 23.64 16.15
N GLY C 77 -11.22 23.32 16.51
CA GLY C 77 -10.41 22.42 15.72
C GLY C 77 -10.85 20.98 15.85
N ARG C 78 -10.33 20.14 14.97
CA ARG C 78 -10.55 18.70 14.98
C ARG C 78 -9.17 18.07 15.01
N PRO C 79 -8.94 17.08 15.87
CA PRO C 79 -7.64 16.40 15.86
C PRO C 79 -7.45 15.56 14.63
N GLN C 80 -6.21 15.43 14.18
CA GLN C 80 -5.86 14.49 13.12
C GLN C 80 -5.91 13.06 13.65
N MET C 81 -6.66 12.21 12.96
CA MET C 81 -6.71 10.78 13.22
C MET C 81 -6.55 10.02 11.90
N ALA C 82 -5.75 8.96 11.93
CA ALA C 82 -5.49 8.17 10.73
C ALA C 82 -6.77 7.66 10.09
N THR C 83 -7.71 7.23 10.92
CA THR C 83 -8.94 6.65 10.46
C THR C 83 -9.86 7.71 9.81
N LEU C 84 -9.97 8.90 10.41
CA LEU C 84 -10.73 9.98 9.78
C LEU C 84 -10.05 10.58 8.54
N ASP C 85 -8.73 10.42 8.43
CA ASP C 85 -8.00 10.93 7.27
C ASP C 85 -8.37 10.14 6.02
N ILE C 86 -8.50 8.83 6.16
CA ILE C 86 -9.02 8.02 5.08
C ILE C 86 -10.41 8.52 4.67
N LEU C 87 -11.37 8.43 5.59
CA LEU C 87 -12.75 8.82 5.29
C LEU C 87 -12.96 10.22 4.68
N SER C 88 -12.14 11.19 5.07
CA SER C 88 -12.34 12.58 4.70
C SER C 88 -11.34 13.08 3.66
N ASN C 89 -10.70 12.14 2.99
CA ASN C 89 -9.76 12.46 1.92
C ASN C 89 -8.79 13.52 2.38
N ASN C 90 -8.21 13.26 3.56
CA ASN C 90 -7.16 14.06 4.20
C ASN C 90 -7.62 15.42 4.74
N ARG C 91 -8.65 15.33 5.58
CA ARG C 91 -9.21 16.48 6.29
C ARG C 91 -9.89 17.50 5.38
N LYS C 92 -10.52 17.00 4.32
CA LYS C 92 -11.43 17.82 3.54
C LYS C 92 -12.86 17.66 4.08
N GLY C 93 -13.80 18.41 3.52
CA GLY C 93 -15.19 18.26 3.89
C GLY C 93 -15.57 19.22 4.99
N ILE C 94 -16.47 18.79 5.86
CA ILE C 94 -16.95 19.64 6.95
C ILE C 94 -16.71 19.01 8.32
N ALA C 95 -17.33 17.86 8.57
CA ALA C 95 -17.32 17.24 9.90
C ALA C 95 -15.92 16.98 10.47
N PHE C 96 -14.98 16.60 9.62
CA PHE C 96 -13.64 16.18 10.05
C PHE C 96 -12.54 17.13 9.61
N ALA C 97 -12.92 18.17 8.91
CA ALA C 97 -12.00 19.22 8.53
C ALA C 97 -11.54 19.94 9.79
N ASP C 98 -10.31 20.42 9.77
CA ASP C 98 -9.84 21.31 10.80
C ASP C 98 -10.52 22.63 10.53
N SER C 99 -10.43 23.57 11.47
CA SER C 99 -11.19 24.80 11.40
C SER C 99 -10.48 25.94 10.69
N GLY C 100 -10.32 25.82 9.39
CA GLY C 100 -9.74 26.88 8.57
C GLY C 100 -10.68 27.27 7.44
N ALA C 101 -10.09 27.88 6.42
CA ALA C 101 -10.82 28.43 5.29
C ALA C 101 -11.76 27.43 4.63
N HIS C 102 -11.24 26.27 4.27
CA HIS C 102 -12.02 25.25 3.58
C HIS C 102 -13.26 24.82 4.37
N TRP C 103 -13.11 24.73 5.69
CA TRP C 103 -14.20 24.31 6.56
C TRP C 103 -15.26 25.40 6.62
N GLN C 104 -14.81 26.62 6.91
CA GLN C 104 -15.71 27.73 7.10
C GLN C 104 -16.54 27.90 5.83
N LEU C 105 -15.85 27.83 4.69
CA LEU C 105 -16.48 28.00 3.39
C LEU C 105 -17.49 26.92 3.12
N HIS C 106 -17.07 25.66 3.18
CA HIS C 106 -17.99 24.57 2.90
C HIS C 106 -19.13 24.48 3.92
N ARG C 107 -18.87 24.89 5.15
CA ARG C 107 -19.93 24.89 6.15
C ARG C 107 -21.00 25.92 5.82
N ARG C 108 -20.58 27.15 5.49
CA ARG C 108 -21.45 28.23 5.00
C ARG C 108 -22.28 27.81 3.78
N LEU C 109 -21.58 27.38 2.74
CA LEU C 109 -22.22 26.98 1.50
C LEU C 109 -23.19 25.83 1.71
N ALA C 110 -22.97 25.01 2.73
CA ALA C 110 -23.92 23.93 3.00
C ALA C 110 -25.15 24.45 3.72
N MET C 111 -24.97 25.38 4.66
CA MET C 111 -26.10 26.01 5.36
C MET C 111 -26.92 26.83 4.38
N ALA C 112 -26.22 27.58 3.53
CA ALA C 112 -26.85 28.41 2.52
C ALA C 112 -27.81 27.63 1.63
N THR C 113 -27.42 26.40 1.30
CA THR C 113 -28.20 25.53 0.42
C THR C 113 -29.62 25.34 0.90
N PHE C 114 -29.82 25.38 2.21
CA PHE C 114 -31.16 25.14 2.75
C PHE C 114 -32.14 26.27 2.46
N ALA C 115 -31.59 27.47 2.20
CA ALA C 115 -32.40 28.60 1.78
C ALA C 115 -33.18 28.30 0.50
N LEU C 116 -32.65 27.41 -0.34
CA LEU C 116 -33.32 26.98 -1.55
C LEU C 116 -34.54 26.08 -1.29
N PHE C 117 -34.74 25.73 -0.02
CA PHE C 117 -35.82 24.83 0.38
C PHE C 117 -36.76 25.45 1.41
N LYS C 118 -36.61 26.76 1.63
CA LYS C 118 -37.40 27.48 2.62
C LYS C 118 -38.86 27.59 2.19
N ASP C 119 -39.10 27.69 0.89
CA ASP C 119 -40.46 27.77 0.36
C ASP C 119 -40.49 27.45 -1.14
N GLY C 120 -41.69 27.38 -1.70
CA GLY C 120 -41.90 26.93 -3.07
C GLY C 120 -42.44 25.50 -3.09
N ASP C 121 -42.35 24.84 -4.23
CA ASP C 121 -42.68 23.41 -4.31
C ASP C 121 -41.45 22.58 -3.94
N GLN C 122 -40.35 23.26 -3.64
CA GLN C 122 -39.18 22.64 -3.04
C GLN C 122 -39.18 22.87 -1.52
N LYS C 123 -40.36 23.08 -0.95
CA LYS C 123 -40.48 23.22 0.48
C LYS C 123 -40.03 21.91 1.10
N LEU C 124 -39.16 22.01 2.11
CA LEU C 124 -38.57 20.86 2.76
C LEU C 124 -39.67 19.92 3.24
N GLU C 125 -40.74 20.49 3.76
CA GLU C 125 -41.84 19.68 4.24
C GLU C 125 -42.47 18.83 3.14
N LYS C 126 -42.62 19.41 1.95
CA LYS C 126 -43.18 18.69 0.81
C LYS C 126 -42.27 17.53 0.43
N ILE C 127 -40.98 17.84 0.27
CA ILE C 127 -39.98 16.83 -0.08
C ILE C 127 -39.97 15.71 0.95
N ILE C 128 -40.00 16.09 2.23
CA ILE C 128 -39.98 15.10 3.29
C ILE C 128 -41.22 14.23 3.22
N CYS C 129 -42.39 14.85 3.10
CA CYS C 129 -43.66 14.14 3.17
C CYS C 129 -43.92 13.24 1.96
N GLN C 130 -43.44 13.66 0.79
CA GLN C 130 -43.50 12.76 -0.36
C GLN C 130 -42.74 11.47 -0.08
N GLU C 131 -41.58 11.55 0.57
CA GLU C 131 -40.80 10.35 0.85
C GLU C 131 -41.39 9.53 1.99
N ILE C 132 -42.05 10.18 2.96
CA ILE C 132 -42.73 9.41 4.00
C ILE C 132 -43.90 8.62 3.41
N SER C 133 -44.58 9.19 2.41
CA SER C 133 -45.73 8.50 1.83
C SER C 133 -45.30 7.23 1.09
N THR C 134 -44.24 7.32 0.29
CA THR C 134 -43.66 6.12 -0.35
C THR C 134 -43.25 5.11 0.70
N LEU C 135 -42.71 5.62 1.81
CA LEU C 135 -42.28 4.76 2.91
C LEU C 135 -43.47 4.01 3.52
N CYS C 136 -44.59 4.71 3.68
CA CYS C 136 -45.78 4.10 4.28
C CYS C 136 -46.38 3.08 3.32
N ASP C 137 -46.42 3.40 2.02
CA ASP C 137 -46.89 2.47 1.02
C ASP C 137 -46.05 1.21 1.01
N MET C 138 -44.74 1.37 1.08
CA MET C 138 -43.81 0.24 1.08
C MET C 138 -44.13 -0.66 2.24
N LEU C 139 -44.30 -0.04 3.41
CA LEU C 139 -44.49 -0.75 4.66
C LEU C 139 -45.79 -1.54 4.70
N ALA C 140 -46.84 -0.98 4.09
CA ALA C 140 -48.16 -1.61 4.12
C ALA C 140 -48.24 -2.89 3.29
N THR C 141 -47.32 -3.07 2.34
CA THR C 141 -47.29 -4.32 1.58
C THR C 141 -46.61 -5.44 2.37
N HIS C 142 -46.24 -5.15 3.61
CA HIS C 142 -45.73 -6.18 4.53
C HIS C 142 -46.68 -6.29 5.69
N ASN C 143 -47.94 -5.95 5.45
CA ASN C 143 -48.97 -5.94 6.49
C ASN C 143 -49.00 -7.29 7.22
N GLY C 144 -49.12 -7.23 8.54
CA GLY C 144 -49.19 -8.43 9.35
C GLY C 144 -47.85 -9.08 9.67
N GLN C 145 -46.83 -8.81 8.85
CA GLN C 145 -45.54 -9.47 8.99
C GLN C 145 -44.62 -8.82 10.03
N SER C 146 -43.64 -9.58 10.47
CA SER C 146 -42.53 -9.08 11.28
C SER C 146 -41.35 -8.82 10.35
N ILE C 147 -40.91 -7.57 10.29
CA ILE C 147 -39.82 -7.19 9.42
C ILE C 147 -38.90 -6.20 10.11
N ASP C 148 -37.72 -6.01 9.53
CA ASP C 148 -36.79 -4.97 9.94
C ASP C 148 -37.04 -3.75 9.05
N ILE C 149 -37.38 -2.63 9.69
CA ILE C 149 -37.72 -1.40 8.97
C ILE C 149 -36.49 -0.54 8.64
N SER C 150 -35.32 -1.03 9.05
CA SER C 150 -34.05 -0.37 8.76
C SER C 150 -33.99 0.16 7.32
N PHE C 151 -34.15 -0.75 6.37
CA PHE C 151 -33.89 -0.41 4.98
C PHE C 151 -34.89 0.58 4.36
N PRO C 152 -36.20 0.37 4.58
CA PRO C 152 -37.15 1.31 3.96
C PRO C 152 -36.99 2.75 4.46
N VAL C 153 -36.72 2.89 5.76
CA VAL C 153 -36.47 4.21 6.32
C VAL C 153 -35.20 4.82 5.70
N PHE C 154 -34.12 4.04 5.71
CA PHE C 154 -32.89 4.38 5.00
C PHE C 154 -33.15 4.91 3.58
N VAL C 155 -33.96 4.21 2.79
CA VAL C 155 -34.27 4.67 1.43
C VAL C 155 -34.98 6.01 1.46
N ALA C 156 -35.89 6.17 2.41
CA ALA C 156 -36.65 7.42 2.53
C ALA C 156 -35.73 8.62 2.82
N VAL C 157 -34.86 8.51 3.81
CA VAL C 157 -33.97 9.64 4.12
C VAL C 157 -32.91 9.80 3.04
N THR C 158 -32.52 8.70 2.42
CA THR C 158 -31.56 8.78 1.33
C THR C 158 -32.15 9.62 0.21
N ASN C 159 -33.40 9.38 -0.14
CA ASN C 159 -34.05 10.19 -1.16
C ASN C 159 -34.19 11.65 -0.73
N VAL C 160 -34.46 11.91 0.53
CA VAL C 160 -34.61 13.30 0.98
C VAL C 160 -33.30 14.05 0.76
N ILE C 161 -32.20 13.40 1.14
CA ILE C 161 -30.89 14.03 1.13
C ILE C 161 -30.42 14.06 -0.31
N SER C 162 -30.75 13.00 -1.03
CA SER C 162 -30.45 12.92 -2.45
C SER C 162 -31.16 14.06 -3.18
N LEU C 163 -32.40 14.34 -2.81
CA LEU C 163 -33.12 15.46 -3.42
C LEU C 163 -32.47 16.79 -3.07
N ILE C 164 -32.05 16.96 -1.83
CA ILE C 164 -31.43 18.21 -1.42
C ILE C 164 -30.07 18.41 -2.11
N CYS C 165 -29.34 17.31 -2.31
CA CYS C 165 -28.01 17.38 -2.88
C CYS C 165 -27.98 17.49 -4.41
N PHE C 166 -28.92 16.80 -5.09
CA PHE C 166 -28.87 16.66 -6.56
C PHE C 166 -30.22 16.81 -7.30
N ASN C 167 -31.29 17.14 -6.59
CA ASN C 167 -32.63 17.09 -7.18
C ASN C 167 -32.93 15.73 -7.82
N THR C 168 -32.55 14.64 -7.17
CA THR C 168 -32.93 13.30 -7.64
C THR C 168 -33.18 12.33 -6.49
N SER C 169 -34.01 11.34 -6.74
CA SER C 169 -34.25 10.27 -5.79
C SER C 169 -34.02 8.92 -6.46
N TYR C 170 -34.18 7.87 -5.65
CA TYR C 170 -33.98 6.52 -6.10
C TYR C 170 -35.34 5.82 -6.15
N LYS C 171 -35.67 5.29 -7.32
CA LYS C 171 -36.83 4.43 -7.42
C LYS C 171 -36.44 3.19 -6.62
N ASN C 172 -37.40 2.64 -5.87
CA ASN C 172 -37.11 1.46 -5.07
C ASN C 172 -36.72 0.28 -5.96
N GLY C 173 -35.99 -0.68 -5.39
CA GLY C 173 -35.49 -1.80 -6.16
C GLY C 173 -34.14 -1.49 -6.80
N ASP C 174 -33.83 -0.20 -6.93
CA ASP C 174 -32.55 0.23 -7.48
C ASP C 174 -31.40 -0.33 -6.64
N PRO C 175 -30.47 -1.07 -7.29
CA PRO C 175 -29.39 -1.73 -6.55
C PRO C 175 -28.38 -0.77 -5.92
N GLU C 176 -28.24 0.42 -6.49
CA GLU C 176 -27.32 1.42 -5.95
C GLU C 176 -27.66 1.72 -4.48
N LEU C 177 -28.94 1.53 -4.11
CA LEU C 177 -29.37 1.73 -2.74
C LEU C 177 -28.68 0.71 -1.85
N ASN C 178 -28.57 -0.52 -2.34
CA ASN C 178 -27.85 -1.56 -1.62
C ASN C 178 -26.35 -1.26 -1.55
N VAL C 179 -25.82 -0.63 -2.59
CA VAL C 179 -24.41 -0.28 -2.60
C VAL C 179 -24.14 0.68 -1.45
N ILE C 180 -24.93 1.75 -1.44
CA ILE C 180 -24.83 2.79 -0.44
C ILE C 180 -24.97 2.21 0.96
N GLN C 181 -25.99 1.38 1.15
CA GLN C 181 -26.23 0.81 2.45
C GLN C 181 -25.01 0.01 2.92
N ASN C 182 -24.41 -0.74 2.01
CA ASN C 182 -23.35 -1.67 2.39
C ASN C 182 -22.02 -0.99 2.74
N TYR C 183 -21.67 0.09 2.04
CA TYR C 183 -20.43 0.77 2.38
C TYR C 183 -20.58 1.70 3.58
N ASN C 184 -21.76 2.29 3.77
CA ASN C 184 -22.07 2.98 5.03
C ASN C 184 -21.89 2.05 6.22
N GLU C 185 -22.45 0.85 6.12
CA GLU C 185 -22.31 -0.15 7.17
C GLU C 185 -20.83 -0.54 7.36
N GLY C 186 -20.11 -0.63 6.25
CA GLY C 186 -18.69 -0.96 6.28
C GLY C 186 -17.82 0.14 6.86
N ILE C 187 -18.08 1.38 6.48
CA ILE C 187 -17.31 2.51 7.01
C ILE C 187 -17.49 2.61 8.53
N ILE C 188 -18.73 2.67 8.97
CA ILE C 188 -19.06 2.79 10.38
C ILE C 188 -18.43 1.67 11.22
N ASP C 189 -18.29 0.48 10.62
CA ASP C 189 -17.83 -0.67 11.36
C ASP C 189 -16.32 -0.69 11.56
N ASN C 190 -15.58 -0.23 10.55
CA ASN C 190 -14.12 -0.23 10.58
C ASN C 190 -13.51 1.15 10.83
N LEU C 191 -14.31 2.08 11.31
CA LEU C 191 -13.87 3.45 11.54
C LEU C 191 -13.41 3.59 12.97
N SER C 192 -13.95 2.74 13.83
CA SER C 192 -13.58 2.68 15.24
C SER C 192 -14.27 1.48 15.88
N LYS C 193 -13.97 1.21 17.15
CA LYS C 193 -14.63 0.15 17.92
C LYS C 193 -15.50 0.72 19.04
N ASP C 194 -15.28 1.99 19.37
CA ASP C 194 -16.16 2.73 20.28
C ASP C 194 -16.34 4.11 19.67
N SER C 195 -16.57 5.13 20.49
CA SER C 195 -16.59 6.50 19.96
C SER C 195 -15.18 6.93 19.55
N LEU C 196 -15.09 7.90 18.65
CA LEU C 196 -13.81 8.43 18.23
C LEU C 196 -13.07 9.11 19.37
N VAL C 197 -11.79 8.77 19.51
CA VAL C 197 -10.88 9.34 20.50
C VAL C 197 -9.50 9.22 19.89
N ASP C 198 -8.77 10.31 19.70
CA ASP C 198 -7.48 10.23 18.99
C ASP C 198 -6.37 9.49 19.77
N LEU C 199 -6.56 9.23 21.06
CA LEU C 199 -5.52 8.51 21.81
C LEU C 199 -5.65 6.99 21.71
N VAL C 200 -6.71 6.52 21.08
CA VAL C 200 -6.82 5.10 20.72
C VAL C 200 -6.47 4.95 19.24
N PRO C 201 -5.31 4.34 18.93
CA PRO C 201 -4.97 4.17 17.50
C PRO C 201 -5.83 3.06 16.86
N TRP C 202 -7.01 3.42 16.35
CA TRP C 202 -8.04 2.45 15.97
C TRP C 202 -7.62 1.44 14.90
N LEU C 203 -6.68 1.83 14.04
CA LEU C 203 -6.23 1.01 12.93
C LEU C 203 -5.10 0.02 13.28
N LYS C 204 -4.48 0.19 14.43
CA LYS C 204 -3.27 -0.52 14.79
C LYS C 204 -3.42 -1.38 16.05
N ILE C 205 -4.63 -1.51 16.58
CA ILE C 205 -4.81 -2.18 17.87
C ILE C 205 -4.80 -3.69 17.72
N PHE C 206 -5.46 -4.19 16.69
CA PHE C 206 -5.66 -5.62 16.55
C PHE C 206 -5.11 -6.13 15.23
N PRO C 207 -4.70 -7.42 15.20
CA PRO C 207 -4.25 -8.05 13.96
C PRO C 207 -5.44 -8.53 13.12
N ASN C 208 -6.38 -7.61 12.92
CA ASN C 208 -7.42 -7.77 11.92
C ASN C 208 -6.98 -6.94 10.72
N LYS C 209 -7.91 -6.59 9.84
CA LYS C 209 -7.57 -5.86 8.63
C LYS C 209 -8.34 -4.54 8.51
N THR C 210 -8.71 -3.99 9.67
CA THR C 210 -9.40 -2.70 9.81
C THR C 210 -9.03 -1.65 8.77
N LEU C 211 -7.75 -1.35 8.67
CA LEU C 211 -7.27 -0.33 7.75
C LEU C 211 -7.67 -0.62 6.29
N GLU C 212 -7.49 -1.86 5.86
CA GLU C 212 -7.67 -2.22 4.45
C GLU C 212 -9.16 -2.31 4.11
N LYS C 213 -9.96 -2.89 4.99
CA LYS C 213 -11.40 -2.89 4.83
C LYS C 213 -11.95 -1.45 4.73
N LEU C 214 -11.55 -0.55 5.64
CA LEU C 214 -12.02 0.85 5.61
C LEU C 214 -11.70 1.52 4.27
N LYS C 215 -10.47 1.36 3.81
CA LYS C 215 -10.10 1.89 2.51
C LYS C 215 -10.97 1.26 1.43
N SER C 216 -11.38 0.02 1.63
CA SER C 216 -12.18 -0.63 0.59
C SER C 216 -13.49 0.08 0.48
N HIS C 217 -14.19 0.20 1.60
CA HIS C 217 -15.51 0.81 1.59
C HIS C 217 -15.45 2.28 1.19
N VAL C 218 -14.40 2.99 1.59
CA VAL C 218 -14.30 4.40 1.25
C VAL C 218 -14.11 4.55 -0.26
N LYS C 219 -13.45 3.58 -0.89
CA LYS C 219 -13.19 3.61 -2.32
C LYS C 219 -14.49 3.46 -3.11
N ILE C 220 -15.30 2.50 -2.72
CA ILE C 220 -16.58 2.31 -3.37
C ILE C 220 -17.30 3.63 -3.27
N ARG C 221 -17.33 4.18 -2.06
CA ARG C 221 -18.03 5.42 -1.81
C ARG C 221 -17.51 6.56 -2.69
N ASN C 222 -16.20 6.72 -2.81
CA ASN C 222 -15.63 7.81 -3.60
C ASN C 222 -15.78 7.58 -5.10
N ASP C 223 -15.90 6.32 -5.51
CA ASP C 223 -16.13 6.00 -6.92
C ASP C 223 -17.53 6.45 -7.33
N LEU C 224 -18.52 6.01 -6.57
CA LEU C 224 -19.91 6.37 -6.82
C LEU C 224 -20.05 7.89 -6.88
N LEU C 225 -19.54 8.60 -5.87
CA LEU C 225 -19.58 10.05 -5.87
C LEU C 225 -18.93 10.67 -7.11
N ASN C 226 -17.82 10.08 -7.56
CA ASN C 226 -17.16 10.61 -8.76
C ASN C 226 -18.07 10.48 -9.97
N LYS C 227 -18.75 9.34 -10.10
CA LYS C 227 -19.67 9.15 -11.21
C LYS C 227 -20.70 10.28 -11.20
N ILE C 228 -21.48 10.33 -10.13
CA ILE C 228 -22.54 11.32 -9.96
C ILE C 228 -22.08 12.73 -10.32
N LEU C 229 -20.86 13.07 -9.92
CA LEU C 229 -20.31 14.39 -10.20
C LEU C 229 -19.89 14.51 -11.66
N GLU C 230 -19.43 13.38 -12.22
CA GLU C 230 -19.04 13.32 -13.63
C GLU C 230 -20.25 13.57 -14.51
N ASN C 231 -21.35 12.86 -14.25
CA ASN C 231 -22.63 13.11 -14.91
C ASN C 231 -23.14 14.53 -14.74
N TYR C 232 -23.06 15.04 -13.52
CA TYR C 232 -23.69 16.30 -13.19
C TYR C 232 -22.95 17.51 -13.78
N LYS C 233 -21.65 17.40 -14.05
CA LYS C 233 -20.95 18.51 -14.72
C LYS C 233 -21.63 18.86 -16.05
N GLU C 234 -22.35 17.91 -16.62
CA GLU C 234 -23.09 18.11 -17.85
C GLU C 234 -24.38 18.90 -17.58
N LYS C 235 -25.12 18.46 -16.57
CA LYS C 235 -26.44 18.99 -16.27
C LYS C 235 -26.43 20.31 -15.50
N PHE C 236 -25.25 20.87 -15.24
CA PHE C 236 -25.16 22.08 -14.43
C PHE C 236 -25.42 23.32 -15.26
N ARG C 237 -26.14 24.27 -14.70
CA ARG C 237 -26.37 25.55 -15.37
C ARG C 237 -26.42 26.69 -14.36
N SER C 238 -25.67 27.73 -14.65
CA SER C 238 -25.45 28.83 -13.72
C SER C 238 -26.73 29.60 -13.40
N ASP C 239 -27.67 29.57 -14.33
CA ASP C 239 -28.93 30.30 -14.17
C ASP C 239 -29.96 29.55 -13.32
N SER C 240 -29.59 28.39 -12.79
CA SER C 240 -30.54 27.55 -12.04
C SER C 240 -29.90 26.79 -10.87
N ILE C 241 -29.90 27.43 -9.70
CA ILE C 241 -29.33 26.85 -8.48
C ILE C 241 -30.45 26.26 -7.61
N THR C 242 -30.50 24.92 -7.52
CA THR C 242 -31.64 24.23 -6.92
C THR C 242 -31.25 23.11 -5.95
N ASN C 243 -29.95 22.97 -5.71
CA ASN C 243 -29.45 21.94 -4.81
C ASN C 243 -28.08 22.30 -4.29
N MET C 244 -27.49 21.39 -3.52
CA MET C 244 -26.24 21.69 -2.85
C MET C 244 -25.08 21.73 -3.82
N LEU C 245 -25.10 20.81 -4.78
CA LEU C 245 -24.05 20.69 -5.77
C LEU C 245 -24.00 21.91 -6.70
N ASP C 246 -25.16 22.51 -6.96
CA ASP C 246 -25.20 23.76 -7.73
C ASP C 246 -24.53 24.86 -6.96
N THR C 247 -24.86 24.94 -5.68
CA THR C 247 -24.35 25.97 -4.81
C THR C 247 -22.83 25.87 -4.76
N LEU C 248 -22.34 24.64 -4.64
CA LEU C 248 -20.91 24.39 -4.62
C LEU C 248 -20.27 24.74 -5.95
N MET C 249 -20.91 24.37 -7.07
CA MET C 249 -20.39 24.69 -8.39
C MET C 249 -20.55 26.18 -8.74
N GLN C 250 -21.65 26.80 -8.35
CA GLN C 250 -21.77 28.23 -8.54
C GLN C 250 -20.64 28.95 -7.80
N ALA C 251 -20.28 28.47 -6.61
CA ALA C 251 -19.22 29.11 -5.82
C ALA C 251 -17.87 28.92 -6.51
N LYS C 252 -17.62 27.70 -6.97
CA LYS C 252 -16.40 27.40 -7.72
C LYS C 252 -16.26 28.35 -8.95
N MET C 253 -17.34 28.58 -9.67
CA MET C 253 -17.29 29.47 -10.83
C MET C 253 -17.01 30.94 -10.48
N ASN C 254 -17.74 31.46 -9.49
CA ASN C 254 -17.57 32.86 -9.08
C ASN C 254 -16.13 33.22 -8.66
N SER C 255 -15.40 32.27 -8.10
CA SER C 255 -14.01 32.50 -7.70
C SER C 255 -13.06 32.27 -8.86
N ASP C 256 -13.42 31.35 -9.77
CA ASP C 256 -12.54 31.01 -10.89
C ASP C 256 -12.31 32.20 -11.82
N ASN C 257 -13.22 33.18 -11.79
CA ASN C 257 -13.01 34.42 -12.54
C ASN C 257 -13.67 35.65 -11.88
N GLY C 258 -13.25 35.96 -10.65
CA GLY C 258 -13.69 37.14 -9.94
C GLY C 258 -15.20 37.24 -9.81
N ASP C 265 -11.31 31.55 -2.52
CA ASP C 265 -10.42 30.96 -3.52
C ASP C 265 -10.96 29.63 -4.05
N SER C 266 -10.83 29.44 -5.36
CA SER C 266 -11.40 28.27 -6.05
C SER C 266 -10.63 26.99 -5.77
N GLU C 267 -9.45 27.12 -5.16
CA GLU C 267 -8.65 25.97 -4.74
C GLU C 267 -9.34 25.21 -3.58
N LEU C 268 -10.17 25.93 -2.83
CA LEU C 268 -10.94 25.34 -1.75
C LEU C 268 -12.13 24.56 -2.28
N LEU C 269 -12.37 24.66 -3.58
CA LEU C 269 -13.57 24.09 -4.17
C LEU C 269 -13.23 23.09 -5.24
N SER C 270 -12.03 22.56 -5.17
CA SER C 270 -11.61 21.49 -6.06
C SER C 270 -12.63 20.37 -5.99
N ASP C 271 -12.61 19.49 -6.98
CA ASP C 271 -13.56 18.39 -7.03
C ASP C 271 -13.49 17.49 -5.81
N ASN C 272 -12.30 17.38 -5.20
CA ASN C 272 -12.16 16.59 -3.99
C ASN C 272 -12.77 17.28 -2.78
N HIS C 273 -12.57 18.59 -2.66
CA HIS C 273 -13.23 19.33 -1.61
C HIS C 273 -14.75 19.15 -1.73
N ILE C 274 -15.28 19.33 -2.94
CA ILE C 274 -16.72 19.25 -3.15
C ILE C 274 -17.26 17.85 -2.83
N LEU C 275 -16.59 16.81 -3.31
CA LEU C 275 -17.09 15.48 -3.05
C LEU C 275 -17.02 15.03 -1.58
N THR C 276 -16.02 15.50 -0.84
CA THR C 276 -15.93 15.12 0.58
C THR C 276 -17.12 15.74 1.35
N THR C 277 -17.38 17.01 1.08
CA THR C 277 -18.55 17.70 1.63
C THR C 277 -19.88 17.00 1.30
N ILE C 278 -20.10 16.72 0.03
CA ILE C 278 -21.28 15.94 -0.35
C ILE C 278 -21.33 14.66 0.47
N GLY C 279 -20.21 13.94 0.55
CA GLY C 279 -20.15 12.69 1.28
C GLY C 279 -20.44 12.86 2.77
N ASP C 280 -19.99 13.97 3.37
CA ASP C 280 -20.33 14.28 4.75
C ASP C 280 -21.83 14.45 4.94
N ILE C 281 -22.44 15.33 4.13
CA ILE C 281 -23.88 15.54 4.15
C ILE C 281 -24.70 14.27 3.92
N PHE C 282 -24.34 13.47 2.93
CA PHE C 282 -25.05 12.21 2.65
C PHE C 282 -24.93 11.26 3.82
N GLY C 283 -23.76 11.23 4.45
CA GLY C 283 -23.52 10.33 5.56
C GLY C 283 -24.27 10.77 6.79
N ALA C 284 -24.07 12.02 7.21
CA ALA C 284 -24.77 12.55 8.37
C ALA C 284 -26.26 12.53 8.11
N GLY C 285 -26.66 13.01 6.93
CA GLY C 285 -28.06 13.03 6.56
C GLY C 285 -28.70 11.69 6.88
N VAL C 286 -28.07 10.61 6.44
CA VAL C 286 -28.74 9.33 6.37
C VAL C 286 -28.59 8.44 7.59
N GLU C 287 -27.39 8.34 8.13
CA GLU C 287 -27.10 7.39 9.20
C GLU C 287 -27.60 7.82 10.59
N THR C 288 -27.41 9.10 10.92
CA THR C 288 -27.86 9.61 12.21
C THR C 288 -29.38 9.45 12.31
N THR C 289 -30.09 10.03 11.35
CA THR C 289 -31.55 10.06 11.35
C THR C 289 -32.20 8.68 11.29
N THR C 290 -31.65 7.77 10.50
CA THR C 290 -32.19 6.41 10.45
C THR C 290 -31.94 5.68 11.77
N SER C 291 -30.84 6.01 12.46
CA SER C 291 -30.54 5.37 13.74
C SER C 291 -31.46 5.85 14.85
N VAL C 292 -31.81 7.13 14.83
CA VAL C 292 -32.70 7.70 15.84
C VAL C 292 -34.11 7.11 15.67
N VAL C 293 -34.61 7.07 14.44
CA VAL C 293 -35.91 6.46 14.17
C VAL C 293 -36.01 5.07 14.79
N LYS C 294 -34.95 4.26 14.65
CA LYS C 294 -34.95 2.90 15.17
C LYS C 294 -34.98 2.84 16.70
N TRP C 295 -34.27 3.75 17.36
CA TRP C 295 -34.31 3.79 18.82
C TRP C 295 -35.72 4.15 19.31
N THR C 296 -36.30 5.17 18.71
CA THR C 296 -37.65 5.60 19.05
C THR C 296 -38.64 4.44 19.00
N LEU C 297 -38.56 3.63 17.96
CA LEU C 297 -39.44 2.46 17.85
C LEU C 297 -39.17 1.48 18.98
N ALA C 298 -37.90 1.13 19.16
CA ALA C 298 -37.52 0.18 20.17
C ALA C 298 -37.96 0.66 21.56
N PHE C 299 -37.87 1.96 21.82
CA PHE C 299 -38.25 2.46 23.15
C PHE C 299 -39.76 2.39 23.37
N LEU C 300 -40.54 2.63 22.32
CA LEU C 300 -41.98 2.47 22.40
C LEU C 300 -42.39 0.98 22.55
N LEU C 301 -41.65 0.09 21.92
CA LEU C 301 -41.91 -1.35 22.04
C LEU C 301 -41.46 -1.88 23.40
N HIS C 302 -40.97 -1.00 24.26
CA HIS C 302 -40.71 -1.32 25.66
C HIS C 302 -41.64 -0.55 26.59
N ASN C 303 -42.36 0.43 26.05
CA ASN C 303 -43.20 1.32 26.85
C ASN C 303 -44.60 1.51 26.25
N PRO C 304 -45.39 0.42 26.20
CA PRO C 304 -46.76 0.41 25.68
C PRO C 304 -47.61 1.61 26.10
N GLN C 305 -47.43 2.06 27.35
CA GLN C 305 -48.26 3.13 27.88
C GLN C 305 -48.01 4.46 27.16
N VAL C 306 -46.75 4.78 26.90
CA VAL C 306 -46.40 6.01 26.19
C VAL C 306 -46.91 5.93 24.76
N LYS C 307 -46.84 4.72 24.19
CA LYS C 307 -47.28 4.50 22.82
C LYS C 307 -48.80 4.68 22.72
N LYS C 308 -49.52 4.11 23.67
CA LYS C 308 -50.98 4.23 23.71
C LYS C 308 -51.35 5.70 23.72
N LYS C 309 -50.73 6.46 24.61
CA LYS C 309 -50.98 7.89 24.74
C LYS C 309 -50.64 8.66 23.46
N LEU C 310 -49.65 8.19 22.71
CA LEU C 310 -49.24 8.89 21.49
C LEU C 310 -50.32 8.73 20.43
N TYR C 311 -50.84 7.50 20.30
CA TYR C 311 -51.95 7.23 19.39
C TYR C 311 -53.12 8.16 19.72
N GLU C 312 -53.48 8.25 21.00
CA GLU C 312 -54.59 9.08 21.43
C GLU C 312 -54.38 10.53 21.06
N GLU C 313 -53.15 11.02 21.25
CA GLU C 313 -52.83 12.42 20.99
C GLU C 313 -52.97 12.78 19.51
N ILE C 314 -52.51 11.90 18.63
CA ILE C 314 -52.52 12.18 17.19
C ILE C 314 -53.93 12.09 16.63
N ASP C 315 -54.70 11.11 17.13
CA ASP C 315 -56.08 10.95 16.74
C ASP C 315 -56.94 12.13 17.22
N GLN C 316 -56.56 12.74 18.34
CA GLN C 316 -57.32 13.85 18.93
C GLN C 316 -56.98 15.22 18.31
N ASN C 317 -55.74 15.41 17.89
CA ASN C 317 -55.28 16.71 17.42
C ASN C 317 -55.12 16.78 15.91
N VAL C 318 -55.15 15.63 15.23
CA VAL C 318 -54.95 15.57 13.78
C VAL C 318 -56.01 14.69 13.12
N GLY C 319 -56.24 13.51 13.68
CA GLY C 319 -57.21 12.58 13.13
C GLY C 319 -56.77 11.98 11.82
N PHE C 320 -57.73 11.66 10.95
CA PHE C 320 -57.46 10.90 9.73
C PHE C 320 -57.95 11.62 8.46
N SER C 321 -58.56 12.78 8.63
CA SER C 321 -59.00 13.61 7.51
C SER C 321 -57.79 14.12 6.71
N ARG C 322 -56.62 14.12 7.33
CA ARG C 322 -55.41 14.62 6.69
C ARG C 322 -54.17 13.98 7.28
N THR C 323 -53.10 14.02 6.50
CA THR C 323 -51.80 13.55 6.95
C THR C 323 -51.16 14.64 7.78
N PRO C 324 -50.26 14.26 8.72
CA PRO C 324 -49.62 15.26 9.59
C PRO C 324 -48.73 16.24 8.86
N THR C 325 -48.60 17.44 9.41
CA THR C 325 -47.70 18.46 8.87
C THR C 325 -46.74 18.94 9.96
N ILE C 326 -45.79 19.79 9.59
CA ILE C 326 -44.83 20.32 10.56
C ILE C 326 -45.57 21.19 11.56
N SER C 327 -46.69 21.79 11.13
CA SER C 327 -47.54 22.62 12.00
C SER C 327 -48.13 21.83 13.18
N ASP C 328 -48.22 20.52 13.03
CA ASP C 328 -48.78 19.67 14.07
C ASP C 328 -47.83 19.45 15.21
N ARG C 329 -46.59 19.92 15.07
CA ARG C 329 -45.62 19.76 16.12
C ARG C 329 -46.01 20.61 17.32
N ASN C 330 -46.76 21.68 17.07
CA ASN C 330 -47.27 22.53 18.13
C ASN C 330 -48.54 21.97 18.77
N ARG C 331 -48.99 20.81 18.29
CA ARG C 331 -50.17 20.16 18.83
C ARG C 331 -49.86 18.75 19.34
N LEU C 332 -48.87 18.11 18.73
CA LEU C 332 -48.47 16.76 19.12
C LEU C 332 -47.28 16.86 20.07
N LEU C 333 -47.52 17.39 21.27
CA LEU C 333 -46.44 17.72 22.20
C LEU C 333 -45.81 16.52 22.89
N LEU C 334 -46.54 15.42 23.00
CA LEU C 334 -45.99 14.23 23.63
C LEU C 334 -44.99 13.55 22.69
N LEU C 335 -45.32 13.54 21.40
CA LEU C 335 -44.41 13.02 20.38
C LEU C 335 -43.06 13.76 20.44
N GLU C 336 -43.11 15.08 20.31
CA GLU C 336 -41.92 15.92 20.39
C GLU C 336 -41.14 15.66 21.68
N ALA C 337 -41.87 15.37 22.76
CA ALA C 337 -41.26 15.09 24.05
C ALA C 337 -40.62 13.71 24.04
N THR C 338 -41.17 12.81 23.25
CA THR C 338 -40.64 11.46 23.13
C THR C 338 -39.33 11.47 22.35
N ILE C 339 -39.28 12.28 21.30
CA ILE C 339 -38.08 12.41 20.50
C ILE C 339 -36.98 13.06 21.34
N ARG C 340 -37.32 14.12 22.07
CA ARG C 340 -36.40 14.74 23.00
C ARG C 340 -35.79 13.71 23.97
N GLU C 341 -36.62 12.84 24.51
CA GLU C 341 -36.19 11.88 25.49
C GLU C 341 -35.41 10.74 24.87
N VAL C 342 -35.68 10.42 23.61
CA VAL C 342 -34.86 9.43 22.92
C VAL C 342 -33.43 9.97 22.75
N LEU C 343 -33.32 11.21 22.25
CA LEU C 343 -32.03 11.84 22.03
C LEU C 343 -31.27 12.09 23.33
N ARG C 344 -31.97 12.09 24.46
CA ARG C 344 -31.31 12.17 25.76
C ARG C 344 -30.73 10.81 26.13
N LEU C 345 -31.58 9.79 26.11
CA LEU C 345 -31.18 8.45 26.50
C LEU C 345 -30.09 7.89 25.61
N ARG C 346 -30.14 8.28 24.34
CA ARG C 346 -29.28 7.69 23.32
C ARG C 346 -28.89 8.74 22.29
N PRO C 347 -27.95 9.62 22.66
CA PRO C 347 -27.48 10.57 21.65
C PRO C 347 -26.81 9.82 20.49
N VAL C 348 -27.07 10.28 19.28
CA VAL C 348 -26.50 9.65 18.09
C VAL C 348 -24.99 9.59 18.24
N ALA C 349 -24.42 10.66 18.76
CA ALA C 349 -23.00 10.74 19.03
C ALA C 349 -22.78 10.94 20.52
N PRO C 350 -22.60 9.85 21.27
CA PRO C 350 -22.50 9.98 22.73
C PRO C 350 -21.29 10.78 23.21
N MET C 351 -20.33 11.05 22.33
CA MET C 351 -19.19 11.88 22.69
C MET C 351 -18.89 12.90 21.60
N LEU C 352 -19.95 13.36 20.95
CA LEU C 352 -19.83 14.34 19.89
C LEU C 352 -18.79 13.86 18.89
N ILE C 353 -17.95 14.77 18.42
CA ILE C 353 -16.80 14.45 17.60
C ILE C 353 -15.69 15.20 18.31
N PRO C 354 -14.53 14.58 18.48
CA PRO C 354 -13.49 15.27 19.28
C PRO C 354 -13.23 16.69 18.81
N HIS C 355 -12.98 17.61 19.75
CA HIS C 355 -12.57 18.96 19.41
C HIS C 355 -11.07 19.11 19.69
N LYS C 356 -10.52 20.27 19.37
CA LYS C 356 -9.11 20.55 19.56
C LYS C 356 -8.88 22.02 19.87
N ALA C 357 -8.01 22.30 20.84
CA ALA C 357 -7.64 23.68 21.17
C ALA C 357 -6.74 24.30 20.11
N ASN C 358 -7.28 25.23 19.35
CA ASN C 358 -6.47 25.94 18.35
C ASN C 358 -5.47 26.88 19.00
N VAL C 359 -5.79 27.35 20.21
CA VAL C 359 -4.93 28.27 20.96
C VAL C 359 -4.74 27.79 22.42
N ASP C 360 -3.77 28.35 23.13
CA ASP C 360 -3.72 28.18 24.57
C ASP C 360 -5.00 28.80 25.07
N SER C 361 -5.69 28.11 25.96
CA SER C 361 -6.97 28.57 26.43
C SER C 361 -7.26 27.94 27.77
N SER C 362 -8.53 27.78 28.08
CA SER C 362 -8.88 27.29 29.40
C SER C 362 -10.32 26.83 29.43
N ILE C 363 -10.63 26.01 30.42
CA ILE C 363 -11.96 25.45 30.59
C ILE C 363 -12.24 25.52 32.08
N GLY C 364 -13.23 26.33 32.46
CA GLY C 364 -13.40 26.70 33.84
C GLY C 364 -12.08 27.26 34.36
N GLU C 365 -11.67 26.80 35.53
CA GLU C 365 -10.44 27.29 36.14
C GLU C 365 -9.21 26.50 35.71
N PHE C 366 -9.34 25.68 34.66
CA PHE C 366 -8.24 24.83 34.20
C PHE C 366 -7.59 25.33 32.91
N ALA C 367 -6.26 25.35 32.89
CA ALA C 367 -5.50 25.70 31.69
C ALA C 367 -5.51 24.56 30.67
N VAL C 368 -5.61 24.90 29.39
CA VAL C 368 -5.52 23.91 28.33
C VAL C 368 -4.55 24.37 27.24
N ASP C 369 -3.59 23.49 26.93
CA ASP C 369 -2.55 23.81 25.95
C ASP C 369 -3.04 23.66 24.52
N LYS C 370 -2.49 24.50 23.64
CA LYS C 370 -2.73 24.42 22.22
C LYS C 370 -2.50 23.00 21.71
N GLY C 371 -3.41 22.52 20.85
CA GLY C 371 -3.31 21.19 20.26
C GLY C 371 -3.92 20.09 21.11
N THR C 372 -4.23 20.40 22.37
CA THR C 372 -4.93 19.43 23.20
C THR C 372 -6.28 19.08 22.60
N GLU C 373 -6.61 17.81 22.72
CA GLU C 373 -7.86 17.26 22.24
C GLU C 373 -8.88 17.31 23.38
N VAL C 374 -10.10 17.75 23.07
CA VAL C 374 -11.17 17.78 24.06
C VAL C 374 -12.37 16.97 23.60
N ILE C 375 -12.86 16.13 24.51
CA ILE C 375 -14.03 15.31 24.27
C ILE C 375 -15.13 15.63 25.27
N ILE C 376 -16.27 16.09 24.75
CA ILE C 376 -17.48 16.26 25.52
C ILE C 376 -18.16 14.93 25.64
N ASN C 377 -18.38 14.49 26.88
CA ASN C 377 -19.08 13.23 27.12
C ASN C 377 -20.57 13.45 27.34
N LEU C 378 -21.35 13.49 26.25
CA LEU C 378 -22.80 13.74 26.33
C LEU C 378 -23.50 12.77 27.23
N TRP C 379 -23.06 11.53 27.24
CA TRP C 379 -23.67 10.52 28.10
C TRP C 379 -23.64 10.96 29.56
N ALA C 380 -22.55 11.60 29.96
CA ALA C 380 -22.46 12.11 31.31
C ALA C 380 -23.48 13.22 31.49
N LEU C 381 -23.45 14.22 30.61
CA LEU C 381 -24.44 15.30 30.62
C LEU C 381 -25.90 14.81 30.66
N HIS C 382 -26.19 13.74 29.93
CA HIS C 382 -27.55 13.25 29.77
C HIS C 382 -28.00 12.24 30.83
N HIS C 383 -27.09 11.79 31.69
CA HIS C 383 -27.43 10.83 32.74
C HIS C 383 -26.97 11.29 34.13
N ASN C 384 -26.68 12.58 34.27
CA ASN C 384 -26.36 13.15 35.56
C ASN C 384 -27.57 13.02 36.49
N GLU C 385 -27.46 12.22 37.55
CA GLU C 385 -28.60 12.05 38.44
C GLU C 385 -28.98 13.37 39.11
N LYS C 386 -28.00 14.24 39.35
CA LYS C 386 -28.27 15.59 39.87
C LYS C 386 -28.95 16.51 38.85
N GLU C 387 -28.94 16.17 37.56
CA GLU C 387 -29.63 16.97 36.54
C GLU C 387 -30.97 16.39 36.13
N TRP C 388 -31.08 15.07 36.17
CA TRP C 388 -32.25 14.36 35.65
C TRP C 388 -32.80 13.44 36.71
N HIS C 389 -34.11 13.47 36.92
CA HIS C 389 -34.75 12.54 37.83
C HIS C 389 -34.88 11.21 37.12
N GLN C 390 -34.31 10.16 37.72
CA GLN C 390 -34.34 8.81 37.15
C GLN C 390 -33.80 8.83 35.70
N PRO C 391 -32.50 9.14 35.55
CA PRO C 391 -31.90 9.36 34.24
C PRO C 391 -31.98 8.17 33.30
N ASP C 392 -31.87 6.94 33.83
CA ASP C 392 -31.82 5.76 32.97
C ASP C 392 -33.20 5.19 32.65
N GLN C 393 -34.24 6.01 32.84
CA GLN C 393 -35.62 5.59 32.58
C GLN C 393 -36.26 6.41 31.46
N PHE C 394 -37.13 5.78 30.70
CA PHE C 394 -37.79 6.43 29.58
C PHE C 394 -39.07 7.17 30.02
N MET C 395 -38.91 8.47 30.28
CA MET C 395 -39.99 9.32 30.78
C MET C 395 -40.12 10.57 29.90
N PRO C 396 -40.77 10.44 28.74
CA PRO C 396 -41.00 11.58 27.84
C PRO C 396 -41.64 12.79 28.53
N GLU C 397 -42.42 12.49 29.56
CA GLU C 397 -43.24 13.49 30.21
C GLU C 397 -42.37 14.48 30.98
N ARG C 398 -41.12 14.09 31.22
CA ARG C 398 -40.19 14.98 31.89
C ARG C 398 -39.99 16.28 31.12
N PHE C 399 -40.41 16.30 29.85
CA PHE C 399 -40.25 17.49 29.00
C PHE C 399 -41.54 18.30 28.86
N LEU C 400 -42.58 17.88 29.57
CA LEU C 400 -43.83 18.61 29.64
C LEU C 400 -44.14 19.05 31.06
N ASN C 401 -44.71 20.24 31.18
CA ASN C 401 -45.20 20.71 32.48
C ASN C 401 -46.30 19.79 33.00
N PRO C 402 -46.60 19.87 34.32
CA PRO C 402 -47.50 18.92 35.00
C PRO C 402 -48.84 18.69 34.31
N ALA C 403 -49.31 19.69 33.56
CA ALA C 403 -50.61 19.63 32.89
C ALA C 403 -50.52 18.86 31.58
N GLY C 404 -49.39 18.98 30.91
CA GLY C 404 -49.22 18.44 29.57
C GLY C 404 -49.49 19.54 28.56
N THR C 405 -49.48 20.77 29.04
CA THR C 405 -49.90 21.91 28.23
C THR C 405 -48.81 22.40 27.29
N GLN C 406 -47.57 22.52 27.78
CA GLN C 406 -46.46 22.99 26.94
C GLN C 406 -45.16 22.21 27.18
N LEU C 407 -44.11 22.62 26.48
CA LEU C 407 -42.81 21.96 26.58
C LEU C 407 -41.90 22.72 27.53
N ILE C 408 -41.03 21.99 28.23
CA ILE C 408 -40.08 22.62 29.16
C ILE C 408 -38.71 21.94 29.18
N SER C 409 -37.76 22.62 29.80
CA SER C 409 -36.43 22.08 30.00
C SER C 409 -36.23 21.77 31.49
N PRO C 410 -36.47 20.52 31.92
CA PRO C 410 -36.26 20.25 33.35
C PRO C 410 -34.80 20.42 33.71
N SER C 411 -33.96 20.34 32.67
CA SER C 411 -32.53 20.51 32.78
C SER C 411 -32.05 21.13 31.49
N VAL C 412 -30.88 21.78 31.52
CA VAL C 412 -30.21 22.27 30.31
C VAL C 412 -28.90 21.50 30.07
N SER C 413 -28.77 20.34 30.73
CA SER C 413 -27.61 19.47 30.55
C SER C 413 -27.97 18.55 29.40
N TYR C 414 -28.07 19.13 28.21
CA TYR C 414 -28.69 18.48 27.08
C TYR C 414 -28.12 19.08 25.82
N LEU C 415 -27.23 18.35 25.14
CA LEU C 415 -26.61 18.86 23.92
C LEU C 415 -26.48 17.86 22.76
N PRO C 416 -27.60 17.24 22.36
CA PRO C 416 -27.60 16.19 21.33
C PRO C 416 -27.02 16.62 19.96
N PHE C 417 -27.14 17.89 19.60
CA PHE C 417 -26.64 18.38 18.31
C PHE C 417 -25.38 19.24 18.49
N GLY C 418 -24.76 19.17 19.66
CA GLY C 418 -23.64 20.04 19.94
C GLY C 418 -24.10 21.49 20.09
N ALA C 419 -23.16 22.41 20.01
CA ALA C 419 -23.47 23.83 20.07
C ALA C 419 -22.29 24.58 19.53
N GLY C 420 -22.50 25.81 19.11
CA GLY C 420 -21.40 26.69 18.75
C GLY C 420 -20.89 26.46 17.35
N PRO C 421 -19.64 26.86 17.10
CA PRO C 421 -19.17 26.86 15.71
C PRO C 421 -19.16 25.50 15.02
N ARG C 422 -19.22 24.40 15.77
CA ARG C 422 -19.14 23.07 15.17
C ARG C 422 -20.44 22.30 15.25
N SER C 423 -21.49 23.00 15.65
CA SER C 423 -22.78 22.38 15.89
C SER C 423 -23.35 21.80 14.61
N CYS C 424 -24.28 20.87 14.79
CA CYS C 424 -24.95 20.25 13.68
C CYS C 424 -25.56 21.29 12.74
N ILE C 425 -25.32 21.14 11.45
CA ILE C 425 -25.88 22.06 10.48
C ILE C 425 -27.19 21.55 9.90
N GLY C 426 -27.59 20.34 10.29
CA GLY C 426 -28.80 19.72 9.79
C GLY C 426 -29.76 19.37 10.89
N GLU C 427 -29.76 20.17 11.95
CA GLU C 427 -30.62 19.95 13.10
C GLU C 427 -32.09 20.16 12.77
N ILE C 428 -32.34 21.26 12.07
CA ILE C 428 -33.68 21.61 11.61
C ILE C 428 -34.23 20.46 10.75
N LEU C 429 -33.54 20.14 9.66
CA LEU C 429 -33.93 19.05 8.79
C LEU C 429 -34.17 17.75 9.56
N ALA C 430 -33.34 17.48 10.55
CA ALA C 430 -33.41 16.19 11.23
C ALA C 430 -34.58 16.13 12.19
N ARG C 431 -34.88 17.27 12.81
CA ARG C 431 -36.00 17.34 13.74
C ARG C 431 -37.32 17.17 12.99
N GLN C 432 -37.44 17.87 11.85
CA GLN C 432 -38.60 17.75 10.99
C GLN C 432 -38.79 16.32 10.46
N GLU C 433 -37.74 15.74 9.89
CA GLU C 433 -37.76 14.35 9.44
C GLU C 433 -38.23 13.39 10.52
N LEU C 434 -37.64 13.49 11.70
CA LEU C 434 -38.00 12.60 12.81
C LEU C 434 -39.46 12.81 13.23
N PHE C 435 -39.88 14.05 13.31
CA PHE C 435 -41.25 14.34 13.70
C PHE C 435 -42.25 13.76 12.70
N LEU C 436 -42.18 14.23 11.45
CA LEU C 436 -43.07 13.77 10.39
C LEU C 436 -43.08 12.26 10.23
N ILE C 437 -41.92 11.62 10.29
CA ILE C 437 -41.88 10.15 10.14
C ILE C 437 -42.76 9.51 11.21
N MET C 438 -42.52 9.87 12.47
CA MET C 438 -43.25 9.28 13.58
C MET C 438 -44.75 9.61 13.59
N ALA C 439 -45.11 10.83 13.17
CA ALA C 439 -46.49 11.22 13.06
C ALA C 439 -47.20 10.33 12.05
N TRP C 440 -46.65 10.24 10.84
CA TRP C 440 -47.23 9.40 9.79
C TRP C 440 -47.30 7.93 10.19
N LEU C 441 -46.24 7.40 10.77
CA LEU C 441 -46.22 6.00 11.18
C LEU C 441 -47.29 5.73 12.23
N LEU C 442 -47.38 6.60 13.22
CA LEU C 442 -48.32 6.37 14.31
C LEU C 442 -49.78 6.55 13.86
N GLN C 443 -50.01 7.52 12.99
CA GLN C 443 -51.32 7.72 12.39
C GLN C 443 -51.80 6.50 11.61
N ARG C 444 -50.86 5.74 11.06
CA ARG C 444 -51.16 4.83 9.97
C ARG C 444 -50.92 3.35 10.26
N PHE C 445 -50.20 3.05 11.34
CA PHE C 445 -49.90 1.65 11.66
C PHE C 445 -49.96 1.35 13.14
N ASP C 446 -50.34 0.12 13.45
CA ASP C 446 -50.09 -0.46 14.76
C ASP C 446 -48.68 -1.05 14.69
N LEU C 447 -47.85 -0.65 15.63
CA LEU C 447 -46.46 -1.06 15.66
C LEU C 447 -46.30 -1.85 16.94
N GLU C 448 -46.13 -3.16 16.79
CA GLU C 448 -46.23 -4.06 17.93
C GLU C 448 -45.09 -5.06 17.95
N VAL C 449 -44.86 -5.64 19.13
CA VAL C 449 -43.87 -6.68 19.31
C VAL C 449 -44.06 -7.76 18.25
N PRO C 450 -42.97 -8.39 17.80
CA PRO C 450 -43.21 -9.53 16.90
C PRO C 450 -43.87 -10.64 17.70
N ASP C 451 -44.80 -11.38 17.10
CA ASP C 451 -45.43 -12.52 17.78
C ASP C 451 -44.37 -13.51 18.25
N ASP C 452 -43.18 -13.41 17.65
CA ASP C 452 -42.01 -14.18 18.04
C ASP C 452 -41.61 -13.85 19.48
N GLY C 453 -42.15 -12.76 20.01
CA GLY C 453 -41.99 -12.42 21.41
C GLY C 453 -40.88 -11.42 21.69
N GLN C 454 -39.73 -11.62 21.06
CA GLN C 454 -38.50 -10.89 21.39
C GLN C 454 -38.63 -9.36 21.38
N LEU C 455 -38.04 -8.73 22.39
CA LEU C 455 -37.94 -7.27 22.46
C LEU C 455 -36.55 -6.81 22.02
N PRO C 456 -36.44 -5.54 21.60
CA PRO C 456 -35.14 -5.05 21.13
C PRO C 456 -34.15 -4.79 22.28
N SER C 457 -32.90 -5.17 22.08
CA SER C 457 -31.85 -4.81 23.01
C SER C 457 -31.67 -3.29 22.94
N LEU C 458 -31.61 -2.65 24.11
CA LEU C 458 -31.48 -1.20 24.20
C LEU C 458 -30.10 -0.75 24.64
N GLU C 459 -29.17 -1.69 24.83
CA GLU C 459 -27.82 -1.34 25.29
C GLU C 459 -26.99 -0.66 24.20
N GLY C 460 -27.34 -0.91 22.94
CA GLY C 460 -26.70 -0.24 21.83
C GLY C 460 -25.29 -0.70 21.52
N ILE C 461 -24.80 -0.23 20.39
CA ILE C 461 -23.45 -0.49 19.93
C ILE C 461 -22.81 0.86 19.59
N PRO C 462 -21.94 1.36 20.50
CA PRO C 462 -21.37 2.70 20.28
C PRO C 462 -20.27 2.72 19.21
N LYS C 463 -20.61 3.12 18.00
CA LYS C 463 -19.63 3.39 16.97
C LYS C 463 -19.58 4.91 16.84
N VAL C 464 -18.99 5.42 15.77
CA VAL C 464 -19.06 6.84 15.48
C VAL C 464 -20.53 7.31 15.56
N VAL C 465 -21.45 6.40 15.27
CA VAL C 465 -22.87 6.58 15.56
C VAL C 465 -23.26 5.53 16.61
N PHE C 466 -24.25 5.86 17.43
CA PHE C 466 -24.72 4.97 18.49
C PHE C 466 -25.87 4.12 17.95
N LEU C 467 -25.55 2.89 17.58
CA LEU C 467 -26.45 2.03 16.83
C LEU C 467 -27.16 1.05 17.72
N ILE C 468 -28.47 0.95 17.56
CA ILE C 468 -29.20 -0.13 18.20
C ILE C 468 -28.99 -1.41 17.40
N ASP C 469 -28.89 -2.55 18.09
CA ASP C 469 -28.91 -3.85 17.43
C ASP C 469 -30.19 -3.95 16.62
N SER C 470 -30.07 -4.32 15.34
CA SER C 470 -31.23 -4.50 14.50
C SER C 470 -32.26 -5.39 15.19
N PHE C 471 -33.53 -5.08 14.98
CA PHE C 471 -34.62 -5.80 15.61
C PHE C 471 -35.79 -5.83 14.65
N LYS C 472 -36.81 -6.62 14.97
CA LYS C 472 -37.99 -6.74 14.11
C LYS C 472 -39.22 -6.17 14.81
N VAL C 473 -40.17 -5.70 14.00
CA VAL C 473 -41.38 -5.10 14.51
C VAL C 473 -42.57 -5.60 13.70
N LYS C 474 -43.64 -5.96 14.40
CA LYS C 474 -44.88 -6.38 13.74
C LYS C 474 -45.63 -5.13 13.27
N ILE C 475 -46.13 -5.17 12.04
CA ILE C 475 -46.78 -4.01 11.44
C ILE C 475 -48.21 -4.31 10.98
N LYS C 476 -49.14 -3.45 11.38
CA LYS C 476 -50.54 -3.56 11.00
C LYS C 476 -51.06 -2.19 10.60
N VAL C 477 -51.76 -2.11 9.47
CA VAL C 477 -52.50 -0.88 9.18
C VAL C 477 -53.60 -0.73 10.23
N ARG C 478 -53.66 0.43 10.85
CA ARG C 478 -54.62 0.64 11.92
C ARG C 478 -56.03 0.55 11.37
N GLN C 479 -56.91 -0.11 12.13
CA GLN C 479 -58.31 -0.19 11.74
C GLN C 479 -58.86 1.22 11.56
N ALA C 480 -58.44 2.12 12.44
CA ALA C 480 -58.86 3.52 12.36
C ALA C 480 -58.43 4.16 11.05
N TRP C 481 -57.31 3.72 10.49
CA TRP C 481 -56.84 4.25 9.20
C TRP C 481 -57.66 3.68 8.04
N ARG C 482 -57.80 2.35 8.02
CA ARG C 482 -58.59 1.65 7.02
C ARG C 482 -60.00 2.23 6.93
N GLU C 483 -60.65 2.31 8.08
CA GLU C 483 -62.04 2.72 8.16
C GLU C 483 -62.28 4.13 7.62
N ALA C 484 -61.23 4.95 7.54
CA ALA C 484 -61.37 6.33 7.09
C ALA C 484 -61.08 6.48 5.59
N GLN C 485 -60.98 5.36 4.88
CA GLN C 485 -60.72 5.37 3.45
C GLN C 485 -61.90 4.76 2.69
N LEU D 13 -16.66 5.00 -49.35
CA LEU D 13 -16.67 6.45 -49.57
C LEU D 13 -16.66 7.23 -48.27
N LEU D 14 -17.09 6.57 -47.20
CA LEU D 14 -17.31 7.17 -45.89
C LEU D 14 -16.10 6.98 -44.96
N SER D 15 -15.85 7.95 -44.07
CA SER D 15 -14.68 7.88 -43.18
C SER D 15 -15.05 7.88 -41.71
N LEU D 16 -14.27 7.15 -40.92
CA LEU D 16 -14.53 7.02 -39.49
C LEU D 16 -14.16 8.30 -38.79
N PRO D 17 -14.80 8.56 -37.64
CA PRO D 17 -14.31 9.68 -36.85
C PRO D 17 -12.93 9.34 -36.28
N LEU D 18 -11.98 10.23 -36.53
CA LEU D 18 -10.65 10.13 -35.97
C LEU D 18 -10.62 10.97 -34.71
N VAL D 19 -10.51 10.28 -33.59
CA VAL D 19 -10.88 10.81 -32.29
C VAL D 19 -9.63 11.07 -31.40
N GLY D 20 -8.47 10.83 -31.98
CA GLY D 20 -7.21 10.99 -31.29
C GLY D 20 -6.08 10.80 -32.29
N SER D 21 -5.04 11.60 -32.17
CA SER D 21 -3.90 11.45 -33.05
C SER D 21 -2.60 11.96 -32.46
N LEU D 22 -1.55 11.14 -32.60
CA LEU D 22 -0.18 11.56 -32.33
C LEU D 22 0.64 11.32 -33.57
N PRO D 23 0.60 12.26 -34.53
CA PRO D 23 1.26 12.05 -35.83
C PRO D 23 2.78 11.87 -35.77
N PHE D 24 3.41 12.30 -34.68
CA PHE D 24 4.87 12.22 -34.55
C PHE D 24 5.26 11.55 -33.23
N LEU D 25 6.20 10.61 -33.30
CA LEU D 25 6.63 9.90 -32.09
C LEU D 25 8.15 9.83 -32.03
N PRO D 26 8.72 10.11 -30.84
CA PRO D 26 10.16 10.38 -30.76
C PRO D 26 11.02 9.17 -31.14
N ARG D 27 12.23 9.44 -31.61
CA ARG D 27 13.15 8.39 -31.99
C ARG D 27 14.27 8.21 -30.96
N HIS D 28 13.96 7.44 -29.93
CA HIS D 28 14.93 7.00 -28.92
C HIS D 28 15.87 8.10 -28.41
N GLY D 29 15.36 9.33 -28.31
CA GLY D 29 16.19 10.46 -27.94
C GLY D 29 15.86 11.07 -26.58
N HIS D 30 16.67 12.04 -26.18
CA HIS D 30 16.36 12.83 -24.99
C HIS D 30 15.14 13.69 -25.31
N MET D 31 14.23 13.79 -24.35
CA MET D 31 12.98 14.51 -24.60
C MET D 31 13.25 15.95 -25.06
N HIS D 32 14.18 16.65 -24.41
CA HIS D 32 14.42 18.06 -24.68
C HIS D 32 14.95 18.29 -26.08
N ASN D 33 15.73 17.33 -26.56
CA ASN D 33 16.21 17.39 -27.92
C ASN D 33 15.07 17.13 -28.91
N ASN D 34 14.28 16.08 -28.66
CA ASN D 34 13.11 15.77 -29.50
C ASN D 34 12.12 16.94 -29.62
N PHE D 35 11.82 17.57 -28.49
CA PHE D 35 10.96 18.75 -28.51
C PHE D 35 11.58 19.83 -29.37
N PHE D 36 12.91 19.91 -29.33
CA PHE D 36 13.62 20.94 -30.05
C PHE D 36 13.51 20.67 -31.54
N LYS D 37 13.65 19.41 -31.95
CA LYS D 37 13.54 19.06 -33.35
C LYS D 37 12.16 19.39 -33.91
N LEU D 38 11.12 19.09 -33.13
CA LEU D 38 9.74 19.38 -33.53
C LEU D 38 9.54 20.84 -33.91
N GLN D 39 10.45 21.72 -33.49
CA GLN D 39 10.33 23.15 -33.77
C GLN D 39 10.47 23.45 -35.25
N LYS D 40 11.28 22.66 -35.95
CA LYS D 40 11.44 22.80 -37.40
C LYS D 40 10.07 22.78 -38.08
N LYS D 41 9.25 21.82 -37.69
CA LYS D 41 7.89 21.69 -38.21
C LYS D 41 6.90 22.68 -37.58
N TYR D 42 6.92 22.81 -36.25
CA TYR D 42 5.85 23.54 -35.55
C TYR D 42 6.23 24.92 -34.98
N GLY D 43 7.48 25.31 -35.06
CA GLY D 43 7.86 26.62 -34.54
C GLY D 43 8.21 26.58 -33.07
N PRO D 44 8.40 27.77 -32.46
CA PRO D 44 8.96 27.92 -31.11
C PRO D 44 7.98 27.62 -29.98
N ILE D 45 6.71 27.41 -30.30
CA ILE D 45 5.70 27.13 -29.29
C ILE D 45 4.57 26.27 -29.86
N TYR D 46 4.31 25.15 -29.18
CA TYR D 46 3.26 24.22 -29.58
C TYR D 46 2.70 23.51 -28.36
N SER D 47 1.63 22.75 -28.55
CA SER D 47 0.93 22.13 -27.42
C SER D 47 0.51 20.70 -27.71
N VAL D 48 0.18 19.97 -26.65
CA VAL D 48 -0.34 18.63 -26.76
C VAL D 48 -1.48 18.52 -25.77
N ARG D 49 -2.49 17.71 -26.10
CA ARG D 49 -3.68 17.61 -25.27
C ARG D 49 -4.00 16.16 -25.00
N MET D 50 -4.25 15.81 -23.74
CA MET D 50 -4.66 14.45 -23.38
C MET D 50 -5.75 14.53 -22.35
N GLY D 51 -6.92 14.02 -22.71
CA GLY D 51 -8.14 14.30 -21.97
C GLY D 51 -8.31 15.81 -21.80
N THR D 52 -8.54 16.23 -20.56
CA THR D 52 -8.73 17.63 -20.21
C THR D 52 -7.44 18.46 -20.06
N LYS D 53 -6.30 17.78 -19.90
CA LYS D 53 -5.02 18.45 -19.66
C LYS D 53 -4.31 18.90 -20.95
N THR D 54 -3.82 20.14 -20.94
CA THR D 54 -2.99 20.68 -22.01
C THR D 54 -1.57 21.01 -21.50
N THR D 55 -0.58 20.72 -22.32
CA THR D 55 0.80 21.11 -22.05
C THR D 55 1.31 21.97 -23.19
N VAL D 56 2.00 23.06 -22.87
CA VAL D 56 2.67 23.90 -23.86
C VAL D 56 4.17 23.77 -23.72
N ILE D 57 4.88 23.69 -24.84
CA ILE D 57 6.35 23.67 -24.85
C ILE D 57 6.85 24.94 -25.53
N VAL D 58 7.71 25.67 -24.84
CA VAL D 58 8.22 26.96 -25.32
C VAL D 58 9.73 26.87 -25.52
N GLY D 59 10.18 27.17 -26.74
CA GLY D 59 11.57 26.96 -27.10
C GLY D 59 12.23 28.13 -27.78
N HIS D 60 11.72 29.33 -27.52
CA HIS D 60 12.39 30.56 -27.95
C HIS D 60 12.46 31.52 -26.76
N HIS D 61 13.56 32.24 -26.65
CA HIS D 61 13.87 32.99 -25.43
C HIS D 61 12.88 34.12 -25.18
N GLN D 62 12.39 34.72 -26.26
CA GLN D 62 11.48 35.84 -26.17
C GLN D 62 10.18 35.40 -25.51
N LEU D 63 9.62 34.29 -26.01
CA LEU D 63 8.46 33.69 -25.36
C LEU D 63 8.80 33.16 -23.94
N ALA D 64 10.04 32.70 -23.76
CA ALA D 64 10.46 32.21 -22.44
C ALA D 64 10.43 33.33 -21.41
N LYS D 65 10.90 34.51 -21.79
CA LYS D 65 10.98 35.62 -20.85
C LYS D 65 9.60 36.16 -20.56
N GLU D 66 8.67 35.94 -21.48
CA GLU D 66 7.29 36.31 -21.23
C GLU D 66 6.69 35.43 -20.13
N VAL D 67 6.85 34.11 -20.28
CA VAL D 67 6.38 33.17 -19.27
C VAL D 67 7.09 33.36 -17.92
N LEU D 68 8.39 33.64 -17.96
CA LEU D 68 9.16 33.70 -16.71
C LEU D 68 9.16 35.09 -16.03
N ILE D 69 9.31 36.15 -16.82
CA ILE D 69 9.45 37.49 -16.26
C ILE D 69 8.18 38.31 -16.48
N LYS D 70 7.96 38.80 -17.70
CA LYS D 70 6.84 39.68 -18.03
C LYS D 70 5.49 39.20 -17.46
N LYS D 71 5.14 37.93 -17.65
CA LYS D 71 3.94 37.38 -17.03
C LYS D 71 4.26 36.37 -15.92
N GLY D 72 5.41 36.54 -15.29
CA GLY D 72 5.91 35.57 -14.32
C GLY D 72 4.97 35.15 -13.21
N LYS D 73 4.11 36.06 -12.74
CA LYS D 73 3.16 35.71 -11.67
C LYS D 73 1.98 34.90 -12.22
N ASP D 74 1.70 35.07 -13.52
CA ASP D 74 0.65 34.32 -14.20
C ASP D 74 0.98 32.83 -14.33
N PHE D 75 2.26 32.55 -14.55
CA PHE D 75 2.75 31.21 -14.84
C PHE D 75 3.59 30.67 -13.70
N SER D 76 3.41 31.22 -12.50
CA SER D 76 4.24 30.85 -11.35
C SER D 76 3.78 29.57 -10.65
N GLY D 77 2.70 28.96 -11.10
CA GLY D 77 2.19 27.75 -10.47
C GLY D 77 2.98 26.51 -10.83
N ARG D 78 2.72 25.42 -10.12
CA ARG D 78 3.33 24.14 -10.43
C ARG D 78 2.25 23.06 -10.65
N PRO D 79 2.40 22.25 -11.70
CA PRO D 79 1.36 21.25 -11.93
C PRO D 79 1.44 20.13 -10.92
N GLN D 80 0.34 19.47 -10.64
CA GLN D 80 0.32 18.34 -9.73
C GLN D 80 0.80 17.09 -10.49
N MET D 81 1.80 16.39 -9.95
CA MET D 81 2.35 15.16 -10.54
C MET D 81 2.50 14.13 -9.44
N ALA D 82 2.01 12.92 -9.68
CA ALA D 82 2.04 11.85 -8.67
C ALA D 82 3.42 11.68 -8.05
N THR D 83 4.43 11.77 -8.89
CA THR D 83 5.78 11.46 -8.45
C THR D 83 6.33 12.56 -7.51
N LEU D 84 6.03 13.83 -7.85
CA LEU D 84 6.42 14.98 -7.02
C LEU D 84 5.62 15.03 -5.72
N ASP D 85 4.43 14.46 -5.73
CA ASP D 85 3.60 14.47 -4.54
C ASP D 85 4.24 13.64 -3.45
N ILE D 86 4.79 12.49 -3.83
CA ILE D 86 5.48 11.64 -2.89
C ILE D 86 6.71 12.39 -2.36
N LEU D 87 7.51 12.94 -3.26
CA LEU D 87 8.75 13.61 -2.86
C LEU D 87 8.50 14.83 -1.99
N SER D 88 7.37 15.50 -2.16
CA SER D 88 7.15 16.81 -1.53
C SER D 88 6.07 16.83 -0.45
N ASN D 89 5.66 15.66 0.03
CA ASN D 89 4.60 15.57 1.05
C ASN D 89 3.39 16.36 0.60
N ASN D 90 2.84 16.00 -0.56
CA ASN D 90 1.69 16.70 -1.13
C ASN D 90 1.91 18.20 -1.33
N ARG D 91 3.00 18.50 -2.04
CA ARG D 91 3.25 19.83 -2.55
C ARG D 91 3.53 20.87 -1.47
N LYS D 92 4.21 20.43 -0.40
CA LYS D 92 4.87 21.37 0.52
C LYS D 92 6.28 21.70 -0.01
N GLY D 93 7.10 22.35 0.79
CA GLY D 93 8.42 22.77 0.35
C GLY D 93 8.32 24.02 -0.50
N ILE D 94 9.25 24.16 -1.44
CA ILE D 94 9.32 25.32 -2.33
C ILE D 94 9.28 24.91 -3.82
N ALA D 95 10.19 24.05 -4.21
CA ALA D 95 10.42 23.75 -5.61
C ALA D 95 9.19 23.15 -6.30
N PHE D 96 8.45 22.30 -5.58
CA PHE D 96 7.31 21.59 -6.15
C PHE D 96 5.99 22.04 -5.54
N ALA D 97 6.05 23.11 -4.77
CA ALA D 97 4.87 23.66 -4.14
C ALA D 97 4.22 24.57 -5.14
N ASP D 98 2.90 24.65 -5.12
CA ASP D 98 2.18 25.57 -5.98
C ASP D 98 2.41 26.98 -5.42
N SER D 99 2.07 28.00 -6.20
CA SER D 99 2.38 29.38 -5.83
C SER D 99 1.45 30.02 -4.78
N GLY D 100 1.05 29.26 -3.77
CA GLY D 100 0.28 29.80 -2.66
C GLY D 100 1.11 30.53 -1.59
N ALA D 101 0.54 30.59 -0.40
CA ALA D 101 1.11 31.33 0.71
C ALA D 101 2.29 30.58 1.31
N HIS D 102 2.12 29.27 1.50
CA HIS D 102 3.18 28.42 2.03
C HIS D 102 4.45 28.52 1.18
N TRP D 103 4.28 28.55 -0.13
CA TRP D 103 5.40 28.69 -1.07
C TRP D 103 6.12 30.01 -0.84
N GLN D 104 5.36 31.09 -0.94
CA GLN D 104 5.90 32.42 -0.77
C GLN D 104 6.66 32.54 0.54
N LEU D 105 6.03 32.06 1.61
CA LEU D 105 6.60 32.13 2.95
C LEU D 105 7.93 31.42 3.02
N HIS D 106 7.93 30.15 2.65
CA HIS D 106 9.11 29.34 2.78
C HIS D 106 10.19 29.82 1.85
N ARG D 107 9.78 30.42 0.74
CA ARG D 107 10.75 30.94 -0.18
C ARG D 107 11.42 32.18 0.41
N ARG D 108 10.61 33.05 1.01
CA ARG D 108 11.10 34.26 1.69
C ARG D 108 12.06 33.92 2.85
N LEU D 109 11.67 32.97 3.69
CA LEU D 109 12.52 32.54 4.78
C LEU D 109 13.83 31.94 4.31
N ALA D 110 13.81 31.18 3.22
CA ALA D 110 15.02 30.52 2.73
C ALA D 110 16.00 31.57 2.25
N MET D 111 15.51 32.56 1.50
CA MET D 111 16.35 33.63 0.99
C MET D 111 16.92 34.46 2.14
N ALA D 112 16.10 34.72 3.14
CA ALA D 112 16.50 35.55 4.28
C ALA D 112 17.61 34.88 5.07
N THR D 113 17.61 33.56 5.11
CA THR D 113 18.61 32.80 5.84
C THR D 113 20.01 33.14 5.36
N PHE D 114 20.15 33.57 4.11
CA PHE D 114 21.49 33.82 3.58
C PHE D 114 22.08 35.14 4.09
N ALA D 115 21.20 36.03 4.52
CA ALA D 115 21.62 37.23 5.22
C ALA D 115 22.52 36.86 6.40
N LEU D 116 22.23 35.74 7.04
CA LEU D 116 23.00 35.28 8.20
C LEU D 116 24.38 34.73 7.85
N PHE D 117 24.73 34.73 6.57
CA PHE D 117 26.01 34.18 6.13
C PHE D 117 26.80 35.15 5.25
N LYS D 118 26.53 36.44 5.39
CA LYS D 118 27.23 37.46 4.62
C LYS D 118 28.54 37.91 5.27
N ASP D 119 28.63 37.76 6.59
CA ASP D 119 29.78 38.24 7.34
C ASP D 119 30.07 37.37 8.56
N GLY D 120 31.08 37.77 9.32
CA GLY D 120 31.46 37.06 10.52
C GLY D 120 32.32 35.84 10.29
N ASP D 121 32.41 35.00 11.31
CA ASP D 121 33.07 33.70 11.23
C ASP D 121 32.20 32.78 10.37
N GLN D 122 30.96 33.22 10.15
CA GLN D 122 29.97 32.45 9.42
C GLN D 122 29.84 32.94 7.98
N LYS D 123 30.93 33.47 7.44
CA LYS D 123 30.93 33.96 6.06
C LYS D 123 30.87 32.77 5.12
N LEU D 124 30.06 32.90 4.06
CA LEU D 124 29.89 31.84 3.08
C LEU D 124 31.23 31.42 2.51
N GLU D 125 32.05 32.41 2.18
CA GLU D 125 33.39 32.15 1.68
C GLU D 125 34.19 31.27 2.64
N LYS D 126 34.14 31.56 3.94
CA LYS D 126 34.89 30.78 4.92
C LYS D 126 34.46 29.34 4.90
N ILE D 127 33.16 29.12 5.12
CA ILE D 127 32.57 27.77 5.20
C ILE D 127 32.88 26.92 3.98
N ILE D 128 32.72 27.51 2.80
CA ILE D 128 33.01 26.79 1.57
C ILE D 128 34.48 26.40 1.51
N CYS D 129 35.38 27.36 1.66
CA CYS D 129 36.83 27.09 1.59
C CYS D 129 37.32 26.08 2.64
N GLN D 130 36.78 26.16 3.85
CA GLN D 130 37.08 25.14 4.85
C GLN D 130 36.77 23.75 4.33
N GLU D 131 35.60 23.58 3.72
CA GLU D 131 35.20 22.24 3.27
C GLU D 131 35.95 21.82 2.02
N ILE D 132 36.32 22.78 1.18
CA ILE D 132 37.12 22.47 0.00
C ILE D 132 38.57 22.12 0.38
N SER D 133 39.05 22.68 1.48
CA SER D 133 40.37 22.30 1.97
C SER D 133 40.36 20.82 2.37
N THR D 134 39.33 20.40 3.11
CA THR D 134 39.16 18.97 3.44
C THR D 134 39.09 18.11 2.18
N LEU D 135 38.32 18.56 1.21
CA LEU D 135 38.15 17.84 -0.04
C LEU D 135 39.48 17.68 -0.78
N CYS D 136 40.34 18.69 -0.68
CA CYS D 136 41.66 18.68 -1.33
C CYS D 136 42.63 17.75 -0.60
N ASP D 137 42.62 17.80 0.73
CA ASP D 137 43.44 16.91 1.56
C ASP D 137 43.19 15.44 1.21
N MET D 138 41.92 15.07 1.14
CA MET D 138 41.54 13.68 0.88
C MET D 138 41.86 13.27 -0.55
N LEU D 139 41.72 14.20 -1.48
CA LEU D 139 42.01 13.90 -2.89
C LEU D 139 43.48 13.60 -3.06
N ALA D 140 44.31 14.20 -2.21
CA ALA D 140 45.75 14.04 -2.28
C ALA D 140 46.19 12.65 -1.83
N THR D 141 45.51 12.10 -0.85
CA THR D 141 45.87 10.76 -0.35
C THR D 141 45.62 9.69 -1.42
N HIS D 142 44.90 10.05 -2.47
CA HIS D 142 44.70 9.16 -3.63
C HIS D 142 45.64 9.52 -4.76
N ASN D 143 46.73 10.22 -4.41
CA ASN D 143 47.70 10.70 -5.39
C ASN D 143 48.19 9.58 -6.32
N GLY D 144 48.29 9.88 -7.61
CA GLY D 144 48.81 8.94 -8.58
C GLY D 144 47.76 8.06 -9.21
N GLN D 145 46.64 7.89 -8.52
CA GLN D 145 45.62 6.90 -8.87
C GLN D 145 44.49 7.47 -9.73
N SER D 146 43.79 6.58 -10.42
CA SER D 146 42.59 6.94 -11.15
C SER D 146 41.38 6.60 -10.30
N ILE D 147 40.52 7.60 -10.06
CA ILE D 147 39.36 7.43 -9.20
C ILE D 147 38.15 8.23 -9.69
N ASP D 148 37.02 8.01 -9.04
CA ASP D 148 35.78 8.75 -9.28
C ASP D 148 35.52 9.66 -8.08
N ILE D 149 35.62 10.97 -8.30
CA ILE D 149 35.54 11.93 -7.20
C ILE D 149 34.12 12.42 -6.91
N SER D 150 33.12 11.68 -7.40
CA SER D 150 31.72 11.94 -7.05
C SER D 150 31.51 12.10 -5.54
N PHE D 151 31.77 11.04 -4.79
CA PHE D 151 31.48 11.04 -3.36
C PHE D 151 32.25 12.13 -2.58
N PRO D 152 33.54 12.34 -2.90
CA PRO D 152 34.31 13.38 -2.19
C PRO D 152 33.72 14.79 -2.31
N VAL D 153 33.43 15.22 -3.54
CA VAL D 153 32.74 16.50 -3.77
C VAL D 153 31.41 16.54 -3.05
N PHE D 154 30.66 15.43 -3.16
CA PHE D 154 29.35 15.28 -2.52
C PHE D 154 29.43 15.59 -1.02
N VAL D 155 30.45 15.05 -0.34
CA VAL D 155 30.59 15.30 1.09
C VAL D 155 30.86 16.79 1.36
N ALA D 156 31.68 17.39 0.50
CA ALA D 156 32.01 18.80 0.64
C ALA D 156 30.76 19.67 0.54
N VAL D 157 29.96 19.49 -0.51
CA VAL D 157 28.75 20.29 -0.69
C VAL D 157 27.68 19.92 0.34
N THR D 158 27.66 18.65 0.78
CA THR D 158 26.73 18.24 1.84
C THR D 158 27.06 19.01 3.12
N ASN D 159 28.34 19.08 3.46
CA ASN D 159 28.76 19.79 4.66
C ASN D 159 28.41 21.28 4.59
N VAL D 160 28.61 21.90 3.43
CA VAL D 160 28.29 23.32 3.28
C VAL D 160 26.82 23.57 3.57
N ILE D 161 25.98 22.79 2.92
CA ILE D 161 24.55 22.97 3.04
C ILE D 161 24.09 22.57 4.45
N SER D 162 24.74 21.55 5.00
CA SER D 162 24.47 21.14 6.37
C SER D 162 24.86 22.26 7.36
N LEU D 163 25.98 22.93 7.11
CA LEU D 163 26.34 24.05 7.97
C LEU D 163 25.32 25.19 7.84
N ILE D 164 24.84 25.44 6.64
CA ILE D 164 23.81 26.46 6.45
C ILE D 164 22.46 26.10 7.09
N CYS D 165 22.09 24.82 7.05
CA CYS D 165 20.82 24.38 7.65
C CYS D 165 20.84 24.13 9.17
N PHE D 166 21.93 23.55 9.69
CA PHE D 166 21.97 23.07 11.10
C PHE D 166 23.14 23.60 11.95
N ASN D 167 24.12 24.23 11.31
CA ASN D 167 25.41 24.58 11.93
C ASN D 167 26.19 23.34 12.38
N THR D 168 26.04 22.25 11.64
CA THR D 168 26.74 21.02 11.91
C THR D 168 27.33 20.49 10.62
N SER D 169 28.18 19.47 10.71
CA SER D 169 28.81 18.87 9.54
C SER D 169 29.24 17.42 9.80
N TYR D 170 29.63 16.74 8.75
CA TYR D 170 29.96 15.33 8.82
C TYR D 170 31.46 15.12 8.72
N LYS D 171 32.03 14.48 9.74
CA LYS D 171 33.41 14.00 9.67
C LYS D 171 33.48 12.98 8.56
N ASN D 172 34.60 12.92 7.85
CA ASN D 172 34.73 11.95 6.76
C ASN D 172 34.66 10.54 7.35
N GLY D 173 33.86 9.68 6.72
CA GLY D 173 33.68 8.33 7.21
C GLY D 173 32.42 8.16 8.05
N ASP D 174 31.71 9.26 8.31
CA ASP D 174 30.40 9.18 8.93
C ASP D 174 29.47 8.43 7.99
N PRO D 175 28.83 7.34 8.48
CA PRO D 175 28.10 6.51 7.51
C PRO D 175 26.80 7.13 7.02
N GLU D 176 26.30 8.16 7.69
CA GLU D 176 25.09 8.82 7.21
C GLU D 176 25.29 9.47 5.85
N LEU D 177 26.54 9.74 5.48
CA LEU D 177 26.84 10.34 4.18
C LEU D 177 26.53 9.33 3.08
N ASN D 178 26.80 8.07 3.38
CA ASN D 178 26.45 7.01 2.47
C ASN D 178 24.95 6.83 2.39
N VAL D 179 24.28 7.04 3.52
CA VAL D 179 22.83 6.95 3.53
C VAL D 179 22.25 8.00 2.58
N ILE D 180 22.70 9.23 2.77
CA ILE D 180 22.25 10.36 1.96
C ILE D 180 22.48 10.13 0.47
N GLN D 181 23.68 9.67 0.12
CA GLN D 181 24.02 9.57 -1.29
C GLN D 181 23.15 8.53 -1.92
N ASN D 182 22.80 7.54 -1.10
CA ASN D 182 22.01 6.43 -1.59
C ASN D 182 20.59 6.84 -1.91
N TYR D 183 19.95 7.55 -1.00
CA TYR D 183 18.57 7.91 -1.25
C TYR D 183 18.41 9.05 -2.25
N ASN D 184 19.42 9.93 -2.35
CA ASN D 184 19.43 10.93 -3.42
C ASN D 184 19.50 10.22 -4.76
N GLU D 185 20.38 9.23 -4.83
CA GLU D 185 20.55 8.44 -6.05
C GLU D 185 19.25 7.72 -6.41
N GLY D 186 18.58 7.21 -5.40
CA GLY D 186 17.35 6.45 -5.59
C GLY D 186 16.17 7.32 -5.98
N ILE D 187 16.07 8.50 -5.37
CA ILE D 187 14.95 9.39 -5.63
C ILE D 187 15.03 9.89 -7.07
N ILE D 188 16.20 10.38 -7.45
CA ILE D 188 16.44 10.88 -8.81
C ILE D 188 16.19 9.80 -9.86
N ASP D 189 16.65 8.58 -9.59
CA ASP D 189 16.52 7.52 -10.58
C ASP D 189 15.06 7.17 -10.84
N ASN D 190 14.23 7.23 -9.81
CA ASN D 190 12.85 6.77 -9.89
C ASN D 190 11.81 7.90 -9.98
N LEU D 191 12.26 9.14 -9.85
CA LEU D 191 11.33 10.26 -9.95
C LEU D 191 10.84 10.42 -11.39
N SER D 192 11.57 9.88 -12.35
CA SER D 192 11.20 9.97 -13.77
C SER D 192 12.25 9.25 -14.60
N LYS D 193 12.03 9.20 -15.92
CA LYS D 193 12.96 8.56 -16.87
C LYS D 193 13.52 9.54 -17.89
N ASP D 194 12.93 10.73 -17.92
CA ASP D 194 13.49 11.86 -18.64
C ASP D 194 13.13 13.09 -17.79
N SER D 195 13.17 14.28 -18.36
CA SER D 195 12.78 15.48 -17.60
C SER D 195 11.32 15.39 -17.16
N LEU D 196 10.97 16.08 -16.08
CA LEU D 196 9.59 16.06 -15.56
C LEU D 196 8.58 16.69 -16.51
N VAL D 197 7.52 15.95 -16.79
CA VAL D 197 6.36 16.46 -17.51
C VAL D 197 5.13 15.70 -17.00
N ASP D 198 4.04 16.41 -16.72
CA ASP D 198 2.83 15.73 -16.21
C ASP D 198 2.00 15.15 -17.35
N LEU D 199 2.57 15.12 -18.55
CA LEU D 199 1.93 14.46 -19.67
C LEU D 199 2.26 12.95 -19.65
N VAL D 200 3.45 12.63 -19.15
CA VAL D 200 3.86 11.24 -19.01
C VAL D 200 3.53 10.71 -17.61
N PRO D 201 2.72 9.64 -17.52
CA PRO D 201 2.43 9.05 -16.20
C PRO D 201 3.62 8.20 -15.69
N TRP D 202 4.57 8.85 -15.02
CA TRP D 202 5.89 8.26 -14.72
C TRP D 202 5.90 7.03 -13.81
N LEU D 203 4.89 6.89 -12.95
CA LEU D 203 4.80 5.72 -12.05
C LEU D 203 3.95 4.60 -12.63
N LYS D 204 3.46 4.79 -13.86
CA LYS D 204 2.55 3.83 -14.50
C LYS D 204 3.00 3.36 -15.88
N ILE D 205 4.14 3.84 -16.38
CA ILE D 205 4.59 3.48 -17.73
C ILE D 205 4.96 2.00 -17.86
N PHE D 206 5.80 1.51 -16.95
CA PHE D 206 6.42 0.19 -17.07
C PHE D 206 6.14 -0.74 -15.89
N PRO D 207 6.17 -2.06 -16.13
CA PRO D 207 6.06 -2.99 -15.00
C PRO D 207 7.40 -3.14 -14.25
N ASN D 208 7.85 -2.06 -13.62
CA ASN D 208 9.19 -2.03 -12.99
C ASN D 208 9.21 -1.53 -11.53
N LYS D 209 8.06 -1.60 -10.86
CA LYS D 209 7.98 -1.29 -9.43
C LYS D 209 8.49 0.13 -9.08
N THR D 210 8.28 1.08 -9.98
CA THR D 210 8.80 2.44 -9.80
C THR D 210 8.18 3.16 -8.61
N LEU D 211 6.87 3.01 -8.45
CA LEU D 211 6.16 3.64 -7.35
C LEU D 211 6.75 3.30 -5.99
N GLU D 212 6.86 2.00 -5.72
CA GLU D 212 7.27 1.49 -4.42
C GLU D 212 8.72 1.86 -4.10
N LYS D 213 9.58 1.78 -5.11
CA LYS D 213 10.98 2.16 -4.98
C LYS D 213 11.11 3.63 -4.55
N LEU D 214 10.49 4.54 -5.29
CA LEU D 214 10.51 5.96 -4.94
C LEU D 214 10.05 6.18 -3.50
N LYS D 215 8.99 5.50 -3.11
CA LYS D 215 8.42 5.70 -1.77
C LYS D 215 9.38 5.24 -0.70
N SER D 216 10.08 4.14 -0.95
CA SER D 216 10.99 3.62 0.05
C SER D 216 12.17 4.58 0.25
N HIS D 217 12.69 5.14 -0.84
CA HIS D 217 13.81 6.08 -0.73
C HIS D 217 13.41 7.36 -0.02
N VAL D 218 12.18 7.82 -0.26
CA VAL D 218 11.71 9.06 0.37
C VAL D 218 11.41 8.84 1.85
N LYS D 219 11.18 7.61 2.24
CA LYS D 219 10.97 7.26 3.63
C LYS D 219 12.28 7.35 4.40
N ILE D 220 13.34 6.76 3.86
CA ILE D 220 14.65 6.80 4.52
C ILE D 220 15.05 8.25 4.66
N ARG D 221 14.82 9.00 3.61
CA ARG D 221 15.08 10.42 3.63
C ARG D 221 14.24 11.11 4.70
N ASN D 222 12.93 10.89 4.71
CA ASN D 222 12.05 11.56 5.66
C ASN D 222 12.29 11.13 7.10
N ASP D 223 12.75 9.89 7.28
CA ASP D 223 13.02 9.42 8.64
C ASP D 223 14.26 10.12 9.17
N LEU D 224 15.25 10.30 8.30
CA LEU D 224 16.50 10.92 8.67
C LEU D 224 16.28 12.38 9.06
N LEU D 225 15.52 13.12 8.26
CA LEU D 225 15.21 14.51 8.57
C LEU D 225 14.42 14.63 9.86
N ASN D 226 13.53 13.66 10.11
CA ASN D 226 12.72 13.70 11.32
C ASN D 226 13.57 13.46 12.56
N LYS D 227 14.58 12.61 12.44
CA LYS D 227 15.55 12.44 13.51
C LYS D 227 16.20 13.79 13.79
N ILE D 228 16.81 14.39 12.77
CA ILE D 228 17.54 15.65 12.94
C ILE D 228 16.70 16.75 13.58
N LEU D 229 15.40 16.79 13.28
CA LEU D 229 14.53 17.83 13.83
C LEU D 229 14.20 17.55 15.29
N GLU D 230 14.03 16.28 15.64
CA GLU D 230 13.75 15.93 17.03
C GLU D 230 14.91 16.40 17.89
N ASN D 231 16.12 16.01 17.51
CA ASN D 231 17.34 16.41 18.18
C ASN D 231 17.46 17.92 18.30
N TYR D 232 17.29 18.61 17.18
CA TYR D 232 17.47 20.05 17.14
C TYR D 232 16.42 20.78 17.96
N LYS D 233 15.25 20.18 18.14
CA LYS D 233 14.19 20.81 18.92
C LYS D 233 14.65 21.10 20.34
N GLU D 234 15.66 20.35 20.78
CA GLU D 234 16.25 20.53 22.10
C GLU D 234 17.34 21.61 22.08
N LYS D 235 17.98 21.78 20.93
CA LYS D 235 19.09 22.72 20.79
C LYS D 235 18.64 24.14 20.46
N PHE D 236 17.40 24.28 19.98
CA PHE D 236 16.97 25.57 19.46
C PHE D 236 16.93 26.66 20.55
N ARG D 237 17.56 27.79 20.26
CA ARG D 237 17.52 28.95 21.14
C ARG D 237 17.04 30.18 20.36
N SER D 238 15.99 30.82 20.85
CA SER D 238 15.36 31.93 20.16
C SER D 238 16.30 33.12 19.96
N ASP D 239 17.13 33.41 20.95
CA ASP D 239 18.02 34.56 20.86
C ASP D 239 19.35 34.22 20.15
N SER D 240 19.36 33.10 19.44
CA SER D 240 20.53 32.66 18.68
C SER D 240 20.15 32.06 17.32
N ILE D 241 19.87 32.95 16.36
CA ILE D 241 19.45 32.55 15.02
C ILE D 241 20.63 32.60 14.05
N THR D 242 21.11 31.43 13.63
CA THR D 242 22.29 31.36 12.76
C THR D 242 22.18 30.28 11.67
N ASN D 243 20.97 29.83 11.36
CA ASN D 243 20.80 28.84 10.30
C ASN D 243 19.36 28.73 9.85
N MET D 244 19.13 27.88 8.85
CA MET D 244 17.85 27.88 8.20
C MET D 244 16.79 27.35 9.13
N LEU D 245 17.13 26.26 9.81
CA LEU D 245 16.20 25.63 10.74
C LEU D 245 15.83 26.54 11.89
N ASP D 246 16.77 27.37 12.36
CA ASP D 246 16.47 28.43 13.33
C ASP D 246 15.51 29.43 12.76
N THR D 247 15.74 29.82 11.51
CA THR D 247 14.91 30.81 10.85
C THR D 247 13.48 30.27 10.72
N LEU D 248 13.38 28.98 10.37
CA LEU D 248 12.08 28.31 10.27
C LEU D 248 11.40 28.18 11.64
N MET D 249 12.15 27.75 12.65
CA MET D 249 11.59 27.62 14.01
C MET D 249 11.26 28.97 14.64
N GLN D 250 12.09 29.96 14.41
CA GLN D 250 11.79 31.29 14.90
C GLN D 250 10.52 31.86 14.26
N ALA D 251 10.29 31.54 12.99
CA ALA D 251 9.11 32.02 12.28
C ALA D 251 7.84 31.36 12.82
N LYS D 252 7.96 30.08 13.17
CA LYS D 252 6.86 29.35 13.78
C LYS D 252 6.55 29.85 15.19
N MET D 253 7.59 29.98 16.02
CA MET D 253 7.45 30.53 17.36
C MET D 253 6.77 31.89 17.30
N ASN D 254 7.14 32.70 16.32
CA ASN D 254 6.59 34.04 16.15
C ASN D 254 5.10 34.14 15.82
N SER D 255 4.64 33.37 14.84
CA SER D 255 3.25 33.47 14.42
C SER D 255 2.34 32.76 15.42
N ASP D 256 2.92 31.87 16.22
CA ASP D 256 2.23 31.31 17.39
C ASP D 256 2.04 32.40 18.44
N ASN D 257 3.11 33.13 18.74
CA ASN D 257 3.08 34.19 19.75
C ASN D 257 2.39 35.47 19.26
N GLY D 258 2.62 35.82 18.00
CA GLY D 258 2.05 37.03 17.42
C GLY D 258 0.65 36.81 16.93
N ASP D 265 0.81 32.45 9.27
CA ASP D 265 0.10 31.44 10.03
C ASP D 265 1.02 30.30 10.44
N SER D 266 0.66 29.60 11.50
CA SER D 266 1.51 28.55 12.07
C SER D 266 1.28 27.21 11.39
N GLU D 267 0.17 27.10 10.68
CA GLU D 267 -0.14 25.91 9.90
C GLU D 267 0.82 25.76 8.73
N LEU D 268 1.26 26.89 8.18
CA LEU D 268 2.26 26.89 7.11
C LEU D 268 3.64 26.47 7.62
N LEU D 269 3.77 26.35 8.94
CA LEU D 269 5.05 26.04 9.55
C LEU D 269 5.00 24.79 10.41
N SER D 270 4.15 23.84 10.03
CA SER D 270 4.17 22.55 10.69
C SER D 270 5.52 21.88 10.47
N ASP D 271 5.83 20.87 11.27
CA ASP D 271 7.05 20.09 11.08
C ASP D 271 7.18 19.61 9.64
N ASN D 272 6.05 19.22 9.03
CA ASN D 272 6.05 18.71 7.67
C ASN D 272 6.44 19.74 6.61
N HIS D 273 5.88 20.94 6.72
CA HIS D 273 6.30 22.08 5.89
C HIS D 273 7.80 22.38 6.06
N ILE D 274 8.23 22.45 7.31
CA ILE D 274 9.62 22.77 7.59
C ILE D 274 10.55 21.71 6.99
N LEU D 275 10.31 20.45 7.31
CA LEU D 275 11.20 19.41 6.84
C LEU D 275 11.17 19.22 5.31
N THR D 276 10.03 19.44 4.67
CA THR D 276 9.98 19.43 3.20
C THR D 276 10.86 20.55 2.63
N THR D 277 10.78 21.74 3.20
CA THR D 277 11.67 22.83 2.82
C THR D 277 13.16 22.51 3.07
N ILE D 278 13.48 21.93 4.22
CA ILE D 278 14.86 21.51 4.44
C ILE D 278 15.28 20.48 3.37
N GLY D 279 14.38 19.58 3.02
CA GLY D 279 14.69 18.55 2.04
C GLY D 279 15.00 19.12 0.66
N ASP D 280 14.26 20.14 0.25
CA ASP D 280 14.47 20.81 -1.03
C ASP D 280 15.84 21.48 -1.06
N ILE D 281 16.12 22.32 -0.07
CA ILE D 281 17.40 23.00 0.04
C ILE D 281 18.56 22.01 0.06
N PHE D 282 18.39 20.92 0.79
CA PHE D 282 19.45 19.94 0.92
C PHE D 282 19.64 19.20 -0.38
N GLY D 283 18.53 18.95 -1.07
CA GLY D 283 18.58 18.20 -2.30
C GLY D 283 19.12 19.04 -3.42
N ALA D 284 18.57 20.23 -3.58
CA ALA D 284 18.99 21.13 -4.64
C ALA D 284 20.44 21.45 -4.43
N GLY D 285 20.77 21.87 -3.21
CA GLY D 285 22.11 22.25 -2.85
C GLY D 285 23.15 21.23 -3.27
N VAL D 286 22.86 19.96 -3.02
CA VAL D 286 23.87 18.94 -3.19
C VAL D 286 23.97 18.44 -4.62
N GLU D 287 22.85 17.98 -5.17
CA GLU D 287 22.82 17.28 -6.45
C GLU D 287 23.08 18.15 -7.69
N THR D 288 22.67 19.41 -7.66
CA THR D 288 22.93 20.28 -8.79
C THR D 288 24.43 20.57 -8.87
N THR D 289 24.98 21.10 -7.80
CA THR D 289 26.39 21.50 -7.78
C THR D 289 27.37 20.35 -7.97
N THR D 290 27.08 19.17 -7.43
CA THR D 290 27.94 18.03 -7.67
C THR D 290 27.90 17.64 -9.13
N SER D 291 26.70 17.64 -9.71
CA SER D 291 26.53 17.32 -11.12
C SER D 291 27.26 18.31 -12.04
N VAL D 292 27.18 19.61 -11.71
CA VAL D 292 27.83 20.62 -12.56
C VAL D 292 29.35 20.45 -12.45
N VAL D 293 29.88 20.26 -11.24
CA VAL D 293 31.30 19.97 -11.10
C VAL D 293 31.72 18.76 -11.95
N LYS D 294 30.97 17.67 -11.90
CA LYS D 294 31.33 16.46 -12.66
C LYS D 294 31.37 16.71 -14.17
N TRP D 295 30.42 17.49 -14.68
CA TRP D 295 30.35 17.80 -16.10
C TRP D 295 31.53 18.66 -16.56
N THR D 296 31.91 19.61 -15.72
CA THR D 296 33.00 20.53 -16.00
C THR D 296 34.31 19.77 -16.17
N LEU D 297 34.58 18.84 -15.27
CA LEU D 297 35.77 18.02 -15.35
C LEU D 297 35.75 17.17 -16.60
N ALA D 298 34.58 16.66 -16.93
CA ALA D 298 34.43 15.80 -18.10
C ALA D 298 34.77 16.57 -19.35
N PHE D 299 34.37 17.83 -19.40
CA PHE D 299 34.64 18.66 -20.56
C PHE D 299 36.10 19.07 -20.65
N LEU D 300 36.74 19.28 -19.51
CA LEU D 300 38.15 19.65 -19.49
C LEU D 300 38.99 18.44 -19.91
N LEU D 301 38.47 17.24 -19.68
CA LEU D 301 39.14 16.03 -20.11
C LEU D 301 38.91 15.77 -21.60
N HIS D 302 38.04 16.55 -22.22
CA HIS D 302 37.78 16.41 -23.65
C HIS D 302 38.37 17.56 -24.46
N ASN D 303 38.71 18.65 -23.78
CA ASN D 303 39.34 19.79 -24.42
C ASN D 303 40.58 20.22 -23.64
N PRO D 304 41.66 19.41 -23.71
CA PRO D 304 42.89 19.63 -22.94
C PRO D 304 43.51 20.99 -23.18
N GLN D 305 43.20 21.63 -24.31
CA GLN D 305 43.80 22.93 -24.58
C GLN D 305 43.19 23.99 -23.66
N VAL D 306 41.88 23.96 -23.47
CA VAL D 306 41.23 24.76 -22.44
C VAL D 306 41.78 24.44 -21.04
N LYS D 307 41.97 23.16 -20.74
CA LYS D 307 42.50 22.77 -19.44
C LYS D 307 43.85 23.43 -19.19
N LYS D 308 44.68 23.54 -20.23
CA LYS D 308 45.98 24.15 -20.08
C LYS D 308 45.86 25.65 -19.80
N LYS D 309 45.09 26.35 -20.63
CA LYS D 309 44.88 27.77 -20.42
C LYS D 309 44.40 28.06 -19.00
N LEU D 310 43.56 27.18 -18.46
CA LEU D 310 43.03 27.39 -17.13
C LEU D 310 44.14 27.30 -16.10
N TYR D 311 45.06 26.36 -16.26
CA TYR D 311 46.18 26.22 -15.32
C TYR D 311 47.08 27.46 -15.40
N GLU D 312 47.41 27.88 -16.61
CA GLU D 312 48.24 29.04 -16.80
C GLU D 312 47.60 30.27 -16.17
N GLU D 313 46.30 30.39 -16.32
CA GLU D 313 45.59 31.56 -15.81
C GLU D 313 45.66 31.64 -14.28
N ILE D 314 45.47 30.51 -13.61
CA ILE D 314 45.48 30.53 -12.16
C ILE D 314 46.90 30.79 -11.67
N ASP D 315 47.87 30.16 -12.32
CA ASP D 315 49.27 30.36 -11.98
C ASP D 315 49.64 31.83 -12.17
N GLN D 316 49.17 32.41 -13.27
CA GLN D 316 49.53 33.77 -13.66
C GLN D 316 48.74 34.88 -12.95
N ASN D 317 47.60 34.55 -12.36
CA ASN D 317 46.71 35.58 -11.79
C ASN D 317 46.50 35.48 -10.29
N VAL D 318 46.81 34.33 -9.69
CA VAL D 318 46.82 34.23 -8.23
C VAL D 318 48.10 33.57 -7.73
N GLY D 319 48.68 32.70 -8.54
CA GLY D 319 49.89 32.02 -8.16
C GLY D 319 49.68 31.17 -6.92
N PHE D 320 50.70 31.13 -6.04
CA PHE D 320 50.72 30.14 -4.97
C PHE D 320 51.00 30.69 -3.58
N SER D 321 51.04 32.01 -3.43
CA SER D 321 51.22 32.60 -2.11
C SER D 321 50.00 32.34 -1.23
N ARG D 322 48.88 32.02 -1.88
CA ARG D 322 47.61 31.85 -1.18
C ARG D 322 46.66 31.02 -2.03
N THR D 323 45.62 30.50 -1.38
CA THR D 323 44.60 29.69 -2.04
C THR D 323 43.53 30.63 -2.59
N PRO D 324 42.73 30.16 -3.57
CA PRO D 324 41.74 31.03 -4.22
C PRO D 324 40.66 31.55 -3.30
N THR D 325 40.11 32.70 -3.66
CA THR D 325 39.02 33.36 -2.94
C THR D 325 37.94 33.83 -3.93
N ILE D 326 36.82 34.30 -3.40
CA ILE D 326 35.76 34.78 -4.26
C ILE D 326 36.19 35.99 -5.09
N SER D 327 37.07 36.82 -4.54
CA SER D 327 37.57 37.98 -5.28
C SER D 327 38.26 37.56 -6.57
N ASP D 328 38.84 36.37 -6.58
CA ASP D 328 39.57 35.89 -7.75
C ASP D 328 38.71 35.59 -8.96
N ARG D 329 37.39 35.69 -8.82
CA ARG D 329 36.54 35.49 -9.99
C ARG D 329 36.66 36.70 -10.93
N ASN D 330 37.21 37.80 -10.41
CA ASN D 330 37.59 38.97 -11.21
C ASN D 330 38.91 38.78 -11.96
N ARG D 331 39.69 37.80 -11.57
CA ARG D 331 40.96 37.50 -12.24
C ARG D 331 40.87 36.28 -13.16
N LEU D 332 40.18 35.24 -12.69
CA LEU D 332 40.14 33.96 -13.38
C LEU D 332 38.95 33.89 -14.33
N LEU D 333 38.96 34.78 -15.32
CA LEU D 333 37.83 34.94 -16.22
C LEU D 333 37.60 33.70 -17.06
N LEU D 334 38.66 33.05 -17.52
CA LEU D 334 38.48 31.86 -18.35
C LEU D 334 37.76 30.80 -17.54
N LEU D 335 37.97 30.77 -16.24
CA LEU D 335 37.33 29.78 -15.40
C LEU D 335 35.83 30.08 -15.27
N GLU D 336 35.51 31.33 -14.96
CA GLU D 336 34.13 31.78 -14.91
C GLU D 336 33.41 31.57 -16.24
N ALA D 337 34.11 31.70 -17.34
CA ALA D 337 33.51 31.56 -18.64
C ALA D 337 33.30 30.08 -18.95
N THR D 338 34.17 29.25 -18.38
CA THR D 338 34.11 27.81 -18.60
C THR D 338 32.89 27.21 -17.90
N ILE D 339 32.73 27.52 -16.62
CA ILE D 339 31.51 27.18 -15.89
C ILE D 339 30.26 27.70 -16.62
N ARG D 340 30.33 28.90 -17.15
CA ARG D 340 29.20 29.46 -17.89
C ARG D 340 28.84 28.63 -19.11
N GLU D 341 29.85 28.11 -19.79
CA GLU D 341 29.67 27.36 -21.03
C GLU D 341 29.21 25.93 -20.72
N VAL D 342 29.62 25.41 -19.56
CA VAL D 342 29.12 24.12 -19.10
C VAL D 342 27.61 24.22 -18.80
N LEU D 343 27.21 25.27 -18.08
CA LEU D 343 25.80 25.51 -17.81
C LEU D 343 24.98 25.80 -19.07
N ARG D 344 25.61 26.29 -20.13
CA ARG D 344 24.89 26.48 -21.39
C ARG D 344 24.63 25.13 -22.06
N LEU D 345 25.70 24.35 -22.17
CA LEU D 345 25.69 23.11 -22.93
C LEU D 345 24.87 22.02 -22.27
N ARG D 346 25.02 21.93 -20.95
CA ARG D 346 24.35 20.93 -20.16
C ARG D 346 23.71 21.59 -18.96
N PRO D 347 22.57 22.25 -19.17
CA PRO D 347 21.88 22.83 -18.03
C PRO D 347 21.46 21.76 -17.04
N VAL D 348 21.67 22.02 -15.75
CA VAL D 348 21.27 21.09 -14.71
C VAL D 348 19.85 20.62 -14.95
N ALA D 349 18.99 21.57 -15.34
CA ALA D 349 17.60 21.26 -15.66
C ALA D 349 17.28 21.68 -17.11
N PRO D 350 17.43 20.74 -18.07
CA PRO D 350 17.27 21.10 -19.48
C PRO D 350 15.90 21.65 -19.81
N MET D 351 14.94 21.49 -18.91
CA MET D 351 13.59 21.99 -19.13
C MET D 351 13.05 22.60 -17.85
N LEU D 352 13.96 23.27 -17.12
CA LEU D 352 13.63 23.86 -15.83
C LEU D 352 12.80 22.86 -14.99
N ILE D 353 11.73 23.35 -14.39
CA ILE D 353 10.71 22.54 -13.76
C ILE D 353 9.39 23.08 -14.34
N PRO D 354 8.39 22.22 -14.55
CA PRO D 354 7.18 22.71 -15.23
C PRO D 354 6.51 23.86 -14.50
N HIS D 355 5.99 24.80 -15.28
CA HIS D 355 5.18 25.87 -14.75
C HIS D 355 3.72 25.59 -15.08
N LYS D 356 2.85 26.45 -14.57
CA LYS D 356 1.42 26.30 -14.72
C LYS D 356 0.74 27.68 -14.74
N ALA D 357 -0.23 27.85 -15.62
CA ALA D 357 -0.99 29.10 -15.71
C ALA D 357 -1.98 29.20 -14.56
N ASN D 358 -1.80 30.20 -13.70
CA ASN D 358 -2.69 30.40 -12.57
C ASN D 358 -3.98 31.10 -12.99
N VAL D 359 -3.93 31.76 -14.16
CA VAL D 359 -5.06 32.49 -14.73
C VAL D 359 -5.04 32.38 -16.25
N ASP D 360 -6.15 32.65 -16.91
CA ASP D 360 -6.15 32.74 -18.37
C ASP D 360 -5.11 33.78 -18.71
N SER D 361 -4.36 33.56 -19.78
CA SER D 361 -3.29 34.48 -20.14
C SER D 361 -2.83 34.19 -21.56
N SER D 362 -1.63 34.62 -21.89
CA SER D 362 -1.14 34.46 -23.25
C SER D 362 0.39 34.42 -23.31
N ILE D 363 0.90 33.89 -24.41
CA ILE D 363 2.33 33.82 -24.65
C ILE D 363 2.52 34.17 -26.12
N GLY D 364 3.19 35.29 -26.39
CA GLY D 364 3.40 35.73 -27.77
C GLY D 364 2.11 35.89 -28.55
N GLU D 365 1.05 36.29 -27.85
CA GLU D 365 -0.27 36.41 -28.44
C GLU D 365 -0.81 35.08 -29.03
N PHE D 366 -0.49 33.98 -28.36
CA PHE D 366 -1.31 32.77 -28.38
C PHE D 366 -2.02 32.73 -27.03
N ALA D 367 -3.31 32.42 -27.03
CA ALA D 367 -4.06 32.24 -25.80
C ALA D 367 -3.57 31.00 -25.04
N VAL D 368 -3.71 31.03 -23.72
CA VAL D 368 -3.40 29.89 -22.86
C VAL D 368 -4.39 29.88 -21.70
N ASP D 369 -5.00 28.74 -21.43
CA ASP D 369 -5.98 28.64 -20.35
C ASP D 369 -5.40 28.32 -18.97
N LYS D 370 -6.06 28.86 -17.95
CA LYS D 370 -5.81 28.52 -16.56
C LYS D 370 -5.61 26.99 -16.39
N GLY D 371 -4.58 26.61 -15.62
CA GLY D 371 -4.27 25.20 -15.37
C GLY D 371 -3.32 24.59 -16.38
N THR D 372 -3.16 25.22 -17.54
CA THR D 372 -2.26 24.72 -18.56
C THR D 372 -0.83 24.65 -18.02
N GLU D 373 -0.22 23.49 -18.22
CA GLU D 373 1.18 23.23 -17.91
C GLU D 373 2.10 23.79 -18.99
N VAL D 374 3.10 24.55 -18.59
CA VAL D 374 4.00 25.24 -19.52
C VAL D 374 5.44 24.86 -19.24
N ILE D 375 6.12 24.33 -20.26
CA ILE D 375 7.51 23.90 -20.13
C ILE D 375 8.42 24.79 -20.98
N ILE D 376 9.40 25.40 -20.36
CA ILE D 376 10.47 26.08 -21.09
C ILE D 376 11.51 25.06 -21.48
N ASN D 377 11.73 24.92 -22.79
CA ASN D 377 12.76 24.02 -23.27
C ASN D 377 14.10 24.72 -23.29
N LEU D 378 14.75 24.77 -22.13
CA LEU D 378 15.98 25.55 -21.97
C LEU D 378 17.07 25.07 -22.90
N TRP D 379 17.00 23.80 -23.27
CA TRP D 379 17.91 23.24 -24.26
C TRP D 379 17.77 23.95 -25.60
N ALA D 380 16.54 24.31 -25.98
CA ALA D 380 16.33 25.03 -27.23
C ALA D 380 17.02 26.38 -27.15
N LEU D 381 16.68 27.17 -26.14
CA LEU D 381 17.29 28.48 -25.92
C LEU D 381 18.81 28.46 -25.97
N HIS D 382 19.42 27.44 -25.36
CA HIS D 382 20.87 27.38 -25.24
C HIS D 382 21.55 26.84 -26.50
N HIS D 383 20.77 26.35 -27.45
CA HIS D 383 21.31 25.83 -28.71
C HIS D 383 20.76 26.49 -29.97
N ASN D 384 19.91 27.50 -29.80
CA ASN D 384 19.44 28.31 -30.90
C ASN D 384 20.60 28.79 -31.76
N GLU D 385 20.68 28.28 -33.00
CA GLU D 385 21.80 28.53 -33.90
C GLU D 385 21.86 29.99 -34.34
N LYS D 386 20.74 30.69 -34.19
CA LYS D 386 20.67 32.12 -34.51
C LYS D 386 21.11 33.03 -33.35
N GLU D 387 21.15 32.47 -32.13
CA GLU D 387 21.54 33.24 -30.94
C GLU D 387 22.94 32.92 -30.47
N TRP D 388 23.50 31.81 -30.94
CA TRP D 388 24.83 31.35 -30.54
C TRP D 388 25.62 30.90 -31.76
N HIS D 389 26.91 31.24 -31.81
CA HIS D 389 27.78 30.75 -32.87
C HIS D 389 28.34 29.40 -32.48
N GLN D 390 28.00 28.38 -33.26
CA GLN D 390 28.46 27.02 -32.98
C GLN D 390 27.99 26.54 -31.61
N PRO D 391 26.67 26.43 -31.42
CA PRO D 391 26.05 26.02 -30.16
C PRO D 391 26.48 24.63 -29.76
N ASP D 392 26.71 23.78 -30.76
CA ASP D 392 27.18 22.43 -30.53
C ASP D 392 28.56 22.40 -29.87
N GLN D 393 29.34 23.45 -30.06
CA GLN D 393 30.74 23.45 -29.62
C GLN D 393 30.94 23.96 -28.20
N PHE D 394 31.78 23.25 -27.44
CA PHE D 394 32.20 23.71 -26.12
C PHE D 394 33.28 24.76 -26.29
N MET D 395 32.90 26.03 -26.07
CA MET D 395 33.71 27.17 -26.48
C MET D 395 33.64 28.26 -25.42
N PRO D 396 34.38 28.08 -24.32
CA PRO D 396 34.25 29.00 -23.18
C PRO D 396 34.51 30.44 -23.57
N GLU D 397 35.38 30.60 -24.55
CA GLU D 397 35.81 31.92 -25.00
C GLU D 397 34.67 32.77 -25.57
N ARG D 398 33.49 32.17 -25.78
CA ARG D 398 32.35 32.91 -26.30
C ARG D 398 31.81 33.87 -25.25
N PHE D 399 32.28 33.69 -24.01
CA PHE D 399 31.89 34.56 -22.91
C PHE D 399 32.95 35.60 -22.62
N LEU D 400 33.98 35.63 -23.45
CA LEU D 400 35.01 36.66 -23.40
C LEU D 400 35.07 37.36 -24.75
N ASN D 401 35.26 38.68 -24.73
CA ASN D 401 35.51 39.41 -25.96
C ASN D 401 36.70 38.82 -26.72
N PRO D 402 36.83 39.13 -28.02
CA PRO D 402 37.96 38.58 -28.78
C PRO D 402 39.31 38.94 -28.17
N ALA D 403 39.34 40.02 -27.38
CA ALA D 403 40.58 40.54 -26.79
C ALA D 403 41.26 39.52 -25.90
N GLY D 404 40.65 39.25 -24.74
CA GLY D 404 41.26 38.41 -23.74
C GLY D 404 40.66 38.63 -22.36
N THR D 405 40.24 39.86 -22.07
CA THR D 405 39.71 40.18 -20.74
C THR D 405 38.28 40.71 -20.77
N GLN D 406 37.68 40.73 -19.58
CA GLN D 406 36.28 41.08 -19.38
C GLN D 406 35.31 40.00 -19.88
N LEU D 407 34.30 39.72 -19.05
CA LEU D 407 33.27 38.76 -19.38
C LEU D 407 32.12 39.43 -20.10
N ILE D 408 31.56 38.74 -21.09
CA ILE D 408 30.50 39.29 -21.91
C ILE D 408 29.29 38.36 -21.92
N SER D 409 28.11 38.93 -22.20
CA SER D 409 26.90 38.16 -22.43
C SER D 409 26.64 38.06 -23.93
N PRO D 410 27.17 37.02 -24.58
CA PRO D 410 27.04 36.90 -26.03
C PRO D 410 25.61 36.69 -26.50
N SER D 411 24.71 36.35 -25.57
CA SER D 411 23.34 36.02 -25.94
C SER D 411 22.37 36.29 -24.82
N VAL D 412 21.18 36.73 -25.21
CA VAL D 412 20.09 36.96 -24.26
C VAL D 412 19.26 35.69 -24.13
N SER D 413 19.76 34.60 -24.71
CA SER D 413 19.08 33.31 -24.74
C SER D 413 19.78 32.35 -23.77
N TYR D 414 19.93 32.77 -22.53
CA TYR D 414 20.72 32.05 -21.55
C TYR D 414 20.03 32.23 -20.21
N LEU D 415 19.50 31.14 -19.67
CA LEU D 415 18.79 31.17 -18.39
C LEU D 415 18.97 29.86 -17.59
N PRO D 416 20.23 29.47 -17.31
CA PRO D 416 20.42 28.19 -16.62
C PRO D 416 19.83 28.15 -15.21
N PHE D 417 19.51 29.31 -14.65
CA PHE D 417 18.93 29.42 -13.30
C PHE D 417 17.47 29.89 -13.34
N GLY D 418 16.84 29.80 -14.51
CA GLY D 418 15.49 30.31 -14.67
C GLY D 418 15.43 31.82 -14.50
N ALA D 419 14.31 32.35 -14.04
CA ALA D 419 14.12 33.79 -13.88
C ALA D 419 12.73 34.07 -13.34
N GLY D 420 12.54 35.25 -12.77
CA GLY D 420 11.22 35.65 -12.28
C GLY D 420 10.88 34.97 -10.98
N PRO D 421 9.58 34.89 -10.66
CA PRO D 421 9.12 34.39 -9.35
C PRO D 421 9.58 32.98 -8.92
N ARG D 422 9.83 32.05 -9.85
CA ARG D 422 10.24 30.68 -9.47
C ARG D 422 11.72 30.45 -9.72
N SER D 423 12.44 31.50 -10.04
CA SER D 423 13.89 31.41 -10.27
C SER D 423 14.61 30.78 -9.08
N CYS D 424 15.81 30.29 -9.35
CA CYS D 424 16.64 29.68 -8.34
C CYS D 424 16.88 30.65 -7.20
N ILE D 425 16.95 30.15 -5.98
CA ILE D 425 17.25 31.02 -4.83
C ILE D 425 18.66 30.80 -4.26
N GLY D 426 19.40 29.86 -4.81
CA GLY D 426 20.73 29.56 -4.36
C GLY D 426 21.73 29.72 -5.47
N GLU D 427 21.44 30.61 -6.40
CA GLU D 427 22.29 30.79 -7.56
C GLU D 427 23.66 31.31 -7.11
N ILE D 428 23.63 32.18 -6.11
CA ILE D 428 24.82 32.81 -5.56
C ILE D 428 25.68 31.76 -4.89
N LEU D 429 25.11 31.00 -3.96
CA LEU D 429 25.81 29.89 -3.34
C LEU D 429 26.45 28.99 -4.39
N ALA D 430 25.68 28.71 -5.44
CA ALA D 430 26.08 27.75 -6.45
C ALA D 430 27.25 28.26 -7.27
N ARG D 431 27.12 29.50 -7.75
CA ARG D 431 28.18 30.13 -8.52
C ARG D 431 29.49 30.22 -7.73
N GLN D 432 29.38 30.41 -6.42
CA GLN D 432 30.57 30.54 -5.58
C GLN D 432 31.21 29.20 -5.25
N GLU D 433 30.40 28.21 -4.88
CA GLU D 433 30.89 26.86 -4.68
C GLU D 433 31.57 26.30 -5.92
N LEU D 434 30.94 26.49 -7.08
CA LEU D 434 31.49 25.93 -8.31
C LEU D 434 32.83 26.56 -8.62
N PHE D 435 32.95 27.85 -8.34
CA PHE D 435 34.15 28.59 -8.66
C PHE D 435 35.30 28.22 -7.73
N LEU D 436 35.06 28.29 -6.43
CA LEU D 436 36.09 27.91 -5.48
C LEU D 436 36.45 26.42 -5.60
N ILE D 437 35.52 25.58 -5.98
CA ILE D 437 35.88 24.17 -6.17
C ILE D 437 36.84 24.00 -7.35
N MET D 438 36.52 24.56 -8.51
CA MET D 438 37.40 24.40 -9.68
C MET D 438 38.74 25.11 -9.49
N ALA D 439 38.69 26.30 -8.90
CA ALA D 439 39.88 27.11 -8.66
C ALA D 439 40.88 26.33 -7.82
N TRP D 440 40.44 25.81 -6.68
CA TRP D 440 41.29 25.04 -5.79
C TRP D 440 41.86 23.77 -6.39
N LEU D 441 41.04 23.07 -7.17
CA LEU D 441 41.49 21.79 -7.73
C LEU D 441 42.56 22.06 -8.76
N LEU D 442 42.33 23.05 -9.62
CA LEU D 442 43.27 23.35 -10.70
C LEU D 442 44.58 23.86 -10.15
N GLN D 443 44.51 24.67 -9.09
CA GLN D 443 45.71 25.15 -8.41
C GLN D 443 46.54 23.99 -7.87
N ARG D 444 45.87 22.96 -7.39
CA ARG D 444 46.53 21.95 -6.55
C ARG D 444 46.68 20.56 -7.19
N PHE D 445 45.96 20.28 -8.29
CA PHE D 445 45.99 18.94 -8.90
C PHE D 445 46.10 18.97 -10.41
N ASP D 446 46.93 18.08 -10.95
CA ASP D 446 46.83 17.71 -12.35
C ASP D 446 45.62 16.79 -12.45
N LEU D 447 44.83 16.94 -13.50
CA LEU D 447 43.63 16.13 -13.69
C LEU D 447 43.61 15.62 -15.11
N GLU D 448 44.17 14.43 -15.31
CA GLU D 448 44.33 13.87 -16.64
C GLU D 448 43.49 12.62 -16.79
N VAL D 449 43.20 12.28 -18.04
CA VAL D 449 42.49 11.06 -18.39
C VAL D 449 43.20 9.91 -17.68
N PRO D 450 42.43 8.90 -17.21
CA PRO D 450 43.09 7.86 -16.43
C PRO D 450 43.75 6.81 -17.31
N ASP D 451 44.68 6.06 -16.74
CA ASP D 451 45.51 5.11 -17.50
C ASP D 451 44.78 4.33 -18.60
N ASP D 452 43.67 3.71 -18.23
CA ASP D 452 42.86 2.95 -19.18
C ASP D 452 42.48 3.76 -20.43
N GLY D 453 42.59 5.08 -20.33
CA GLY D 453 42.39 5.95 -21.48
C GLY D 453 40.94 6.11 -21.88
N GLN D 454 40.03 5.67 -20.99
CA GLN D 454 38.60 5.81 -21.22
C GLN D 454 38.17 7.26 -20.99
N LEU D 455 37.35 7.78 -21.90
CA LEU D 455 36.81 9.13 -21.76
C LEU D 455 35.33 9.07 -21.39
N PRO D 456 34.90 9.98 -20.48
CA PRO D 456 33.48 10.01 -20.12
C PRO D 456 32.59 10.42 -21.28
N SER D 457 31.43 9.76 -21.38
CA SER D 457 30.44 10.15 -22.36
C SER D 457 29.84 11.47 -21.91
N LEU D 458 29.60 12.35 -22.88
CA LEU D 458 29.02 13.66 -22.62
C LEU D 458 27.57 13.76 -23.07
N GLU D 459 26.97 12.64 -23.47
CA GLU D 459 25.58 12.68 -23.92
C GLU D 459 24.65 12.83 -22.73
N GLY D 460 25.06 12.33 -21.58
CA GLY D 460 24.30 12.56 -20.37
C GLY D 460 23.05 11.72 -20.29
N ILE D 461 22.39 11.86 -19.14
CA ILE D 461 21.22 11.08 -18.80
C ILE D 461 20.22 12.07 -18.22
N PRO D 462 19.21 12.45 -19.02
CA PRO D 462 18.29 13.46 -18.50
C PRO D 462 17.35 12.91 -17.44
N LYS D 463 17.40 13.49 -16.26
CA LYS D 463 16.42 13.19 -15.23
C LYS D 463 16.01 14.52 -14.64
N VAL D 464 15.45 14.53 -13.44
CA VAL D 464 15.11 15.80 -12.81
C VAL D 464 16.36 16.71 -12.79
N VAL D 465 17.54 16.08 -12.72
CA VAL D 465 18.82 16.72 -12.92
C VAL D 465 19.51 16.03 -14.09
N PHE D 466 20.18 16.80 -14.94
CA PHE D 466 20.88 16.27 -16.11
C PHE D 466 22.22 15.67 -15.67
N LEU D 467 22.27 14.35 -15.54
CA LEU D 467 23.45 13.69 -15.03
C LEU D 467 24.39 13.27 -16.14
N ILE D 468 25.67 13.14 -15.79
CA ILE D 468 26.65 12.52 -16.65
C ILE D 468 26.96 11.11 -16.12
N ASP D 469 27.22 10.17 -17.02
CA ASP D 469 27.70 8.84 -16.61
C ASP D 469 28.95 9.03 -15.77
N SER D 470 28.92 8.54 -14.52
CA SER D 470 30.06 8.68 -13.62
C SER D 470 31.28 8.09 -14.30
N PHE D 471 32.46 8.61 -13.99
CA PHE D 471 33.67 8.26 -14.72
C PHE D 471 34.89 8.38 -13.84
N LYS D 472 36.06 8.10 -14.42
CA LYS D 472 37.32 8.05 -13.69
C LYS D 472 38.26 9.17 -14.11
N VAL D 473 39.04 9.68 -13.16
CA VAL D 473 40.02 10.71 -13.45
C VAL D 473 41.33 10.43 -12.73
N LYS D 474 42.44 10.63 -13.45
CA LYS D 474 43.77 10.49 -12.85
C LYS D 474 44.11 11.80 -12.18
N ILE D 475 44.35 11.71 -10.88
CA ILE D 475 44.58 12.86 -10.06
C ILE D 475 45.98 12.79 -9.47
N LYS D 476 46.79 13.81 -9.77
CA LYS D 476 48.14 13.90 -9.24
C LYS D 476 48.43 15.32 -8.74
N VAL D 477 49.10 15.40 -7.59
CA VAL D 477 49.50 16.70 -7.07
C VAL D 477 50.40 17.39 -8.10
N ARG D 478 50.41 18.72 -8.09
CA ARG D 478 51.15 19.48 -9.08
C ARG D 478 52.53 19.83 -8.56
N GLN D 479 53.53 19.60 -9.43
CA GLN D 479 54.90 20.01 -9.13
C GLN D 479 54.91 21.49 -8.77
N ALA D 480 54.18 22.29 -9.54
CA ALA D 480 54.08 23.71 -9.23
C ALA D 480 53.63 23.90 -7.79
N TRP D 481 52.66 23.11 -7.35
CA TRP D 481 52.12 23.26 -6.00
C TRP D 481 53.09 22.69 -4.94
N ARG D 482 53.84 21.66 -5.29
CA ARG D 482 54.78 21.06 -4.35
C ARG D 482 55.96 22.00 -4.05
N GLU D 483 56.65 22.42 -5.10
CA GLU D 483 57.77 23.35 -4.99
C GLU D 483 57.44 24.57 -4.14
N ALA D 484 56.16 24.94 -4.10
CA ALA D 484 55.74 26.15 -3.40
C ALA D 484 55.45 25.89 -1.91
N GLN D 485 56.06 24.84 -1.36
CA GLN D 485 55.89 24.50 0.06
C GLN D 485 57.23 24.24 0.75
CHA HEM E . -8.29 -17.29 -28.51
CHB HEM E . -11.40 -16.73 -24.82
CHC HEM E . -9.63 -20.83 -22.89
CHD HEM E . -6.78 -21.51 -26.75
C1A HEM E . -9.22 -16.78 -27.64
C2A HEM E . -9.80 -15.48 -27.76
C3A HEM E . -10.65 -15.29 -26.77
C4A HEM E . -10.66 -16.49 -25.96
CMA HEM E . -11.48 -14.01 -26.57
CAA HEM E . -9.44 -14.47 -28.84
CBA HEM E . -10.54 -14.34 -29.86
CGA HEM E . -10.03 -13.31 -30.83
O1A HEM E . -10.86 -12.82 -31.65
O2A HEM E . -8.82 -12.97 -30.76
C1B HEM E . -11.15 -17.77 -23.94
C2B HEM E . -11.76 -17.94 -22.64
C3B HEM E . -11.26 -19.07 -22.09
C4B HEM E . -10.34 -19.66 -23.04
CMB HEM E . -12.78 -16.92 -22.08
CAB HEM E . -11.56 -19.75 -20.73
CBB HEM E . -12.59 -19.45 -19.95
C1C HEM E . -8.77 -21.40 -23.81
C2C HEM E . -8.21 -22.72 -23.73
C3C HEM E . -7.39 -22.89 -24.78
C4C HEM E . -7.46 -21.69 -25.57
CMC HEM E . -8.49 -23.66 -22.55
CAC HEM E . -6.52 -24.07 -25.28
CBC HEM E . -6.83 -25.34 -25.00
C1D HEM E . -6.88 -20.42 -27.57
C2D HEM E . -6.07 -20.20 -28.74
C3D HEM E . -6.53 -18.87 -29.31
C4D HEM E . -7.57 -18.44 -28.40
CMD HEM E . -4.96 -21.13 -29.28
CAD HEM E . -6.00 -18.15 -30.57
CBD HEM E . -6.86 -18.55 -31.78
CGD HEM E . -6.39 -17.93 -33.09
O1D HEM E . -6.67 -18.54 -34.16
O2D HEM E . -5.75 -16.84 -33.12
NA HEM E . -9.76 -17.38 -26.53
NB HEM E . -10.28 -18.85 -24.15
NC HEM E . -8.30 -20.80 -24.96
ND HEM E . -7.76 -19.37 -27.40
FE HEM E . -9.19 -19.26 -25.87
HHB HEM E . -12.28 -16.30 -24.77
HHC HEM E . -9.75 -21.30 -22.04
HHD HEM E . -6.09 -22.18 -26.98
HMA HEM E . -10.88 -13.24 -26.47
HMAA HEM E . -12.03 -14.09 -25.76
HMAB HEM E . -12.06 -13.87 -27.35
HAA HEM E . -8.63 -14.77 -29.30
HAAA HEM E . -9.27 -13.61 -28.44
HBA HEM E . -11.36 -14.02 -29.42
HBAA HEM E . -10.70 -15.18 -30.30
HMB HEM E . -12.36 -16.05 -22.01
HMBA HEM E . -13.08 -17.21 -21.20
HMBB HEM E . -13.55 -16.88 -22.68
HAB HEM E . -10.96 -20.44 -20.44
HBB HEM E . -12.71 -19.92 -19.11
HBBA HEM E . -13.22 -18.76 -20.21
HMC HEM E . -8.19 -23.26 -21.72
HMCA HEM E . -8.02 -24.50 -22.68
HMCB HEM E . -9.44 -23.84 -22.50
HAC HEM E . -5.73 -23.90 -25.79
HBC HEM E . -6.28 -26.06 -25.31
HBCA HEM E . -7.63 -25.54 -24.47
HMD HEM E . -4.58 -20.73 -30.09
HMDA HEM E . -5.34 -22.01 -29.49
HMDB HEM E . -4.26 -21.23 -28.60
HAD HEM E . -5.08 -18.40 -30.73
HADA HEM E . -6.06 -17.18 -30.44
HBD HEM E . -7.77 -18.27 -31.62
HBDA HEM E . -6.83 -19.51 -31.87
HHA HEM E . -8.12 -16.75 -29.31
C1 PLO F . -0.17 -16.70 -20.81
C2 PLO F . 1.17 -17.03 -20.22
C3 PLO F . 2.09 -17.84 -21.08
O3 PLO F . 3.31 -18.00 -20.42
C4 PLO F . 2.38 -17.22 -22.47
C5 PLO F . 0.90 -17.11 -23.04
C6 PLO F . 0.58 -17.69 -24.28
C7 PLO F . -0.76 -17.62 -24.90
C8 PLO F . -1.57 -16.56 -24.29
C9 PLO F . -1.60 -16.62 -22.79
C10 PLO F . -0.18 -16.31 -22.21
C11 PLO F . -2.63 -15.70 -22.19
C12 PLO F . -4.02 -15.66 -22.81
C13 PLO F . -4.00 -15.80 -24.32
C14 PLO F . -3.06 -16.89 -24.69
C15 PLO F . -3.27 -17.14 -26.15
C16 PLO F . -4.79 -16.76 -26.29
C17 PLO F . -5.27 -16.42 -24.85
C18 PLO F . -3.66 -14.44 -24.98
C19 PLO F . 0.23 -14.85 -22.40
C20 PLO F . -6.58 -15.61 -24.78
C21 PLO F . -7.45 -15.69 -23.52
O20 PLO F . -6.93 -14.92 -25.71
H11 PLO F . -0.53 -15.94 -20.32
H12 PLO F . -0.76 -17.46 -20.69
H21 PLO F . 1.03 -17.53 -19.40
H22 PLO F . 1.62 -16.19 -19.99
H3 PLO F . 1.69 -18.73 -21.21
HO3 PLO F . 3.25 -18.66 -19.83
H41 PLO F . 2.93 -17.74 -23.08
H42 PLO F . 2.74 -16.32 -22.29
H6 PLO F . 1.28 -18.16 -24.76
H71 PLO F . -0.68 -17.57 -25.87
H72 PLO F . -1.21 -18.48 -24.82
H8 PLO F . -1.31 -15.68 -24.60
H9 PLO F . -1.83 -17.53 -22.54
H111 PLO F . -2.26 -14.80 -22.18
H112 PLO F . -2.74 -15.99 -21.26
H121 PLO F . -4.44 -14.81 -22.58
H122 PLO F . -4.55 -16.39 -22.44
H14 PLO F . -3.32 -17.69 -24.21
H151 PLO F . -3.13 -18.07 -26.36
H152 PLO F . -2.71 -16.56 -26.69
H161 PLO F . -5.29 -17.51 -26.63
H162 PLO F . -4.89 -15.99 -26.88
H17 PLO F . -5.52 -17.22 -24.35
H181 PLO F . -2.96 -13.99 -24.46
H182 PLO F . -4.45 -13.89 -25.01
H183 PLO F . -3.33 -14.59 -25.89
H191 PLO F . 1.16 -14.80 -22.68
H192 PLO F . -0.33 -14.44 -23.08
H193 PLO F . 0.13 -14.36 -21.55
H211 PLO F . -8.21 -15.09 -23.62
H212 PLO F . -7.79 -16.61 -23.42
H213 PLO F . -6.92 -15.45 -22.74
CHA HEM G . 14.52 -19.36 24.57
CHB HEM G . 17.10 -16.97 21.29
CHC HEM G . 16.74 -20.70 18.20
CHD HEM G . 14.51 -23.33 21.64
C1A HEM G . 15.17 -18.35 23.91
C2A HEM G . 15.24 -16.97 24.34
C3A HEM G . 15.95 -16.31 23.42
C4A HEM G . 16.36 -17.25 22.42
CMA HEM G . 16.31 -14.80 23.45
CAA HEM G . 14.55 -16.41 25.61
CBA HEM G . 15.45 -15.62 26.56
CGA HEM G . 14.67 -15.37 27.85
O1A HEM G . 15.31 -14.97 28.85
O2A HEM G . 13.43 -15.55 27.90
C1B HEM G . 17.17 -17.76 20.16
C2B HEM G . 17.80 -17.36 18.92
C3B HEM G . 17.70 -18.36 18.03
C4B HEM G . 17.01 -19.46 18.71
CMB HEM G . 18.44 -15.99 18.63
CAB HEM G . 18.28 -18.23 16.61
CBB HEM G . 17.86 -18.98 15.60
C1C HEM G . 16.20 -21.78 18.89
C2C HEM G . 16.11 -23.13 18.40
C3C HEM G . 15.47 -23.87 19.30
C4C HEM G . 15.14 -23.02 20.44
CMC HEM G . 16.65 -23.61 17.04
CAC HEM G . 15.24 -25.39 19.09
CBC HEM G . 14.49 -26.11 19.91
C1D HEM G . 14.26 -22.48 22.71
C2D HEM G . 13.44 -22.81 23.85
C3D HEM G . 13.45 -21.58 24.77
C4D HEM G . 14.27 -20.62 24.07
CMD HEM G . 12.70 -24.12 24.13
CAD HEM G . 12.72 -21.39 26.12
CBD HEM G . 13.76 -21.35 27.26
CGD HEM G . 13.10 -21.41 28.63
O1D HEM G . 13.74 -21.97 29.56
O2D HEM G . 11.95 -20.93 28.79
NA HEM G . 15.87 -18.49 22.75
NB HEM G . 16.71 -19.07 20.01
NC HEM G . 15.61 -21.76 20.12
ND HEM G . 14.72 -21.17 22.87
FE HEM G . 15.82 -20.24 21.54
HHB HEM G . 17.68 -16.18 21.33
HHC HEM G . 16.95 -20.85 17.26
HHD HEM G . 14.19 -24.24 21.73
HMA HEM G . 15.49 -14.28 23.46
HMAA HEM G . 16.84 -14.58 22.65
HMAB HEM G . 16.83 -14.61 24.26
HAA HEM G . 14.18 -17.16 26.10
HAAA HEM G . 13.83 -15.83 25.33
HBA HEM G . 15.69 -14.78 26.15
HBAA HEM G . 16.25 -16.14 26.76
HMB HEM G . 17.77 -15.29 18.75
HMBA HEM G . 18.78 -15.97 17.73
HMBB HEM G . 19.17 -15.84 19.26
HAB HEM G . 18.98 -17.59 16.45
HBB HEM G . 18.26 -18.88 14.72
HBBA HEM G . 17.16 -19.65 15.74
HMC HEM G . 16.20 -23.12 16.33
HMCA HEM G . 16.47 -24.56 16.94
HMCB HEM G . 17.60 -23.45 16.99
HAC HEM G . 15.64 -25.82 18.33
HBC HEM G . 14.35 -27.06 19.74
HBCA HEM G . 14.07 -25.70 20.68
HMD HEM G . 12.22 -24.06 24.98
HMDA HEM G . 13.34 -24.86 24.16
HMDB HEM G . 12.05 -24.28 23.41
HAD HEM G . 12.11 -22.13 26.27
HADA HEM G . 12.23 -20.56 26.11
HBD HEM G . 14.27 -20.54 27.19
HBDA HEM G . 14.35 -22.12 27.16
HHA HEM G . 14.22 -19.18 25.48
C1 PLO H . 6.32 -19.96 16.80
C2 PLO H . 5.03 -20.38 16.19
C3 PLO H . 4.59 -21.71 16.69
O3 PLO H . 3.47 -22.12 15.98
C4 PLO H . 4.20 -21.67 18.20
C5 PLO H . 5.54 -21.11 18.84
C6 PLO H . 6.06 -21.72 19.98
C7 PLO H . 7.28 -21.32 20.68
C8 PLO H . 7.71 -19.97 20.29
C9 PLO H . 7.67 -19.71 18.81
C10 PLO H . 6.23 -19.83 18.22
C11 PLO H . 8.23 -18.34 18.59
C12 PLO H . 9.71 -18.26 18.92
C13 PLO H . 9.85 -18.53 20.40
C14 PLO H . 9.25 -19.87 20.66
C15 PLO H . 9.56 -20.10 22.09
C16 PLO H . 11.04 -19.53 22.15
C17 PLO H . 11.29 -18.77 20.81
C18 PLO H . 9.24 -17.38 21.25
C19 PLO H . 5.35 -18.63 18.63
C20 PLO H . 12.20 -17.54 20.95
C21 PLO H . 12.95 -16.96 19.75
O20 PLO H . 12.36 -17.02 22.03
H11 PLO H . 6.99 -20.64 16.60
H12 PLO H . 6.61 -19.11 16.41
H21 PLO H . 4.34 -19.72 16.41
H22 PLO H . 5.13 -20.41 15.21
H3 PLO H . 5.32 -22.36 16.56
HO3 PLO H . 3.71 -22.65 15.31
H41 PLO H . 3.97 -22.52 18.61
H42 PLO H . 3.50 -21.00 18.26
H6 PLO H . 5.58 -22.50 20.31
H71 PLO H . 7.96 -22.00 20.57
H72 PLO H . 7.15 -21.37 21.65
H8 PLO H . 7.19 -19.31 20.78
H9 PLO H . 8.24 -20.36 18.37
H111 PLO H . 8.10 -18.10 17.65
H112 PLO H . 7.75 -17.71 19.15
H121 PLO H . 10.06 -17.38 18.71
H122 PLO H . 10.20 -18.95 18.42
H14 PLO H . 9.73 -20.53 20.14
H151 PLO H . 9.55 -21.05 22.32
H152 PLO H . 8.97 -19.59 22.68
H161 PLO H . 11.12 -18.92 22.90
H162 PLO H . 11.67 -20.26 22.25
H17 PLO H . 11.78 -19.31 20.16
H181 PLO H . 9.73 -17.30 22.09
H182 PLO H . 8.30 -17.59 21.44
H183 PLO H . 9.29 -16.55 20.75
H191 PLO H . 5.55 -17.87 18.03
H192 PLO H . 4.41 -18.87 18.55
H193 PLO H . 5.56 -18.38 19.55
H211 PLO H . 12.31 -16.73 19.05
H212 PLO H . 13.43 -16.15 20.03
H213 PLO H . 13.59 -17.61 19.41
CHA HEM I . -22.24 17.68 13.41
CHB HEM I . -25.70 15.42 15.83
CHC HEM I . -28.35 14.94 11.78
CHD HEM I . -24.90 17.29 9.32
C1A HEM I . -22.92 17.04 14.43
C2A HEM I . -22.42 16.76 15.75
C3A HEM I . -23.39 16.12 16.42
C4A HEM I . -24.51 16.01 15.53
CMA HEM I . -23.34 15.60 17.87
CAA HEM I . -21.01 17.08 16.28
CBA HEM I . -20.91 18.43 16.98
CGA HEM I . -19.49 18.60 17.45
O1A HEM I . -19.24 19.25 18.49
O2A HEM I . -18.56 18.08 16.77
C1B HEM I . -26.69 15.09 14.93
C2B HEM I . -27.86 14.37 15.30
C3B HEM I . -28.62 14.20 14.22
C4B HEM I . -27.94 14.85 13.09
CMB HEM I . -28.14 13.89 16.74
CAB HEM I . -29.97 13.47 14.28
CBB HEM I . -30.69 13.19 13.21
C1C HEM I . -27.68 15.61 10.76
C2C HEM I . -28.19 15.91 9.44
C3C HEM I . -27.22 16.56 8.76
C4C HEM I . -26.09 16.70 9.65
CMC HEM I . -29.62 15.50 8.99
CAC HEM I . -27.16 17.15 7.32
CBC HEM I . -28.15 17.17 6.44
C1D HEM I . -23.83 17.53 10.17
C2D HEM I . -22.55 18.04 9.76
C3D HEM I . -21.75 18.16 11.04
C4D HEM I . -22.61 17.73 12.10
CMD HEM I . -22.07 18.39 8.33
CAD HEM I . -20.31 18.64 11.18
CBD HEM I . -20.27 20.18 11.20
CGD HEM I . -18.91 20.65 11.66
O1D HEM I . -18.60 21.86 11.47
O2D HEM I . -18.13 19.80 12.16
NA HEM I . -24.20 16.58 14.32
NB HEM I . -26.75 15.38 13.57
NC HEM I . -26.41 16.11 10.86
ND HEM I . -23.84 17.37 11.55
FE HEM I . -25.42 16.59 12.63
HHB HEM I . -25.91 15.28 16.78
HHC HEM I . -29.21 14.53 11.54
HHD HEM I . -24.79 17.58 8.39
HMA HEM I . -22.62 14.95 17.96
HMAA HEM I . -24.19 15.18 18.09
HMAB HEM I . -23.18 16.36 18.49
HAA HEM I . -20.39 17.08 15.55
HAAA HEM I . -20.75 16.39 16.91
HBA HEM I . -21.52 18.44 17.75
HBAA HEM I . -21.15 19.13 16.36
HMB HEM I . -27.43 13.29 17.03
HMBA HEM I . -28.99 13.42 16.77
HMBB HEM I . -28.18 14.65 17.34
HAB HEM I . -30.30 13.20 15.15
HBB HEM I . -31.53 12.73 13.30
HBBA HEM I . -30.36 13.46 12.34
HMC HEM I . -29.71 14.53 9.04
HMCA HEM I . -29.76 15.79 8.08
HMCB HEM I . -30.26 15.93 9.57
HAC HEM I . -26.32 17.53 7.04
HBC HEM I . -28.02 17.55 5.56
HBCA HEM I . -29.01 16.79 6.68
HMD HEM I . -21.15 18.72 8.37
HMDA HEM I . -22.65 19.09 7.96
HMDB HEM I . -22.12 17.59 7.77
HAD HEM I . -19.78 18.32 10.43
HADA HEM I . -19.93 18.30 12.01
HBD HEM I . -20.95 20.50 11.82
HBDA HEM I . -20.46 20.51 10.31
HHA HEM I . -21.40 18.12 13.66
C1 PLO J . -21.53 7.76 8.34
C2 PLO J . -21.14 6.85 7.20
C3 PLO J . -20.80 7.61 5.97
O3 PLO J . -20.71 6.72 4.90
C4 PLO J . -19.46 8.38 6.16
C5 PLO J . -19.91 9.36 7.34
C6 PLO J . -19.73 10.73 7.19
C7 PLO J . -20.09 11.75 8.19
C8 PLO J . -20.33 11.13 9.50
C9 PLO J . -21.22 9.91 9.45
C10 PLO J . -20.55 8.75 8.64
C11 PLO J . -21.57 9.49 10.84
C12 PLO J . -22.31 10.53 11.68
C13 PLO J . -21.48 11.80 11.71
C14 PLO J . -21.19 12.19 10.30
C15 PLO J . -20.53 13.52 10.40
C16 PLO J . -21.41 14.17 11.53
C17 PLO J . -22.23 13.02 12.20
C18 PLO J . -20.24 11.53 12.60
C19 PLO J . -19.39 8.06 9.42
C20 PLO J . -22.37 13.20 13.71
C21 PLO J . -23.49 12.48 14.47
O20 PLO J . -21.59 13.91 14.32
H11 PLO J . -21.66 7.21 9.14
H12 PLO J . -22.37 8.19 8.12
H21 PLO J . -21.90 6.27 7.00
H22 PLO J . -20.39 6.30 7.48
H3 PLO J . -21.51 8.25 5.78
HO3 PLO J . -21.26 6.97 4.26
H41 PLO J . -18.66 7.87 6.42
H42 PLO J . -19.33 8.89 5.33
H6 PLO J . -19.32 11.05 6.36
H71 PLO J . -19.43 12.47 8.21
H72 PLO J . -20.87 12.26 7.91
H8 PLO J . -19.50 10.93 9.96
H9 PLO J . -22.04 10.17 8.99
H111 PLO J . -20.76 9.22 11.31
H112 PLO J . -22.16 8.71 10.77
H121 PLO J . -22.44 10.19 12.59
H122 PLO J . -23.17 10.72 11.28
H14 PLO J . -22.03 12.30 9.84
H151 PLO J . -20.61 14.02 9.56
H152 PLO J . -19.60 13.45 10.68
H161 PLO J . -20.84 14.60 12.19
H162 PLO J . -22.01 14.84 11.14
H17 PLO J . -23.17 13.02 11.91
H181 PLO J . -20.51 11.17 13.45
H182 PLO J . -19.76 12.38 12.73
H183 PLO J . -19.64 10.90 12.15
H191 PLO J . -19.76 7.48 10.11
H192 PLO J . -18.86 7.52 8.80
H193 PLO J . -18.83 8.74 9.83
H211 PLO J . -23.39 12.65 15.43
H212 PLO J . -23.44 11.52 14.30
H213 PLO J . -24.35 12.82 14.17
CHA HEM K . 14.98 26.24 -8.70
CHB HEM K . 18.89 25.97 -11.47
CHC HEM K . 21.56 25.16 -7.55
CHD HEM K . 17.74 26.09 -4.66
C1A HEM K . 15.79 26.18 -9.80
C2A HEM K . 15.35 26.19 -11.18
C3A HEM K . 16.44 26.11 -11.95
C4A HEM K . 17.59 26.07 -11.08
CMA HEM K . 16.53 26.08 -13.50
CAA HEM K . 13.87 26.22 -11.62
CBA HEM K . 13.48 27.43 -12.45
CGA HEM K . 12.03 27.30 -12.85
O1A HEM K . 11.58 28.09 -13.73
O2A HEM K . 11.30 26.43 -12.31
C1B HEM K . 19.95 25.67 -10.66
C2B HEM K . 21.30 25.42 -11.11
C3B HEM K . 22.06 25.18 -10.04
C4B HEM K . 21.20 25.29 -8.87
CMB HEM K . 21.76 25.41 -12.58
CAB HEM K . 23.57 24.87 -10.18
CBB HEM K . 24.32 24.44 -9.18
C1C HEM K . 20.77 25.44 -6.43
C2C HEM K . 21.27 25.55 -5.08
C3C HEM K . 20.25 25.80 -4.25
C4C HEM K . 19.04 25.87 -5.07
CMC HEM K . 22.76 25.38 -4.70
CAC HEM K . 20.44 25.96 -2.72
CBC HEM K . 19.45 26.24 -1.86
C1D HEM K . 16.63 26.11 -5.48
C2D HEM K . 15.25 26.14 -5.02
C3D HEM K . 14.42 26.20 -6.28
C4D HEM K . 15.35 26.20 -7.38
CMD HEM K . 14.71 26.12 -3.58
CAD HEM K . 12.89 26.25 -6.37
CBD HEM K . 12.46 27.72 -6.35
CGD HEM K . 10.96 27.85 -6.59
O1D HEM K . 10.40 28.94 -6.26
O2D HEM K . 10.31 26.88 -7.07
NA HEM K . 17.17 26.12 -9.77
NB HEM K . 19.91 25.58 -9.28
NC HEM K . 19.41 25.64 -6.38
ND HEM K . 16.64 26.16 -6.87
FE HEM K . 18.32 26.08 -8.04
HHB HEM K . 19.10 26.27 -12.38
HHC HEM K . 22.46 24.83 -7.37
HHD HEM K . 17.59 26.22 -3.70
HMA HEM K . 16.04 25.30 -13.84
HMAA HEM K . 17.47 26.02 -13.77
HMAB HEM K . 16.13 26.90 -13.86
HAA HEM K . 13.31 26.21 -10.83
HAAA HEM K . 13.68 25.43 -12.14
HBA HEM K . 14.04 27.47 -13.24
HBAA HEM K . 13.61 28.24 -11.92
HMB HEM K . 21.27 24.71 -13.06
HMBA HEM K . 22.71 25.21 -12.62
HMBB HEM K . 21.58 26.27 -12.99
HAB HEM K . 23.98 24.99 -11.04
HBB HEM K . 25.28 24.26 -9.32
HBBA HEM K . 23.94 24.31 -8.30
HMC HEM K . 23.06 24.50 -4.94
HMCA HEM K . 22.85 25.50 -3.73
HMCB HEM K . 23.29 26.06 -5.15
HAC HEM K . 21.31 25.85 -2.36
HBC HEM K . 19.64 26.34 -0.91
HBCA HEM K . 18.54 26.36 -2.19
HMD HEM K . 13.73 26.14 -3.60
HMDA HEM K . 15.04 26.89 -3.09
HMDB HEM K . 15.00 25.30 -3.13
HAD HEM K . 12.51 25.79 -5.61
HADA HEM K . 12.59 25.83 -7.20
HBD HEM K . 12.93 28.20 -7.04
HBDA HEM K . 12.67 28.09 -5.48
HHA HEM K . 14.01 26.33 -8.88
C1 PLO L . 17.22 15.71 -5.80
C2 PLO L . 17.21 14.57 -4.83
C3 PLO L . 16.79 14.95 -3.44
O3 PLO L . 16.89 13.83 -2.61
C4 PLO L . 15.33 15.46 -3.38
C5 PLO L . 15.39 16.69 -4.39
C6 PLO L . 14.85 17.91 -3.98
C7 PLO L . 14.82 19.13 -4.78
C8 PLO L . 15.20 18.88 -6.17
C9 PLO L . 16.36 17.96 -6.35
C10 PLO L . 16.03 16.51 -5.82
C11 PLO L . 16.80 17.92 -7.80
C12 PLO L . 17.05 19.26 -8.49
C13 PLO L . 15.98 20.28 -8.17
C14 PLO L . 15.72 20.26 -6.70
C15 PLO L . 14.79 21.39 -6.46
C16 PLO L . 15.40 22.46 -7.43
C17 PLO L . 16.43 21.74 -8.34
C18 PLO L . 14.76 19.94 -9.05
C19 PLO L . 14.99 15.80 -6.70
C20 PLO L . 16.50 22.35 -9.74
C21 PLO L . 17.81 22.40 -10.55
O20 PLO L . 15.52 22.84 -10.24
H11 PLO L . 17.32 15.32 -6.70
H12 PLO L . 17.99 16.28 -5.63
H21 PLO L . 18.13 14.23 -4.76
H22 PLO L . 16.63 13.86 -5.15
H3 PLO L . 17.40 15.65 -3.11
HO3 PLO L . 17.69 13.80 -2.26
H41 PLO L . 14.63 14.85 -3.65
H42 PLO L . 15.21 15.80 -2.47
H6 PLO L . 14.47 17.94 -3.08
H71 PLO L . 13.96 19.58 -4.67
H72 PLO L . 15.40 19.82 -4.40
H8 PLO L . 14.43 18.58 -6.69
H9 PLO L . 17.11 18.30 -5.82
H111 PLO L . 16.14 17.42 -8.31
H112 PLO L . 17.64 17.42 -7.81
H121 PLO L . 17.93 19.60 -8.23
H122 PLO L . 17.05 19.11 -9.46
H14 PLO L . 16.56 20.47 -6.24
H151 PLO L . 13.88 21.16 -6.73
H152 PLO L . 14.82 21.68 -5.53
H161 PLO L . 15.86 23.15 -6.90
H162 PLO L . 14.70 22.88 -7.96
H17 PLO L . 17.34 21.87 -8.03
H181 PLO L . 14.50 19.01 -8.89
H182 PLO L . 14.98 20.06 -9.99
H183 PLO L . 14.01 20.53 -8.81
H191 PLO L . 15.42 15.46 -7.51
H192 PLO L . 14.28 16.43 -6.95
H193 PLO L . 14.60 15.06 -6.21
H211 PLO L . 18.16 21.50 -10.65
H212 PLO L . 17.64 22.78 -11.42
H213 PLO L . 18.46 22.96 -10.08
#